data_2WBS
# 
_entry.id   2WBS 
# 
_audit_conform.dict_name       mmcif_pdbx.dic 
_audit_conform.dict_version    5.391 
_audit_conform.dict_location   http://mmcif.pdb.org/dictionaries/ascii/mmcif_pdbx.dic 
# 
loop_
_database_2.database_id 
_database_2.database_code 
_database_2.pdbx_database_accession 
_database_2.pdbx_DOI 
PDB   2WBS         pdb_00002wbs 10.2210/pdb2wbs/pdb 
PDBE  EBI-38944    ?            ?                   
WWPDB D_1290038944 ?            ?                   
# 
loop_
_pdbx_audit_revision_history.ordinal 
_pdbx_audit_revision_history.data_content_type 
_pdbx_audit_revision_history.major_revision 
_pdbx_audit_revision_history.minor_revision 
_pdbx_audit_revision_history.revision_date 
1 'Structure model' 1 0 2010-04-07 
2 'Structure model' 1 1 2011-07-13 
3 'Structure model' 1 2 2011-10-05 
4 'Structure model' 1 3 2024-05-08 
# 
_pdbx_audit_revision_details.ordinal             1 
_pdbx_audit_revision_details.revision_ordinal    1 
_pdbx_audit_revision_details.data_content_type   'Structure model' 
_pdbx_audit_revision_details.provider            repository 
_pdbx_audit_revision_details.type                'Initial release' 
_pdbx_audit_revision_details.description         ? 
_pdbx_audit_revision_details.details             ? 
# 
loop_
_pdbx_audit_revision_group.ordinal 
_pdbx_audit_revision_group.revision_ordinal 
_pdbx_audit_revision_group.data_content_type 
_pdbx_audit_revision_group.group 
1 2 'Structure model' Advisory                    
2 2 'Structure model' 'Version format compliance' 
3 3 'Structure model' 'Database references'       
4 3 'Structure model' 'Source and taxonomy'       
5 4 'Structure model' 'Data collection'           
6 4 'Structure model' 'Database references'       
7 4 'Structure model' 'Derived calculations'      
8 4 'Structure model' Other                       
# 
loop_
_pdbx_audit_revision_category.ordinal 
_pdbx_audit_revision_category.revision_ordinal 
_pdbx_audit_revision_category.data_content_type 
_pdbx_audit_revision_category.category 
1 4 'Structure model' chem_comp_atom         
2 4 'Structure model' chem_comp_bond         
3 4 'Structure model' database_2             
4 4 'Structure model' pdbx_database_status   
5 4 'Structure model' pdbx_struct_conn_angle 
6 4 'Structure model' struct_conn            
7 4 'Structure model' struct_site            
# 
loop_
_pdbx_audit_revision_item.ordinal 
_pdbx_audit_revision_item.revision_ordinal 
_pdbx_audit_revision_item.data_content_type 
_pdbx_audit_revision_item.item 
1  4 'Structure model' '_database_2.pdbx_DOI'                        
2  4 'Structure model' '_database_2.pdbx_database_accession'         
3  4 'Structure model' '_pdbx_database_status.status_code_sf'        
4  4 'Structure model' '_pdbx_struct_conn_angle.ptnr1_auth_comp_id'  
5  4 'Structure model' '_pdbx_struct_conn_angle.ptnr1_auth_seq_id'   
6  4 'Structure model' '_pdbx_struct_conn_angle.ptnr1_label_atom_id' 
7  4 'Structure model' '_pdbx_struct_conn_angle.ptnr1_label_comp_id' 
8  4 'Structure model' '_pdbx_struct_conn_angle.ptnr1_label_seq_id'  
9  4 'Structure model' '_pdbx_struct_conn_angle.ptnr2_auth_seq_id'   
10 4 'Structure model' '_pdbx_struct_conn_angle.ptnr2_label_asym_id' 
11 4 'Structure model' '_pdbx_struct_conn_angle.ptnr3_auth_comp_id'  
12 4 'Structure model' '_pdbx_struct_conn_angle.ptnr3_auth_seq_id'   
13 4 'Structure model' '_pdbx_struct_conn_angle.ptnr3_label_atom_id' 
14 4 'Structure model' '_pdbx_struct_conn_angle.ptnr3_label_comp_id' 
15 4 'Structure model' '_pdbx_struct_conn_angle.ptnr3_label_seq_id'  
16 4 'Structure model' '_pdbx_struct_conn_angle.value'               
17 4 'Structure model' '_struct_conn.pdbx_dist_value'                
18 4 'Structure model' '_struct_conn.ptnr1_auth_comp_id'             
19 4 'Structure model' '_struct_conn.ptnr1_auth_seq_id'              
20 4 'Structure model' '_struct_conn.ptnr1_label_asym_id'            
21 4 'Structure model' '_struct_conn.ptnr1_label_atom_id'            
22 4 'Structure model' '_struct_conn.ptnr1_label_comp_id'            
23 4 'Structure model' '_struct_conn.ptnr1_label_seq_id'             
24 4 'Structure model' '_struct_conn.ptnr2_auth_comp_id'             
25 4 'Structure model' '_struct_conn.ptnr2_auth_seq_id'              
26 4 'Structure model' '_struct_conn.ptnr2_label_asym_id'            
27 4 'Structure model' '_struct_conn.ptnr2_label_atom_id'            
28 4 'Structure model' '_struct_conn.ptnr2_label_comp_id'            
29 4 'Structure model' '_struct_conn.ptnr2_label_seq_id'             
30 4 'Structure model' '_struct_site.pdbx_auth_asym_id'              
31 4 'Structure model' '_struct_site.pdbx_auth_comp_id'              
32 4 'Structure model' '_struct_site.pdbx_auth_seq_id'               
# 
_pdbx_database_status.status_code                     REL 
_pdbx_database_status.entry_id                        2WBS 
_pdbx_database_status.deposit_site                    PDBE 
_pdbx_database_status.process_site                    PDBE 
_pdbx_database_status.SG_entry                        . 
_pdbx_database_status.recvd_initial_deposition_date   2009-03-03 
_pdbx_database_status.pdb_format_compatible           Y 
_pdbx_database_status.status_code_sf                  REL 
_pdbx_database_status.status_code_mr                  ? 
_pdbx_database_status.status_code_cs                  ? 
_pdbx_database_status.methods_development_category    ? 
_pdbx_database_status.status_code_nmr_data            ? 
# 
_pdbx_database_related.db_name        PDB 
_pdbx_database_related.db_id          2WBU 
_pdbx_database_related.content_type   unspecified 
_pdbx_database_related.details        'CRYSTAL STRUCTURE IN COMPLEX WITH DNA' 
# 
loop_
_audit_author.name 
_audit_author.pdbx_ordinal 
'Zocher, G.'     1 
'Schuetz, A.'    2 
'Carstanjen, D.' 3 
'Heinemann, U.'  4 
# 
_citation.id                        primary 
_citation.title                     
'The Structure of the Klf4 DNA-Binding Domain Links to Self-Renewal and Macrophage Differentiation.' 
_citation.journal_abbrev            'Cell.Mol.Life Sci.' 
_citation.journal_volume            68 
_citation.page_first                3121 
_citation.page_last                 ? 
_citation.year                      2011 
_citation.journal_id_ASTM           ? 
_citation.country                   SZ 
_citation.journal_id_ISSN           1420-682X 
_citation.journal_id_CSD            ? 
_citation.book_publisher            ? 
_citation.pdbx_database_id_PubMed   21290164 
_citation.pdbx_database_id_DOI      10.1007/S00018-010-0618-X 
# 
loop_
_citation_author.citation_id 
_citation_author.name 
_citation_author.ordinal 
_citation_author.identifier_ORCID 
primary 'Schuetz, A.'     1 ? 
primary 'Nana, D.'        2 ? 
primary 'Rose, C.'        3 ? 
primary 'Zocher, G.'      4 ? 
primary 'Milanovic, M.'   5 ? 
primary 'Koenigsmann, J.' 6 ? 
primary 'Blasig, R.'      7 ? 
primary 'Heinemann, U.'   8 ? 
primary 'Carstanjen, D.'  9 ? 
# 
loop_
_entity.id 
_entity.type 
_entity.src_method 
_entity.pdbx_description 
_entity.formula_weight 
_entity.pdbx_number_of_molecules 
_entity.pdbx_ec 
_entity.pdbx_mutation 
_entity.pdbx_fragment 
_entity.details 
1 polymer     man 'KRUEPPEL-LIKE FACTOR 4'         10557.985 1   ? ? 'DNA-BINDING DOMAIN, RESIDUES 395-483' ? 
2 polymer     syn "5'-D(*GP*AP*GP*GP*CP*GP*CP)-3'" 2163.436  1   ? ? ?                                      ? 
3 polymer     syn "5'-D(*GP*CP*GP*CP*CP*TP*CP)-3'" 2074.374  1   ? ? ?                                      ? 
4 non-polymer syn 'ZINC ION'                       65.409    3   ? ? ?                                      ? 
5 non-polymer syn GLYCEROL                         92.094    1   ? ? ?                                      ? 
6 water       nat water                            18.015    131 ? ? ?                                      ? 
# 
loop_
_entity_name_com.entity_id 
_entity_name_com.name 
1 'GUT-ENRICHED KRUEPPEL-LIKE FACTOR, EPITHELIAL ZINC FINGER PROTEIN EZF' 
2 'HEPTAMERIC DNA BINDING SEQUENCE OF KLF4'                               
3 'HEPTAMERIC DNA BINDING SEQUENCE OF KLF4'                               
# 
loop_
_entity_poly.entity_id 
_entity_poly.type 
_entity_poly.nstd_linkage 
_entity_poly.nstd_monomer 
_entity_poly.pdbx_seq_one_letter_code 
_entity_poly.pdbx_seq_one_letter_code_can 
_entity_poly.pdbx_strand_id 
_entity_poly.pdbx_target_identifier 
1 'polypeptide(L)'        no no 
;KRTATHTCDYAGCGKTYTKSSHLKAHLRTHTGEKPYHCDWDGCGWKFARSDELTRHYRKHTGHRPFQCQKCDRAFSRSDH
LALHMKRHF
;
;KRTATHTCDYAGCGKTYTKSSHLKAHLRTHTGEKPYHCDWDGCGWKFARSDELTRHYRKHTGHRPFQCQKCDRAFSRSDH
LALHMKRHF
;
A ? 
2 polydeoxyribonucleotide no no '(DG)(DA)(DG)(DG)(DC)(DG)(DC)'                                                               
GAGGCGC                                                                                      F ? 
3 polydeoxyribonucleotide no no '(DG)(DC)(DG)(DC)(DC)(DT)(DC)'                                                               
GCGCCTC                                                                                      G ? 
# 
loop_
_pdbx_entity_nonpoly.entity_id 
_pdbx_entity_nonpoly.name 
_pdbx_entity_nonpoly.comp_id 
4 'ZINC ION' ZN  
5 GLYCEROL   GOL 
6 water      HOH 
# 
loop_
_entity_poly_seq.entity_id 
_entity_poly_seq.num 
_entity_poly_seq.mon_id 
_entity_poly_seq.hetero 
1 1  LYS n 
1 2  ARG n 
1 3  THR n 
1 4  ALA n 
1 5  THR n 
1 6  HIS n 
1 7  THR n 
1 8  CYS n 
1 9  ASP n 
1 10 TYR n 
1 11 ALA n 
1 12 GLY n 
1 13 CYS n 
1 14 GLY n 
1 15 LYS n 
1 16 THR n 
1 17 TYR n 
1 18 THR n 
1 19 LYS n 
1 20 SER n 
1 21 SER n 
1 22 HIS n 
1 23 LEU n 
1 24 LYS n 
1 25 ALA n 
1 26 HIS n 
1 27 LEU n 
1 28 ARG n 
1 29 THR n 
1 30 HIS n 
1 31 THR n 
1 32 GLY n 
1 33 GLU n 
1 34 LYS n 
1 35 PRO n 
1 36 TYR n 
1 37 HIS n 
1 38 CYS n 
1 39 ASP n 
1 40 TRP n 
1 41 ASP n 
1 42 GLY n 
1 43 CYS n 
1 44 GLY n 
1 45 TRP n 
1 46 LYS n 
1 47 PHE n 
1 48 ALA n 
1 49 ARG n 
1 50 SER n 
1 51 ASP n 
1 52 GLU n 
1 53 LEU n 
1 54 THR n 
1 55 ARG n 
1 56 HIS n 
1 57 TYR n 
1 58 ARG n 
1 59 LYS n 
1 60 HIS n 
1 61 THR n 
1 62 GLY n 
1 63 HIS n 
1 64 ARG n 
1 65 PRO n 
1 66 PHE n 
1 67 GLN n 
1 68 CYS n 
1 69 GLN n 
1 70 LYS n 
1 71 CYS n 
1 72 ASP n 
1 73 ARG n 
1 74 ALA n 
1 75 PHE n 
1 76 SER n 
1 77 ARG n 
1 78 SER n 
1 79 ASP n 
1 80 HIS n 
1 81 LEU n 
1 82 ALA n 
1 83 LEU n 
1 84 HIS n 
1 85 MET n 
1 86 LYS n 
1 87 ARG n 
1 88 HIS n 
1 89 PHE n 
2 1  DG  n 
2 2  DA  n 
2 3  DG  n 
2 4  DG  n 
2 5  DC  n 
2 6  DG  n 
2 7  DC  n 
3 1  DG  n 
3 2  DC  n 
3 3  DG  n 
3 4  DC  n 
3 5  DC  n 
3 6  DT  n 
3 7  DC  n 
# 
_entity_src_gen.entity_id                          1 
_entity_src_gen.pdbx_src_id                        1 
_entity_src_gen.pdbx_alt_source_flag               sample 
_entity_src_gen.pdbx_seq_type                      ? 
_entity_src_gen.pdbx_beg_seq_num                   ? 
_entity_src_gen.pdbx_end_seq_num                   ? 
_entity_src_gen.gene_src_common_name               MOUSE 
_entity_src_gen.gene_src_genus                     ? 
_entity_src_gen.pdbx_gene_src_gene                 ? 
_entity_src_gen.gene_src_species                   ? 
_entity_src_gen.gene_src_strain                    C57BL/6 
_entity_src_gen.gene_src_tissue                    ? 
_entity_src_gen.gene_src_tissue_fraction           ? 
_entity_src_gen.gene_src_details                   ? 
_entity_src_gen.pdbx_gene_src_fragment             ? 
_entity_src_gen.pdbx_gene_src_scientific_name      'MUS MUSCULUS' 
_entity_src_gen.pdbx_gene_src_ncbi_taxonomy_id     10090 
_entity_src_gen.pdbx_gene_src_variant              ? 
_entity_src_gen.pdbx_gene_src_cell_line            ? 
_entity_src_gen.pdbx_gene_src_atcc                 ? 
_entity_src_gen.pdbx_gene_src_organ                ? 
_entity_src_gen.pdbx_gene_src_organelle            ? 
_entity_src_gen.pdbx_gene_src_cell                 ? 
_entity_src_gen.pdbx_gene_src_cellular_location    ? 
_entity_src_gen.host_org_common_name               ? 
_entity_src_gen.pdbx_host_org_scientific_name      'ESCHERICHIA COLI' 
_entity_src_gen.pdbx_host_org_ncbi_taxonomy_id     562 
_entity_src_gen.host_org_genus                     ? 
_entity_src_gen.pdbx_host_org_gene                 ? 
_entity_src_gen.pdbx_host_org_organ                ? 
_entity_src_gen.host_org_species                   ? 
_entity_src_gen.pdbx_host_org_tissue               ? 
_entity_src_gen.pdbx_host_org_tissue_fraction      ? 
_entity_src_gen.pdbx_host_org_strain               ? 
_entity_src_gen.pdbx_host_org_variant              ? 
_entity_src_gen.pdbx_host_org_cell_line            ? 
_entity_src_gen.pdbx_host_org_atcc                 ? 
_entity_src_gen.pdbx_host_org_culture_collection   ? 
_entity_src_gen.pdbx_host_org_cell                 ? 
_entity_src_gen.pdbx_host_org_organelle            ? 
_entity_src_gen.pdbx_host_org_cellular_location    ? 
_entity_src_gen.pdbx_host_org_vector_type          ? 
_entity_src_gen.pdbx_host_org_vector               ? 
_entity_src_gen.host_org_details                   ? 
_entity_src_gen.expression_system_id               ? 
_entity_src_gen.plasmid_name                       ? 
_entity_src_gen.plasmid_details                    ? 
_entity_src_gen.pdbx_description                   ? 
# 
loop_
_pdbx_entity_src_syn.entity_id 
_pdbx_entity_src_syn.pdbx_src_id 
_pdbx_entity_src_syn.pdbx_alt_source_flag 
_pdbx_entity_src_syn.pdbx_beg_seq_num 
_pdbx_entity_src_syn.pdbx_end_seq_num 
_pdbx_entity_src_syn.organism_scientific 
_pdbx_entity_src_syn.organism_common_name 
_pdbx_entity_src_syn.ncbi_taxonomy_id 
_pdbx_entity_src_syn.details 
2 1 sample ? ? 'MUS MUSCULUS' 'HOUSE MOUSE' 10090 ? 
3 1 sample ? ? 'MUS MUSCULUS' MOUSE         10090 ? 
# 
loop_
_chem_comp.id 
_chem_comp.type 
_chem_comp.mon_nstd_flag 
_chem_comp.name 
_chem_comp.pdbx_synonyms 
_chem_comp.formula 
_chem_comp.formula_weight 
ALA 'L-peptide linking' y ALANINE                              ?                               'C3 H7 N O2'      89.093  
ARG 'L-peptide linking' y ARGININE                             ?                               'C6 H15 N4 O2 1'  175.209 
ASP 'L-peptide linking' y 'ASPARTIC ACID'                      ?                               'C4 H7 N O4'      133.103 
CYS 'L-peptide linking' y CYSTEINE                             ?                               'C3 H7 N O2 S'    121.158 
DA  'DNA linking'       y "2'-DEOXYADENOSINE-5'-MONOPHOSPHATE" ?                               'C10 H14 N5 O6 P' 331.222 
DC  'DNA linking'       y "2'-DEOXYCYTIDINE-5'-MONOPHOSPHATE"  ?                               'C9 H14 N3 O7 P'  307.197 
DG  'DNA linking'       y "2'-DEOXYGUANOSINE-5'-MONOPHOSPHATE" ?                               'C10 H14 N5 O7 P' 347.221 
DT  'DNA linking'       y "THYMIDINE-5'-MONOPHOSPHATE"         ?                               'C10 H15 N2 O8 P' 322.208 
GLN 'L-peptide linking' y GLUTAMINE                            ?                               'C5 H10 N2 O3'    146.144 
GLU 'L-peptide linking' y 'GLUTAMIC ACID'                      ?                               'C5 H9 N O4'      147.129 
GLY 'peptide linking'   y GLYCINE                              ?                               'C2 H5 N O2'      75.067  
GOL non-polymer         . GLYCEROL                             'GLYCERIN; PROPANE-1,2,3-TRIOL' 'C3 H8 O3'        92.094  
HIS 'L-peptide linking' y HISTIDINE                            ?                               'C6 H10 N3 O2 1'  156.162 
HOH non-polymer         . WATER                                ?                               'H2 O'            18.015  
LEU 'L-peptide linking' y LEUCINE                              ?                               'C6 H13 N O2'     131.173 
LYS 'L-peptide linking' y LYSINE                               ?                               'C6 H15 N2 O2 1'  147.195 
MET 'L-peptide linking' y METHIONINE                           ?                               'C5 H11 N O2 S'   149.211 
PHE 'L-peptide linking' y PHENYLALANINE                        ?                               'C9 H11 N O2'     165.189 
PRO 'L-peptide linking' y PROLINE                              ?                               'C5 H9 N O2'      115.130 
SER 'L-peptide linking' y SERINE                               ?                               'C3 H7 N O3'      105.093 
THR 'L-peptide linking' y THREONINE                            ?                               'C4 H9 N O3'      119.119 
TRP 'L-peptide linking' y TRYPTOPHAN                           ?                               'C11 H12 N2 O2'   204.225 
TYR 'L-peptide linking' y TYROSINE                             ?                               'C9 H11 N O3'     181.189 
ZN  non-polymer         . 'ZINC ION'                           ?                               'Zn 2'            65.409  
# 
loop_
_pdbx_poly_seq_scheme.asym_id 
_pdbx_poly_seq_scheme.entity_id 
_pdbx_poly_seq_scheme.seq_id 
_pdbx_poly_seq_scheme.mon_id 
_pdbx_poly_seq_scheme.ndb_seq_num 
_pdbx_poly_seq_scheme.pdb_seq_num 
_pdbx_poly_seq_scheme.auth_seq_num 
_pdbx_poly_seq_scheme.pdb_mon_id 
_pdbx_poly_seq_scheme.auth_mon_id 
_pdbx_poly_seq_scheme.pdb_strand_id 
_pdbx_poly_seq_scheme.pdb_ins_code 
_pdbx_poly_seq_scheme.hetero 
A 1 1  LYS 1  395 ?   ?   ?   A . n 
A 1 2  ARG 2  396 ?   ?   ?   A . n 
A 1 3  THR 3  397 397 THR THR A . n 
A 1 4  ALA 4  398 398 ALA ALA A . n 
A 1 5  THR 5  399 399 THR THR A . n 
A 1 6  HIS 6  400 400 HIS HIS A . n 
A 1 7  THR 7  401 401 THR THR A . n 
A 1 8  CYS 8  402 402 CYS CYS A . n 
A 1 9  ASP 9  403 403 ASP ASP A . n 
A 1 10 TYR 10 404 404 TYR TYR A . n 
A 1 11 ALA 11 405 405 ALA ALA A . n 
A 1 12 GLY 12 406 406 GLY GLY A . n 
A 1 13 CYS 13 407 407 CYS CYS A . n 
A 1 14 GLY 14 408 408 GLY GLY A . n 
A 1 15 LYS 15 409 409 LYS LYS A . n 
A 1 16 THR 16 410 410 THR THR A . n 
A 1 17 TYR 17 411 411 TYR TYR A . n 
A 1 18 THR 18 412 412 THR THR A . n 
A 1 19 LYS 19 413 413 LYS LYS A . n 
A 1 20 SER 20 414 414 SER SER A . n 
A 1 21 SER 21 415 415 SER SER A . n 
A 1 22 HIS 22 416 416 HIS HIS A . n 
A 1 23 LEU 23 417 417 LEU LEU A . n 
A 1 24 LYS 24 418 418 LYS LYS A . n 
A 1 25 ALA 25 419 419 ALA ALA A . n 
A 1 26 HIS 26 420 420 HIS HIS A . n 
A 1 27 LEU 27 421 421 LEU LEU A . n 
A 1 28 ARG 28 422 422 ARG ARG A . n 
A 1 29 THR 29 423 423 THR THR A . n 
A 1 30 HIS 30 424 424 HIS HIS A . n 
A 1 31 THR 31 425 425 THR THR A . n 
A 1 32 GLY 32 426 426 GLY GLY A . n 
A 1 33 GLU 33 427 427 GLU GLU A . n 
A 1 34 LYS 34 428 428 LYS LYS A . n 
A 1 35 PRO 35 429 429 PRO PRO A . n 
A 1 36 TYR 36 430 430 TYR TYR A . n 
A 1 37 HIS 37 431 431 HIS HIS A . n 
A 1 38 CYS 38 432 432 CYS CYS A . n 
A 1 39 ASP 39 433 433 ASP ASP A . n 
A 1 40 TRP 40 434 434 TRP TRP A . n 
A 1 41 ASP 41 435 435 ASP ASP A . n 
A 1 42 GLY 42 436 436 GLY GLY A . n 
A 1 43 CYS 43 437 437 CYS CYS A . n 
A 1 44 GLY 44 438 438 GLY GLY A . n 
A 1 45 TRP 45 439 439 TRP TRP A . n 
A 1 46 LYS 46 440 440 LYS LYS A . n 
A 1 47 PHE 47 441 441 PHE PHE A . n 
A 1 48 ALA 48 442 442 ALA ALA A . n 
A 1 49 ARG 49 443 443 ARG ARG A . n 
A 1 50 SER 50 444 444 SER SER A . n 
A 1 51 ASP 51 445 445 ASP ASP A . n 
A 1 52 GLU 52 446 446 GLU GLU A . n 
A 1 53 LEU 53 447 447 LEU LEU A . n 
A 1 54 THR 54 448 448 THR THR A . n 
A 1 55 ARG 55 449 449 ARG ARG A . n 
A 1 56 HIS 56 450 450 HIS HIS A . n 
A 1 57 TYR 57 451 451 TYR TYR A . n 
A 1 58 ARG 58 452 452 ARG ARG A . n 
A 1 59 LYS 59 453 453 LYS LYS A . n 
A 1 60 HIS 60 454 454 HIS HIS A . n 
A 1 61 THR 61 455 455 THR THR A . n 
A 1 62 GLY 62 456 456 GLY GLY A . n 
A 1 63 HIS 63 457 457 HIS HIS A . n 
A 1 64 ARG 64 458 458 ARG ARG A . n 
A 1 65 PRO 65 459 459 PRO PRO A . n 
A 1 66 PHE 66 460 460 PHE PHE A . n 
A 1 67 GLN 67 461 461 GLN GLN A . n 
A 1 68 CYS 68 462 462 CYS CYS A . n 
A 1 69 GLN 69 463 463 GLN GLN A . n 
A 1 70 LYS 70 464 464 LYS LYS A . n 
A 1 71 CYS 71 465 465 CYS CYS A . n 
A 1 72 ASP 72 466 466 ASP ASP A . n 
A 1 73 ARG 73 467 467 ARG ARG A . n 
A 1 74 ALA 74 468 468 ALA ALA A . n 
A 1 75 PHE 75 469 469 PHE PHE A . n 
A 1 76 SER 76 470 470 SER SER A . n 
A 1 77 ARG 77 471 471 ARG ARG A . n 
A 1 78 SER 78 472 472 SER SER A . n 
A 1 79 ASP 79 473 473 ASP ASP A . n 
A 1 80 HIS 80 474 474 HIS HIS A . n 
A 1 81 LEU 81 475 475 LEU LEU A . n 
A 1 82 ALA 82 476 476 ALA ALA A . n 
A 1 83 LEU 83 477 477 LEU LEU A . n 
A 1 84 HIS 84 478 478 HIS HIS A . n 
A 1 85 MET 85 479 479 MET MET A . n 
A 1 86 LYS 86 480 480 LYS LYS A . n 
A 1 87 ARG 87 481 481 ARG ARG A . n 
A 1 88 HIS 88 482 482 HIS HIS A . n 
A 1 89 PHE 89 483 483 PHE PHE A . n 
B 2 1  DG  1  1   1   DG  DG  F . n 
B 2 2  DA  2  2   2   DA  DA  F . n 
B 2 3  DG  3  3   3   DG  DG  F . n 
B 2 4  DG  4  4   4   DG  DG  F . n 
B 2 5  DC  5  5   5   DC  DC  F . n 
B 2 6  DG  6  6   6   DG  DG  F . n 
B 2 7  DC  7  7   7   DC  DC  F . n 
C 3 1  DG  1  1   1   DG  DG  G . n 
C 3 2  DC  2  2   2   DC  DC  G . n 
C 3 3  DG  3  3   3   DG  DG  G . n 
C 3 4  DC  4  4   4   DC  DC  G . n 
C 3 5  DC  5  5   5   DC  DC  G . n 
C 3 6  DT  6  6   6   DT  DT  G . n 
C 3 7  DC  7  7   7   DC  DC  G . n 
# 
loop_
_pdbx_nonpoly_scheme.asym_id 
_pdbx_nonpoly_scheme.entity_id 
_pdbx_nonpoly_scheme.mon_id 
_pdbx_nonpoly_scheme.ndb_seq_num 
_pdbx_nonpoly_scheme.pdb_seq_num 
_pdbx_nonpoly_scheme.auth_seq_num 
_pdbx_nonpoly_scheme.pdb_mon_id 
_pdbx_nonpoly_scheme.auth_mon_id 
_pdbx_nonpoly_scheme.pdb_strand_id 
_pdbx_nonpoly_scheme.pdb_ins_code 
D 4 ZN  1  1484 1484 ZN  ZN  A . 
E 4 ZN  1  1485 1485 ZN  ZN  A . 
F 4 ZN  1  1486 1486 ZN  ZN  A . 
G 5 GOL 1  1487 1487 GOL GOL A . 
H 6 HOH 1  2001 2001 HOH HOH A . 
H 6 HOH 2  2002 2002 HOH HOH A . 
H 6 HOH 3  2003 2003 HOH HOH A . 
H 6 HOH 4  2004 2004 HOH HOH A . 
H 6 HOH 5  2005 2005 HOH HOH A . 
H 6 HOH 6  2006 2006 HOH HOH A . 
H 6 HOH 7  2007 2007 HOH HOH A . 
H 6 HOH 8  2008 2008 HOH HOH A . 
H 6 HOH 9  2009 2009 HOH HOH A . 
H 6 HOH 10 2010 2010 HOH HOH A . 
H 6 HOH 11 2011 2011 HOH HOH A . 
H 6 HOH 12 2012 2012 HOH HOH A . 
H 6 HOH 13 2013 2013 HOH HOH A . 
H 6 HOH 14 2014 2014 HOH HOH A . 
H 6 HOH 15 2015 2015 HOH HOH A . 
H 6 HOH 16 2016 2016 HOH HOH A . 
H 6 HOH 17 2017 2017 HOH HOH A . 
H 6 HOH 18 2018 2018 HOH HOH A . 
H 6 HOH 19 2019 2019 HOH HOH A . 
H 6 HOH 20 2020 2020 HOH HOH A . 
H 6 HOH 21 2021 2021 HOH HOH A . 
H 6 HOH 22 2022 2022 HOH HOH A . 
H 6 HOH 23 2023 2023 HOH HOH A . 
H 6 HOH 24 2024 2024 HOH HOH A . 
H 6 HOH 25 2025 2025 HOH HOH A . 
H 6 HOH 26 2026 2026 HOH HOH A . 
H 6 HOH 27 2027 2027 HOH HOH A . 
H 6 HOH 28 2028 2028 HOH HOH A . 
H 6 HOH 29 2029 2029 HOH HOH A . 
H 6 HOH 30 2030 2030 HOH HOH A . 
H 6 HOH 31 2031 2031 HOH HOH A . 
H 6 HOH 32 2032 2032 HOH HOH A . 
H 6 HOH 33 2033 2033 HOH HOH A . 
H 6 HOH 34 2034 2034 HOH HOH A . 
H 6 HOH 35 2035 2035 HOH HOH A . 
H 6 HOH 36 2036 2036 HOH HOH A . 
H 6 HOH 37 2037 2037 HOH HOH A . 
H 6 HOH 38 2038 2038 HOH HOH A . 
H 6 HOH 39 2039 2039 HOH HOH A . 
H 6 HOH 40 2040 2040 HOH HOH A . 
H 6 HOH 41 2041 2041 HOH HOH A . 
H 6 HOH 42 2042 2042 HOH HOH A . 
H 6 HOH 43 2043 2043 HOH HOH A . 
H 6 HOH 44 2044 2044 HOH HOH A . 
H 6 HOH 45 2045 2045 HOH HOH A . 
H 6 HOH 46 2046 2046 HOH HOH A . 
H 6 HOH 47 2047 2047 HOH HOH A . 
H 6 HOH 48 2048 2048 HOH HOH A . 
H 6 HOH 49 2049 2049 HOH HOH A . 
H 6 HOH 50 2050 2050 HOH HOH A . 
H 6 HOH 51 2051 2051 HOH HOH A . 
H 6 HOH 52 2052 2052 HOH HOH A . 
H 6 HOH 53 2053 2053 HOH HOH A . 
H 6 HOH 54 2054 2054 HOH HOH A . 
H 6 HOH 55 2055 2055 HOH HOH A . 
H 6 HOH 56 2056 2056 HOH HOH A . 
H 6 HOH 57 2057 2057 HOH HOH A . 
H 6 HOH 58 2058 2058 HOH HOH A . 
H 6 HOH 59 2059 2059 HOH HOH A . 
H 6 HOH 60 2060 2060 HOH HOH A . 
H 6 HOH 61 2061 2061 HOH HOH A . 
H 6 HOH 62 2062 2062 HOH HOH A . 
H 6 HOH 63 2063 2063 HOH HOH A . 
H 6 HOH 64 2064 2064 HOH HOH A . 
H 6 HOH 65 2065 2065 HOH HOH A . 
H 6 HOH 66 2066 2066 HOH HOH A . 
H 6 HOH 67 2067 2067 HOH HOH A . 
H 6 HOH 68 2068 2068 HOH HOH A . 
H 6 HOH 69 2069 2069 HOH HOH A . 
H 6 HOH 70 2070 2070 HOH HOH A . 
H 6 HOH 71 2071 2071 HOH HOH A . 
H 6 HOH 72 2072 2072 HOH HOH A . 
H 6 HOH 73 2073 2073 HOH HOH A . 
H 6 HOH 74 2074 2074 HOH HOH A . 
H 6 HOH 75 2075 2075 HOH HOH A . 
H 6 HOH 76 2076 2076 HOH HOH A . 
H 6 HOH 77 2077 2077 HOH HOH A . 
H 6 HOH 78 2078 2078 HOH HOH A . 
H 6 HOH 79 2079 2079 HOH HOH A . 
I 6 HOH 1  2001 2001 HOH HOH F . 
I 6 HOH 2  2002 2002 HOH HOH F . 
I 6 HOH 3  2003 2003 HOH HOH F . 
I 6 HOH 4  2004 2004 HOH HOH F . 
I 6 HOH 5  2005 2005 HOH HOH F . 
I 6 HOH 6  2006 2006 HOH HOH F . 
I 6 HOH 7  2007 2007 HOH HOH F . 
I 6 HOH 8  2008 2008 HOH HOH F . 
I 6 HOH 9  2009 2009 HOH HOH F . 
I 6 HOH 10 2010 2010 HOH HOH F . 
I 6 HOH 11 2011 2011 HOH HOH F . 
I 6 HOH 12 2012 2012 HOH HOH F . 
I 6 HOH 13 2013 2013 HOH HOH F . 
I 6 HOH 14 2014 2014 HOH HOH F . 
I 6 HOH 15 2015 2015 HOH HOH F . 
I 6 HOH 16 2016 2016 HOH HOH F . 
I 6 HOH 17 2017 2017 HOH HOH F . 
I 6 HOH 18 2018 2018 HOH HOH F . 
I 6 HOH 19 2019 2019 HOH HOH F . 
I 6 HOH 20 2020 2020 HOH HOH F . 
I 6 HOH 21 2021 2021 HOH HOH F . 
I 6 HOH 22 2022 2022 HOH HOH F . 
I 6 HOH 23 2023 2023 HOH HOH F . 
I 6 HOH 24 2024 2024 HOH HOH F . 
I 6 HOH 25 2025 2025 HOH HOH F . 
I 6 HOH 26 2026 2026 HOH HOH F . 
J 6 HOH 1  2001 2001 HOH HOH G . 
J 6 HOH 2  2002 2002 HOH HOH G . 
J 6 HOH 3  2003 2003 HOH HOH G . 
J 6 HOH 4  2004 2004 HOH HOH G . 
J 6 HOH 5  2005 2005 HOH HOH G . 
J 6 HOH 6  2006 2006 HOH HOH G . 
J 6 HOH 7  2007 2007 HOH HOH G . 
J 6 HOH 8  2008 2008 HOH HOH G . 
J 6 HOH 9  2009 2009 HOH HOH G . 
J 6 HOH 10 2010 2010 HOH HOH G . 
J 6 HOH 11 2011 2011 HOH HOH G . 
J 6 HOH 12 2012 2012 HOH HOH G . 
J 6 HOH 13 2013 2013 HOH HOH G . 
J 6 HOH 14 2014 2014 HOH HOH G . 
J 6 HOH 15 2015 2015 HOH HOH G . 
J 6 HOH 16 2016 2016 HOH HOH G . 
J 6 HOH 17 2017 2017 HOH HOH G . 
J 6 HOH 18 2018 2018 HOH HOH G . 
J 6 HOH 19 2019 2019 HOH HOH G . 
J 6 HOH 20 2020 2020 HOH HOH G . 
J 6 HOH 21 2021 2021 HOH HOH G . 
J 6 HOH 22 2022 2022 HOH HOH G . 
J 6 HOH 23 2023 2023 HOH HOH G . 
J 6 HOH 24 2024 2024 HOH HOH G . 
J 6 HOH 25 2025 2025 HOH HOH G . 
J 6 HOH 26 2026 2026 HOH HOH G . 
# 
loop_
_pdbx_unobs_or_zero_occ_atoms.id 
_pdbx_unobs_or_zero_occ_atoms.PDB_model_num 
_pdbx_unobs_or_zero_occ_atoms.polymer_flag 
_pdbx_unobs_or_zero_occ_atoms.occupancy_flag 
_pdbx_unobs_or_zero_occ_atoms.auth_asym_id 
_pdbx_unobs_or_zero_occ_atoms.auth_comp_id 
_pdbx_unobs_or_zero_occ_atoms.auth_seq_id 
_pdbx_unobs_or_zero_occ_atoms.PDB_ins_code 
_pdbx_unobs_or_zero_occ_atoms.auth_atom_id 
_pdbx_unobs_or_zero_occ_atoms.label_alt_id 
_pdbx_unobs_or_zero_occ_atoms.label_asym_id 
_pdbx_unobs_or_zero_occ_atoms.label_comp_id 
_pdbx_unobs_or_zero_occ_atoms.label_seq_id 
_pdbx_unobs_or_zero_occ_atoms.label_atom_id 
1 1 Y 1 A LYS 440 ? CG ? A LYS 46 CG 
2 1 Y 1 A LYS 440 ? CD ? A LYS 46 CD 
3 1 Y 1 A LYS 440 ? CE ? A LYS 46 CE 
4 1 Y 1 A LYS 440 ? NZ ? A LYS 46 NZ 
# 
loop_
_software.name 
_software.classification 
_software.version 
_software.citation_id 
_software.pdbx_ordinal 
REFMAC refinement       5.5.0082             ? 1 
XDS    'data reduction' .                    ? 2 
XSCALE 'data scaling'   .                    ? 3 
SHELX  phasing          'SHARP REFMAC5 COOT' ? 4 
# 
_cell.entry_id           2WBS 
_cell.length_a           41.000 
_cell.length_b           45.970 
_cell.length_c           73.910 
_cell.angle_alpha        90.00 
_cell.angle_beta         90.00 
_cell.angle_gamma        90.00 
_cell.Z_PDB              4 
_cell.pdbx_unique_axis   ? 
# 
_symmetry.entry_id                         2WBS 
_symmetry.space_group_name_H-M             'P 21 21 21' 
_symmetry.pdbx_full_space_group_name_H-M   ? 
_symmetry.cell_setting                     ? 
_symmetry.Int_Tables_number                19 
# 
_exptl.entry_id          2WBS 
_exptl.method            'X-RAY DIFFRACTION' 
_exptl.crystals_number   2 
# 
_exptl_crystal.id                    1 
_exptl_crystal.density_meas          ? 
_exptl_crystal.density_Matthews      2.32 
_exptl_crystal.density_percent_sol   47 
_exptl_crystal.description           NONE 
# 
_exptl_crystal_grow.crystal_id      1 
_exptl_crystal_grow.method          ? 
_exptl_crystal_grow.temp            ? 
_exptl_crystal_grow.temp_details    ? 
_exptl_crystal_grow.pH              7.5 
_exptl_crystal_grow.pdbx_pH_range   ? 
_exptl_crystal_grow.pdbx_details    'pH 7.5' 
# 
_diffrn.id                     1 
_diffrn.ambient_temp           100 
_diffrn.ambient_temp_details   ? 
_diffrn.crystal_id             1 
# 
_diffrn_detector.diffrn_id              1 
_diffrn_detector.detector               CCD 
_diffrn_detector.type                   MARRESEARCH 
_diffrn_detector.pdbx_collection_date   2008-08-18 
_diffrn_detector.details                MIRRORS 
# 
_diffrn_radiation.diffrn_id                        1 
_diffrn_radiation.wavelength_id                    1 
_diffrn_radiation.pdbx_monochromatic_or_laue_m_l   M 
_diffrn_radiation.monochromator                    'SI111 CRYSTAL' 
_diffrn_radiation.pdbx_diffrn_protocol             MAD 
_diffrn_radiation.pdbx_scattering_type             x-ray 
# 
loop_
_diffrn_radiation_wavelength.id 
_diffrn_radiation_wavelength.wavelength 
_diffrn_radiation_wavelength.wt 
1 0.91841 1.0 
2 2.0     1.0 
3 1.28204 1.0 
4 1.28312 1.0 
5 1.16967 1.0 
# 
_diffrn_source.diffrn_id                   1 
_diffrn_source.source                      SYNCHROTRON 
_diffrn_source.type                        'BESSY BEAMLINE 14.2' 
_diffrn_source.pdbx_synchrotron_site       BESSY 
_diffrn_source.pdbx_synchrotron_beamline   14.2 
_diffrn_source.pdbx_wavelength             ? 
_diffrn_source.pdbx_wavelength_list        '0.91841, 2.0, 1.28204, 1.28312, 1.16967' 
# 
_reflns.pdbx_diffrn_id               1 
_reflns.pdbx_ordinal                 1 
_reflns.entry_id                     2WBS 
_reflns.observed_criterion_sigma_I   2.7 
_reflns.observed_criterion_sigma_F   ? 
_reflns.d_resolution_low             29.00 
_reflns.d_resolution_high            1.70 
_reflns.number_obs                   15421 
_reflns.number_all                   ? 
_reflns.percent_possible_obs         97.5 
_reflns.pdbx_Rmerge_I_obs            0.08 
_reflns.pdbx_Rsym_value              ? 
_reflns.pdbx_netI_over_sigmaI        12.20 
_reflns.B_iso_Wilson_estimate        ? 
_reflns.pdbx_redundancy              4.4 
# 
_reflns_shell.pdbx_diffrn_id         1 
_reflns_shell.pdbx_ordinal           1 
_reflns_shell.d_res_high             1.70 
_reflns_shell.d_res_low              1.75 
_reflns_shell.percent_possible_all   98.6 
_reflns_shell.Rmerge_I_obs           0.68 
_reflns_shell.pdbx_Rsym_value        ? 
_reflns_shell.meanI_over_sigI_obs    2.70 
_reflns_shell.pdbx_redundancy        4.4 
# 
_refine.pdbx_refine_id                           'X-RAY DIFFRACTION' 
_refine.entry_id                                 2WBS 
_refine.pdbx_diffrn_id                           1 
_refine.pdbx_TLS_residual_ADP_flag               'LIKELY RESIDUAL' 
_refine.ls_number_reflns_obs                     14649 
_refine.ls_number_reflns_all                     ? 
_refine.pdbx_ls_sigma_I                          ? 
_refine.pdbx_ls_sigma_F                          ? 
_refine.pdbx_data_cutoff_high_absF               ? 
_refine.pdbx_data_cutoff_low_absF                ? 
_refine.pdbx_data_cutoff_high_rms_absF           ? 
_refine.ls_d_res_low                             25.00 
_refine.ls_d_res_high                            1.70 
_refine.ls_percent_reflns_obs                    97.5 
_refine.ls_R_factor_obs                          0.202 
_refine.ls_R_factor_all                          ? 
_refine.ls_R_factor_R_work                       0.200 
_refine.ls_R_factor_R_free                       0.232 
_refine.ls_R_factor_R_free_error                 ? 
_refine.ls_R_factor_R_free_error_details         ? 
_refine.ls_percent_reflns_R_free                 5.000 
_refine.ls_number_reflns_R_free                  770 
_refine.ls_number_parameters                     ? 
_refine.ls_number_restraints                     ? 
_refine.occupancy_min                            ? 
_refine.occupancy_max                            ? 
_refine.correlation_coeff_Fo_to_Fc               0.960 
_refine.correlation_coeff_Fo_to_Fc_free          0.936 
_refine.B_iso_mean                               17.21 
_refine.aniso_B[1][1]                            -0.84000 
_refine.aniso_B[2][2]                            0.18000 
_refine.aniso_B[3][3]                            0.66000 
_refine.aniso_B[1][2]                            0.00000 
_refine.aniso_B[1][3]                            0.00000 
_refine.aniso_B[2][3]                            -0.00000 
_refine.solvent_model_details                    'BABINET MODEL WITH MASK' 
_refine.solvent_model_param_ksol                 ? 
_refine.solvent_model_param_bsol                 ? 
_refine.pdbx_solvent_vdw_probe_radii             1.40 
_refine.pdbx_solvent_ion_probe_radii             0.80 
_refine.pdbx_solvent_shrinkage_radii             0.80 
_refine.pdbx_ls_cross_valid_method               THROUGHOUT 
_refine.details                                  'HYDROGENS HAVE BEEN ADDED IN THE RIDING POSITIONS.' 
_refine.pdbx_starting_model                      NONE 
_refine.pdbx_method_to_determine_struct          MAD 
_refine.pdbx_isotropic_thermal_model             ? 
_refine.pdbx_stereochemistry_target_values       'MAXIMUM LIKELIHOOD' 
_refine.pdbx_stereochem_target_val_spec_case     ? 
_refine.pdbx_R_Free_selection_details            RANDOM 
_refine.pdbx_overall_ESU_R                       0.118 
_refine.pdbx_overall_ESU_R_Free                  0.113 
_refine.overall_SU_ML                            0.090 
_refine.pdbx_overall_phase_error                 ? 
_refine.overall_SU_B                             5.489 
_refine.overall_SU_R_Cruickshank_DPI             ? 
_refine.pdbx_overall_SU_R_free_Cruickshank_DPI   ? 
_refine.pdbx_overall_SU_R_Blow_DPI               ? 
_refine.pdbx_overall_SU_R_free_Blow_DPI          ? 
# 
_refine_hist.pdbx_refine_id                   'X-RAY DIFFRACTION' 
_refine_hist.cycle_id                         LAST 
_refine_hist.pdbx_number_atoms_protein        716 
_refine_hist.pdbx_number_atoms_nucleic_acid   281 
_refine_hist.pdbx_number_atoms_ligand         9 
_refine_hist.number_atoms_solvent             131 
_refine_hist.number_atoms_total               1137 
_refine_hist.d_res_high                       1.70 
_refine_hist.d_res_low                        25.00 
# 
loop_
_refine_ls_restr.type 
_refine_ls_restr.dev_ideal 
_refine_ls_restr.dev_ideal_target 
_refine_ls_restr.weight 
_refine_ls_restr.number 
_refine_ls_restr.pdbx_refine_id 
_refine_ls_restr.pdbx_restraint_function 
r_bond_refined_d             0.014  0.021  ? 1072 'X-RAY DIFFRACTION' ? 
r_bond_other_d               0.001  0.020  ? 665  'X-RAY DIFFRACTION' ? 
r_angle_refined_deg          1.644  2.243  ? 1502 'X-RAY DIFFRACTION' ? 
r_angle_other_deg            0.969  3.000  ? 1603 'X-RAY DIFFRACTION' ? 
r_dihedral_angle_1_deg       4.681  5.000  ? 90   'X-RAY DIFFRACTION' ? 
r_dihedral_angle_2_deg       35.536 20.976 ? 41   'X-RAY DIFFRACTION' ? 
r_dihedral_angle_3_deg       13.116 15.000 ? 123  'X-RAY DIFFRACTION' ? 
r_dihedral_angle_4_deg       19.510 15.000 ? 8    'X-RAY DIFFRACTION' ? 
r_chiral_restr               0.084  0.200  ? 151  'X-RAY DIFFRACTION' ? 
r_gen_planes_refined         0.007  0.020  ? 1003 'X-RAY DIFFRACTION' ? 
r_gen_planes_other           0.001  0.020  ? 214  'X-RAY DIFFRACTION' ? 
r_nbd_refined                ?      ?      ? ?    'X-RAY DIFFRACTION' ? 
r_nbd_other                  ?      ?      ? ?    'X-RAY DIFFRACTION' ? 
r_nbtor_refined              ?      ?      ? ?    'X-RAY DIFFRACTION' ? 
r_nbtor_other                ?      ?      ? ?    'X-RAY DIFFRACTION' ? 
r_xyhbond_nbd_refined        ?      ?      ? ?    'X-RAY DIFFRACTION' ? 
r_xyhbond_nbd_other          ?      ?      ? ?    'X-RAY DIFFRACTION' ? 
r_metal_ion_refined          ?      ?      ? ?    'X-RAY DIFFRACTION' ? 
r_metal_ion_other            ?      ?      ? ?    'X-RAY DIFFRACTION' ? 
r_symmetry_vdw_refined       ?      ?      ? ?    'X-RAY DIFFRACTION' ? 
r_symmetry_vdw_other         ?      ?      ? ?    'X-RAY DIFFRACTION' ? 
r_symmetry_hbond_refined     ?      ?      ? ?    'X-RAY DIFFRACTION' ? 
r_symmetry_hbond_other       ?      ?      ? ?    'X-RAY DIFFRACTION' ? 
r_symmetry_metal_ion_refined ?      ?      ? ?    'X-RAY DIFFRACTION' ? 
r_symmetry_metal_ion_other   ?      ?      ? ?    'X-RAY DIFFRACTION' ? 
r_mcbond_it                  2.758  6.000  ? 437  'X-RAY DIFFRACTION' ? 
r_mcbond_other               ?      ?      ? ?    'X-RAY DIFFRACTION' ? 
r_mcangle_it                 3.580  7.000  ? 697  'X-RAY DIFFRACTION' ? 
r_mcangle_other              ?      ?      ? ?    'X-RAY DIFFRACTION' ? 
r_scbond_it                  3.516  7.500  ? 635  'X-RAY DIFFRACTION' ? 
r_scbond_other               ?      ?      ? ?    'X-RAY DIFFRACTION' ? 
r_scangle_it                 4.578  7.000  ? 803  'X-RAY DIFFRACTION' ? 
r_scangle_other              ?      ?      ? ?    'X-RAY DIFFRACTION' ? 
r_long_range_B_refined       ?      ?      ? ?    'X-RAY DIFFRACTION' ? 
r_long_range_B_other         ?      ?      ? ?    'X-RAY DIFFRACTION' ? 
r_rigid_bond_restr           ?      ?      ? ?    'X-RAY DIFFRACTION' ? 
r_sphericity_free            ?      ?      ? ?    'X-RAY DIFFRACTION' ? 
r_sphericity_bonded          ?      ?      ? ?    'X-RAY DIFFRACTION' ? 
# 
_refine_ls_shell.pdbx_refine_id                   'X-RAY DIFFRACTION' 
_refine_ls_shell.pdbx_total_number_of_bins_used   20 
_refine_ls_shell.d_res_high                       1.70 
_refine_ls_shell.d_res_low                        1.75 
_refine_ls_shell.number_reflns_R_work             1026 
_refine_ls_shell.R_factor_R_work                  0.2850 
_refine_ls_shell.percent_reflns_obs               98.18 
_refine_ls_shell.R_factor_R_free                  0.3200 
_refine_ls_shell.R_factor_R_free_error            ? 
_refine_ls_shell.percent_reflns_R_free            ? 
_refine_ls_shell.number_reflns_R_free             54 
_refine_ls_shell.number_reflns_all                ? 
_refine_ls_shell.R_factor_all                     ? 
# 
_struct.entry_id                  2WBS 
_struct.title                     'Crystal structure of the zinc finger domain of Klf4 bound to its target DNA' 
_struct.pdbx_model_details        ? 
_struct.pdbx_CASP_flag            ? 
_struct.pdbx_model_type_details   ? 
# 
_struct_keywords.entry_id        2WBS 
_struct_keywords.pdbx_keywords   TRANSCRIPTION/DNA 
_struct_keywords.text            
;TRANSCRIPTION-DNA COMPLEX, DNA-BINDING, TRANSCRIPTION, METAL-BINDING, DNA, PROTEIN, NUCLEUS, ACTIVATOR, ZINC-FINGER, TRANSCRIPTION REGULATION
;
# 
loop_
_struct_asym.id 
_struct_asym.pdbx_blank_PDB_chainid_flag 
_struct_asym.pdbx_modified 
_struct_asym.entity_id 
_struct_asym.details 
A N N 1 ? 
B N N 2 ? 
C N N 3 ? 
D N N 4 ? 
E N N 4 ? 
F N N 4 ? 
G N N 5 ? 
H N N 6 ? 
I N N 6 ? 
J N N 6 ? 
# 
loop_
_struct_ref.id 
_struct_ref.db_name 
_struct_ref.db_code 
_struct_ref.entity_id 
_struct_ref.pdbx_seq_one_letter_code 
_struct_ref.pdbx_align_begin 
_struct_ref.pdbx_db_accession 
_struct_ref.pdbx_db_isoform 
1 UNP KLF4_MOUSE 1 ? ? Q60793 ? 
2 PDB 2WBS       2 ? ? 2WBS   ? 
3 PDB 2WBS       3 ? ? 2WBS   ? 
# 
loop_
_struct_ref_seq.align_id 
_struct_ref_seq.ref_id 
_struct_ref_seq.pdbx_PDB_id_code 
_struct_ref_seq.pdbx_strand_id 
_struct_ref_seq.seq_align_beg 
_struct_ref_seq.pdbx_seq_align_beg_ins_code 
_struct_ref_seq.seq_align_end 
_struct_ref_seq.pdbx_seq_align_end_ins_code 
_struct_ref_seq.pdbx_db_accession 
_struct_ref_seq.db_align_beg 
_struct_ref_seq.pdbx_db_align_beg_ins_code 
_struct_ref_seq.db_align_end 
_struct_ref_seq.pdbx_db_align_end_ins_code 
_struct_ref_seq.pdbx_auth_seq_align_beg 
_struct_ref_seq.pdbx_auth_seq_align_end 
1 1 2WBS A 1 ? 89 ? Q60793 395 ? 483 ? 395 483 
2 2 2WBS F 1 ? 7  ? 2WBS   1   ? 7   ? 1   7   
3 3 2WBS G 1 ? 7  ? 2WBS   1   ? 7   ? 1   7   
# 
_pdbx_struct_assembly.id                   1 
_pdbx_struct_assembly.details              author_and_software_defined_assembly 
_pdbx_struct_assembly.method_details       PISA 
_pdbx_struct_assembly.oligomeric_details   trimeric 
_pdbx_struct_assembly.oligomeric_count     3 
# 
loop_
_pdbx_struct_assembly_prop.biol_id 
_pdbx_struct_assembly_prop.type 
_pdbx_struct_assembly_prop.value 
_pdbx_struct_assembly_prop.details 
1 'ABSA (A^2)' 2260  ? 
1 MORE         -11.0 ? 
1 'SSA (A^2)'  8020  ? 
# 
_pdbx_struct_assembly_gen.assembly_id       1 
_pdbx_struct_assembly_gen.oper_expression   1 
_pdbx_struct_assembly_gen.asym_id_list      A,B,C,D,E,F,G,H,I,J 
# 
_pdbx_struct_oper_list.id                   1 
_pdbx_struct_oper_list.type                 'identity operation' 
_pdbx_struct_oper_list.name                 1_555 
_pdbx_struct_oper_list.symmetry_operation   x,y,z 
_pdbx_struct_oper_list.matrix[1][1]         1.0000000000 
_pdbx_struct_oper_list.matrix[1][2]         0.0000000000 
_pdbx_struct_oper_list.matrix[1][3]         0.0000000000 
_pdbx_struct_oper_list.vector[1]            0.0000000000 
_pdbx_struct_oper_list.matrix[2][1]         0.0000000000 
_pdbx_struct_oper_list.matrix[2][2]         1.0000000000 
_pdbx_struct_oper_list.matrix[2][3]         0.0000000000 
_pdbx_struct_oper_list.vector[2]            0.0000000000 
_pdbx_struct_oper_list.matrix[3][1]         0.0000000000 
_pdbx_struct_oper_list.matrix[3][2]         0.0000000000 
_pdbx_struct_oper_list.matrix[3][3]         1.0000000000 
_pdbx_struct_oper_list.vector[3]            0.0000000000 
# 
_struct_biol.id   1 
# 
loop_
_struct_conf.conf_type_id 
_struct_conf.id 
_struct_conf.pdbx_PDB_helix_id 
_struct_conf.beg_label_comp_id 
_struct_conf.beg_label_asym_id 
_struct_conf.beg_label_seq_id 
_struct_conf.pdbx_beg_PDB_ins_code 
_struct_conf.end_label_comp_id 
_struct_conf.end_label_asym_id 
_struct_conf.end_label_seq_id 
_struct_conf.pdbx_end_PDB_ins_code 
_struct_conf.beg_auth_comp_id 
_struct_conf.beg_auth_asym_id 
_struct_conf.beg_auth_seq_id 
_struct_conf.end_auth_comp_id 
_struct_conf.end_auth_asym_id 
_struct_conf.end_auth_seq_id 
_struct_conf.pdbx_PDB_helix_class 
_struct_conf.details 
_struct_conf.pdbx_PDB_helix_length 
HELX_P HELX_P1 1 LYS A 19 ? ARG A 28 ? LYS A 413 ARG A 422 1 ? 10 
HELX_P HELX_P2 2 ARG A 49 ? GLY A 62 ? ARG A 443 GLY A 456 1 ? 14 
HELX_P HELX_P3 3 ARG A 77 ? MET A 85 ? ARG A 471 MET A 479 1 ? 9  
HELX_P HELX_P4 4 LYS A 86 ? PHE A 89 ? LYS A 480 PHE A 483 5 ? 4  
# 
_struct_conf_type.id          HELX_P 
_struct_conf_type.criteria    ? 
_struct_conf_type.reference   ? 
# 
loop_
_struct_conn.id 
_struct_conn.conn_type_id 
_struct_conn.pdbx_leaving_atom_flag 
_struct_conn.pdbx_PDB_id 
_struct_conn.ptnr1_label_asym_id 
_struct_conn.ptnr1_label_comp_id 
_struct_conn.ptnr1_label_seq_id 
_struct_conn.ptnr1_label_atom_id 
_struct_conn.pdbx_ptnr1_label_alt_id 
_struct_conn.pdbx_ptnr1_PDB_ins_code 
_struct_conn.pdbx_ptnr1_standard_comp_id 
_struct_conn.ptnr1_symmetry 
_struct_conn.ptnr2_label_asym_id 
_struct_conn.ptnr2_label_comp_id 
_struct_conn.ptnr2_label_seq_id 
_struct_conn.ptnr2_label_atom_id 
_struct_conn.pdbx_ptnr2_label_alt_id 
_struct_conn.pdbx_ptnr2_PDB_ins_code 
_struct_conn.ptnr1_auth_asym_id 
_struct_conn.ptnr1_auth_comp_id 
_struct_conn.ptnr1_auth_seq_id 
_struct_conn.ptnr2_auth_asym_id 
_struct_conn.ptnr2_auth_comp_id 
_struct_conn.ptnr2_auth_seq_id 
_struct_conn.ptnr2_symmetry 
_struct_conn.pdbx_ptnr3_label_atom_id 
_struct_conn.pdbx_ptnr3_label_seq_id 
_struct_conn.pdbx_ptnr3_label_comp_id 
_struct_conn.pdbx_ptnr3_label_asym_id 
_struct_conn.pdbx_ptnr3_label_alt_id 
_struct_conn.pdbx_ptnr3_PDB_ins_code 
_struct_conn.details 
_struct_conn.pdbx_dist_value 
_struct_conn.pdbx_value_order 
_struct_conn.pdbx_role 
metalc1  metalc ? ? A CYS 8  SG  ? ? ? 1_555 F ZN . ZN ? ? A CYS 402 A ZN 1486 1_555 ? ? ? ? ? ? ?            2.204 ? ? 
metalc2  metalc ? ? A CYS 13 SG  ? ? ? 1_555 F ZN . ZN ? ? A CYS 407 A ZN 1486 1_555 ? ? ? ? ? ? ?            2.286 ? ? 
metalc3  metalc ? ? A HIS 26 NE2 ? ? ? 1_555 F ZN . ZN ? ? A HIS 420 A ZN 1486 1_555 ? ? ? ? ? ? ?            2.001 ? ? 
metalc4  metalc ? ? A HIS 30 NE2 ? ? ? 1_555 F ZN . ZN ? ? A HIS 424 A ZN 1486 1_555 ? ? ? ? ? ? ?            1.932 ? ? 
metalc5  metalc ? ? A CYS 38 SG  ? ? ? 1_555 D ZN . ZN ? ? A CYS 432 A ZN 1484 1_555 ? ? ? ? ? ? ?            2.205 ? ? 
metalc6  metalc ? ? A CYS 43 SG  ? ? ? 1_555 D ZN . ZN ? ? A CYS 437 A ZN 1484 1_555 ? ? ? ? ? ? ?            2.314 ? ? 
metalc7  metalc ? ? A HIS 56 NE2 ? ? ? 1_555 D ZN . ZN ? ? A HIS 450 A ZN 1484 1_555 ? ? ? ? ? ? ?            2.120 ? ? 
metalc8  metalc ? ? A HIS 60 NE2 ? ? ? 1_555 D ZN . ZN ? ? A HIS 454 A ZN 1484 1_555 ? ? ? ? ? ? ?            1.966 ? ? 
metalc9  metalc ? ? A CYS 68 SG  ? ? ? 1_555 E ZN . ZN ? ? A CYS 462 A ZN 1485 1_555 ? ? ? ? ? ? ?            2.244 ? ? 
metalc10 metalc ? ? A CYS 71 SG  ? ? ? 1_555 E ZN . ZN ? ? A CYS 465 A ZN 1485 1_555 ? ? ? ? ? ? ?            2.331 ? ? 
metalc11 metalc ? ? A HIS 84 NE2 ? ? ? 1_555 E ZN . ZN ? ? A HIS 478 A ZN 1485 1_555 ? ? ? ? ? ? ?            2.032 ? ? 
metalc12 metalc ? ? A HIS 88 NE2 ? ? ? 1_555 E ZN . ZN ? ? A HIS 482 A ZN 1485 1_555 ? ? ? ? ? ? ?            2.103 ? ? 
hydrog1  hydrog ? ? B DG  1  N1  ? ? ? 1_555 C DC 7 N3 ? ? F DG  1   G DC 7    1_555 ? ? ? ? ? ? WATSON-CRICK ?     ? ? 
hydrog2  hydrog ? ? B DG  1  N2  ? ? ? 1_555 C DC 7 O2 ? ? F DG  1   G DC 7    1_555 ? ? ? ? ? ? WATSON-CRICK ?     ? ? 
hydrog3  hydrog ? ? B DG  1  O6  ? ? ? 1_555 C DC 7 N4 ? ? F DG  1   G DC 7    1_555 ? ? ? ? ? ? WATSON-CRICK ?     ? ? 
hydrog4  hydrog ? ? B DA  2  N1  ? ? ? 1_555 C DT 6 N3 ? ? F DA  2   G DT 6    1_555 ? ? ? ? ? ? WATSON-CRICK ?     ? ? 
hydrog5  hydrog ? ? B DA  2  N6  ? ? ? 1_555 C DT 6 O4 ? ? F DA  2   G DT 6    1_555 ? ? ? ? ? ? WATSON-CRICK ?     ? ? 
hydrog6  hydrog ? ? B DG  3  N1  ? ? ? 1_555 C DC 5 N3 ? ? F DG  3   G DC 5    1_555 ? ? ? ? ? ? WATSON-CRICK ?     ? ? 
hydrog7  hydrog ? ? B DG  3  N2  ? ? ? 1_555 C DC 5 O2 ? ? F DG  3   G DC 5    1_555 ? ? ? ? ? ? WATSON-CRICK ?     ? ? 
hydrog8  hydrog ? ? B DG  3  O6  ? ? ? 1_555 C DC 5 N4 ? ? F DG  3   G DC 5    1_555 ? ? ? ? ? ? WATSON-CRICK ?     ? ? 
hydrog9  hydrog ? ? B DG  4  N1  ? ? ? 1_555 C DC 4 N3 ? ? F DG  4   G DC 4    1_555 ? ? ? ? ? ? WATSON-CRICK ?     ? ? 
hydrog10 hydrog ? ? B DG  4  N2  ? ? ? 1_555 C DC 4 O2 ? ? F DG  4   G DC 4    1_555 ? ? ? ? ? ? WATSON-CRICK ?     ? ? 
hydrog11 hydrog ? ? B DG  4  O6  ? ? ? 1_555 C DC 4 N4 ? ? F DG  4   G DC 4    1_555 ? ? ? ? ? ? WATSON-CRICK ?     ? ? 
hydrog12 hydrog ? ? B DC  5  N3  ? ? ? 1_555 C DG 3 N1 ? ? F DC  5   G DG 3    1_555 ? ? ? ? ? ? WATSON-CRICK ?     ? ? 
hydrog13 hydrog ? ? B DC  5  N4  ? ? ? 1_555 C DG 3 O6 ? ? F DC  5   G DG 3    1_555 ? ? ? ? ? ? WATSON-CRICK ?     ? ? 
hydrog14 hydrog ? ? B DC  5  O2  ? ? ? 1_555 C DG 3 N2 ? ? F DC  5   G DG 3    1_555 ? ? ? ? ? ? WATSON-CRICK ?     ? ? 
hydrog15 hydrog ? ? B DG  6  N1  ? ? ? 1_555 C DC 2 N3 ? ? F DG  6   G DC 2    1_555 ? ? ? ? ? ? WATSON-CRICK ?     ? ? 
hydrog16 hydrog ? ? B DG  6  N2  ? ? ? 1_555 C DC 2 O2 ? ? F DG  6   G DC 2    1_555 ? ? ? ? ? ? WATSON-CRICK ?     ? ? 
hydrog17 hydrog ? ? B DG  6  O6  ? ? ? 1_555 C DC 2 N4 ? ? F DG  6   G DC 2    1_555 ? ? ? ? ? ? WATSON-CRICK ?     ? ? 
hydrog18 hydrog ? ? B DC  7  N3  ? ? ? 1_555 C DG 1 N1 ? ? F DC  7   G DG 1    1_555 ? ? ? ? ? ? WATSON-CRICK ?     ? ? 
hydrog19 hydrog ? ? B DC  7  N4  ? ? ? 1_555 C DG 1 O6 ? ? F DC  7   G DG 1    1_555 ? ? ? ? ? ? WATSON-CRICK ?     ? ? 
hydrog20 hydrog ? ? B DC  7  O2  ? ? ? 1_555 C DG 1 N2 ? ? F DC  7   G DG 1    1_555 ? ? ? ? ? ? WATSON-CRICK ?     ? ? 
# 
loop_
_struct_conn_type.id 
_struct_conn_type.criteria 
_struct_conn_type.reference 
metalc ? ? 
hydrog ? ? 
# 
loop_
_pdbx_struct_conn_angle.id 
_pdbx_struct_conn_angle.ptnr1_label_atom_id 
_pdbx_struct_conn_angle.ptnr1_label_alt_id 
_pdbx_struct_conn_angle.ptnr1_label_asym_id 
_pdbx_struct_conn_angle.ptnr1_label_comp_id 
_pdbx_struct_conn_angle.ptnr1_label_seq_id 
_pdbx_struct_conn_angle.ptnr1_auth_atom_id 
_pdbx_struct_conn_angle.ptnr1_auth_asym_id 
_pdbx_struct_conn_angle.ptnr1_auth_comp_id 
_pdbx_struct_conn_angle.ptnr1_auth_seq_id 
_pdbx_struct_conn_angle.ptnr1_PDB_ins_code 
_pdbx_struct_conn_angle.ptnr1_symmetry 
_pdbx_struct_conn_angle.ptnr2_label_atom_id 
_pdbx_struct_conn_angle.ptnr2_label_alt_id 
_pdbx_struct_conn_angle.ptnr2_label_asym_id 
_pdbx_struct_conn_angle.ptnr2_label_comp_id 
_pdbx_struct_conn_angle.ptnr2_label_seq_id 
_pdbx_struct_conn_angle.ptnr2_auth_atom_id 
_pdbx_struct_conn_angle.ptnr2_auth_asym_id 
_pdbx_struct_conn_angle.ptnr2_auth_comp_id 
_pdbx_struct_conn_angle.ptnr2_auth_seq_id 
_pdbx_struct_conn_angle.ptnr2_PDB_ins_code 
_pdbx_struct_conn_angle.ptnr2_symmetry 
_pdbx_struct_conn_angle.ptnr3_label_atom_id 
_pdbx_struct_conn_angle.ptnr3_label_alt_id 
_pdbx_struct_conn_angle.ptnr3_label_asym_id 
_pdbx_struct_conn_angle.ptnr3_label_comp_id 
_pdbx_struct_conn_angle.ptnr3_label_seq_id 
_pdbx_struct_conn_angle.ptnr3_auth_atom_id 
_pdbx_struct_conn_angle.ptnr3_auth_asym_id 
_pdbx_struct_conn_angle.ptnr3_auth_comp_id 
_pdbx_struct_conn_angle.ptnr3_auth_seq_id 
_pdbx_struct_conn_angle.ptnr3_PDB_ins_code 
_pdbx_struct_conn_angle.ptnr3_symmetry 
_pdbx_struct_conn_angle.value 
_pdbx_struct_conn_angle.value_esd 
1  SG  ? A CYS 8  ? A CYS 402 ? 1_555 ZN ? F ZN . ? A ZN 1486 ? 1_555 SG  ? A CYS 13 ? A CYS 407 ? 1_555 128.9 ? 
2  SG  ? A CYS 8  ? A CYS 402 ? 1_555 ZN ? F ZN . ? A ZN 1486 ? 1_555 NE2 ? A HIS 26 ? A HIS 420 ? 1_555 111.7 ? 
3  SG  ? A CYS 13 ? A CYS 407 ? 1_555 ZN ? F ZN . ? A ZN 1486 ? 1_555 NE2 ? A HIS 26 ? A HIS 420 ? 1_555 102.1 ? 
4  SG  ? A CYS 8  ? A CYS 402 ? 1_555 ZN ? F ZN . ? A ZN 1486 ? 1_555 NE2 ? A HIS 30 ? A HIS 424 ? 1_555 109.1 ? 
5  SG  ? A CYS 13 ? A CYS 407 ? 1_555 ZN ? F ZN . ? A ZN 1486 ? 1_555 NE2 ? A HIS 30 ? A HIS 424 ? 1_555 110.6 ? 
6  NE2 ? A HIS 26 ? A HIS 420 ? 1_555 ZN ? F ZN . ? A ZN 1486 ? 1_555 NE2 ? A HIS 30 ? A HIS 424 ? 1_555 85.8  ? 
7  SG  ? A CYS 38 ? A CYS 432 ? 1_555 ZN ? D ZN . ? A ZN 1484 ? 1_555 SG  ? A CYS 43 ? A CYS 437 ? 1_555 121.8 ? 
8  SG  ? A CYS 38 ? A CYS 432 ? 1_555 ZN ? D ZN . ? A ZN 1484 ? 1_555 NE2 ? A HIS 56 ? A HIS 450 ? 1_555 109.9 ? 
9  SG  ? A CYS 43 ? A CYS 437 ? 1_555 ZN ? D ZN . ? A ZN 1484 ? 1_555 NE2 ? A HIS 56 ? A HIS 450 ? 1_555 104.6 ? 
10 SG  ? A CYS 38 ? A CYS 432 ? 1_555 ZN ? D ZN . ? A ZN 1484 ? 1_555 NE2 ? A HIS 60 ? A HIS 454 ? 1_555 105.9 ? 
11 SG  ? A CYS 43 ? A CYS 437 ? 1_555 ZN ? D ZN . ? A ZN 1484 ? 1_555 NE2 ? A HIS 60 ? A HIS 454 ? 1_555 108.9 ? 
12 NE2 ? A HIS 56 ? A HIS 450 ? 1_555 ZN ? D ZN . ? A ZN 1484 ? 1_555 NE2 ? A HIS 60 ? A HIS 454 ? 1_555 104.4 ? 
13 SG  ? A CYS 68 ? A CYS 462 ? 1_555 ZN ? E ZN . ? A ZN 1485 ? 1_555 SG  ? A CYS 71 ? A CYS 465 ? 1_555 121.5 ? 
14 SG  ? A CYS 68 ? A CYS 462 ? 1_555 ZN ? E ZN . ? A ZN 1485 ? 1_555 NE2 ? A HIS 84 ? A HIS 478 ? 1_555 109.7 ? 
15 SG  ? A CYS 71 ? A CYS 465 ? 1_555 ZN ? E ZN . ? A ZN 1485 ? 1_555 NE2 ? A HIS 84 ? A HIS 478 ? 1_555 99.4  ? 
16 SG  ? A CYS 68 ? A CYS 462 ? 1_555 ZN ? E ZN . ? A ZN 1485 ? 1_555 NE2 ? A HIS 88 ? A HIS 482 ? 1_555 111.3 ? 
17 SG  ? A CYS 71 ? A CYS 465 ? 1_555 ZN ? E ZN . ? A ZN 1485 ? 1_555 NE2 ? A HIS 88 ? A HIS 482 ? 1_555 111.7 ? 
18 NE2 ? A HIS 84 ? A HIS 478 ? 1_555 ZN ? E ZN . ? A ZN 1485 ? 1_555 NE2 ? A HIS 88 ? A HIS 482 ? 1_555 100.3 ? 
# 
loop_
_struct_sheet.id 
_struct_sheet.type 
_struct_sheet.number_strands 
_struct_sheet.details 
AA ? 2 ? 
AB ? 2 ? 
AC ? 2 ? 
# 
loop_
_struct_sheet_order.sheet_id 
_struct_sheet_order.range_id_1 
_struct_sheet_order.range_id_2 
_struct_sheet_order.offset 
_struct_sheet_order.sense 
AA 1 2 ? anti-parallel 
AB 1 2 ? anti-parallel 
AC 1 2 ? anti-parallel 
# 
loop_
_struct_sheet_range.sheet_id 
_struct_sheet_range.id 
_struct_sheet_range.beg_label_comp_id 
_struct_sheet_range.beg_label_asym_id 
_struct_sheet_range.beg_label_seq_id 
_struct_sheet_range.pdbx_beg_PDB_ins_code 
_struct_sheet_range.end_label_comp_id 
_struct_sheet_range.end_label_asym_id 
_struct_sheet_range.end_label_seq_id 
_struct_sheet_range.pdbx_end_PDB_ins_code 
_struct_sheet_range.beg_auth_comp_id 
_struct_sheet_range.beg_auth_asym_id 
_struct_sheet_range.beg_auth_seq_id 
_struct_sheet_range.end_auth_comp_id 
_struct_sheet_range.end_auth_asym_id 
_struct_sheet_range.end_auth_seq_id 
AA 1 HIS A 6  ? THR A 7  ? HIS A 400 THR A 401 
AA 2 THR A 16 ? TYR A 17 ? THR A 410 TYR A 411 
AB 1 TYR A 36 ? HIS A 37 ? TYR A 430 HIS A 431 
AB 2 LYS A 46 ? PHE A 47 ? LYS A 440 PHE A 441 
AC 1 PHE A 66 ? GLN A 67 ? PHE A 460 GLN A 461 
AC 2 ALA A 74 ? PHE A 75 ? ALA A 468 PHE A 469 
# 
loop_
_pdbx_struct_sheet_hbond.sheet_id 
_pdbx_struct_sheet_hbond.range_id_1 
_pdbx_struct_sheet_hbond.range_id_2 
_pdbx_struct_sheet_hbond.range_1_label_atom_id 
_pdbx_struct_sheet_hbond.range_1_label_comp_id 
_pdbx_struct_sheet_hbond.range_1_label_asym_id 
_pdbx_struct_sheet_hbond.range_1_label_seq_id 
_pdbx_struct_sheet_hbond.range_1_PDB_ins_code 
_pdbx_struct_sheet_hbond.range_1_auth_atom_id 
_pdbx_struct_sheet_hbond.range_1_auth_comp_id 
_pdbx_struct_sheet_hbond.range_1_auth_asym_id 
_pdbx_struct_sheet_hbond.range_1_auth_seq_id 
_pdbx_struct_sheet_hbond.range_2_label_atom_id 
_pdbx_struct_sheet_hbond.range_2_label_comp_id 
_pdbx_struct_sheet_hbond.range_2_label_asym_id 
_pdbx_struct_sheet_hbond.range_2_label_seq_id 
_pdbx_struct_sheet_hbond.range_2_PDB_ins_code 
_pdbx_struct_sheet_hbond.range_2_auth_atom_id 
_pdbx_struct_sheet_hbond.range_2_auth_comp_id 
_pdbx_struct_sheet_hbond.range_2_auth_asym_id 
_pdbx_struct_sheet_hbond.range_2_auth_seq_id 
AA 1 2 N HIS A 6  ? N HIS A 400 O TYR A 17 ? O TYR A 411 
AB 1 2 N TYR A 36 ? N TYR A 430 O PHE A 47 ? O PHE A 441 
AC 1 2 N PHE A 66 ? N PHE A 460 O PHE A 75 ? O PHE A 469 
# 
loop_
_struct_site.id 
_struct_site.pdbx_evidence_code 
_struct_site.pdbx_auth_asym_id 
_struct_site.pdbx_auth_comp_id 
_struct_site.pdbx_auth_seq_id 
_struct_site.pdbx_auth_ins_code 
_struct_site.pdbx_num_residues 
_struct_site.details 
AC1 Software A ZN  1484 ? 4 'BINDING SITE FOR RESIDUE ZN A 1484'  
AC2 Software A ZN  1485 ? 4 'BINDING SITE FOR RESIDUE ZN A 1485'  
AC3 Software A ZN  1486 ? 4 'BINDING SITE FOR RESIDUE ZN A 1486'  
AC4 Software A GOL 1487 ? 4 'BINDING SITE FOR RESIDUE GOL A 1487' 
# 
loop_
_struct_site_gen.id 
_struct_site_gen.site_id 
_struct_site_gen.pdbx_num_res 
_struct_site_gen.label_comp_id 
_struct_site_gen.label_asym_id 
_struct_site_gen.label_seq_id 
_struct_site_gen.pdbx_auth_ins_code 
_struct_site_gen.auth_comp_id 
_struct_site_gen.auth_asym_id 
_struct_site_gen.auth_seq_id 
_struct_site_gen.label_atom_id 
_struct_site_gen.label_alt_id 
_struct_site_gen.symmetry 
_struct_site_gen.details 
1  AC1 4 CYS A 38 ? CYS A 432  . ? 1_555 ? 
2  AC1 4 CYS A 43 ? CYS A 437  . ? 1_555 ? 
3  AC1 4 HIS A 56 ? HIS A 450  . ? 1_555 ? 
4  AC1 4 HIS A 60 ? HIS A 454  . ? 1_555 ? 
5  AC2 4 CYS A 68 ? CYS A 462  . ? 1_555 ? 
6  AC2 4 CYS A 71 ? CYS A 465  . ? 1_555 ? 
7  AC2 4 HIS A 84 ? HIS A 478  . ? 1_555 ? 
8  AC2 4 HIS A 88 ? HIS A 482  . ? 1_555 ? 
9  AC3 4 CYS A 8  ? CYS A 402  . ? 1_555 ? 
10 AC3 4 CYS A 13 ? CYS A 407  . ? 1_555 ? 
11 AC3 4 HIS A 26 ? HIS A 420  . ? 1_555 ? 
12 AC3 4 HIS A 30 ? HIS A 424  . ? 1_555 ? 
13 AC4 4 TRP A 40 ? TRP A 434  . ? 1_555 ? 
14 AC4 4 ASP A 41 ? ASP A 435  . ? 1_555 ? 
15 AC4 4 LYS A 70 ? LYS A 464  . ? 1_455 ? 
16 AC4 4 HOH H .  ? HOH A 2079 . ? 1_555 ? 
# 
_pdbx_validate_close_contact.id               1 
_pdbx_validate_close_contact.PDB_model_num    1 
_pdbx_validate_close_contact.auth_atom_id_1   OP2 
_pdbx_validate_close_contact.auth_asym_id_1   F 
_pdbx_validate_close_contact.auth_comp_id_1   DG 
_pdbx_validate_close_contact.auth_seq_id_1    3 
_pdbx_validate_close_contact.PDB_ins_code_1   ? 
_pdbx_validate_close_contact.label_alt_id_1   ? 
_pdbx_validate_close_contact.auth_atom_id_2   O 
_pdbx_validate_close_contact.auth_asym_id_2   F 
_pdbx_validate_close_contact.auth_comp_id_2   HOH 
_pdbx_validate_close_contact.auth_seq_id_2    2009 
_pdbx_validate_close_contact.PDB_ins_code_2   ? 
_pdbx_validate_close_contact.label_alt_id_2   ? 
_pdbx_validate_close_contact.dist             2.06 
# 
loop_
_pdbx_validate_rmsd_bond.id 
_pdbx_validate_rmsd_bond.PDB_model_num 
_pdbx_validate_rmsd_bond.auth_atom_id_1 
_pdbx_validate_rmsd_bond.auth_asym_id_1 
_pdbx_validate_rmsd_bond.auth_comp_id_1 
_pdbx_validate_rmsd_bond.auth_seq_id_1 
_pdbx_validate_rmsd_bond.PDB_ins_code_1 
_pdbx_validate_rmsd_bond.label_alt_id_1 
_pdbx_validate_rmsd_bond.auth_atom_id_2 
_pdbx_validate_rmsd_bond.auth_asym_id_2 
_pdbx_validate_rmsd_bond.auth_comp_id_2 
_pdbx_validate_rmsd_bond.auth_seq_id_2 
_pdbx_validate_rmsd_bond.PDB_ins_code_2 
_pdbx_validate_rmsd_bond.label_alt_id_2 
_pdbx_validate_rmsd_bond.bond_value 
_pdbx_validate_rmsd_bond.bond_target_value 
_pdbx_validate_rmsd_bond.bond_deviation 
_pdbx_validate_rmsd_bond.bond_standard_deviation 
_pdbx_validate_rmsd_bond.linker_flag 
1 1 "O3'" G DG 3 ? ? "C3'" G DG 3 ? ? 1.381 1.419 -0.038 0.006 N 
2 1 "O3'" G DC 7 ? ? "C3'" G DC 7 ? ? 1.379 1.419 -0.040 0.006 N 
# 
loop_
_pdbx_validate_rmsd_angle.id 
_pdbx_validate_rmsd_angle.PDB_model_num 
_pdbx_validate_rmsd_angle.auth_atom_id_1 
_pdbx_validate_rmsd_angle.auth_asym_id_1 
_pdbx_validate_rmsd_angle.auth_comp_id_1 
_pdbx_validate_rmsd_angle.auth_seq_id_1 
_pdbx_validate_rmsd_angle.PDB_ins_code_1 
_pdbx_validate_rmsd_angle.label_alt_id_1 
_pdbx_validate_rmsd_angle.auth_atom_id_2 
_pdbx_validate_rmsd_angle.auth_asym_id_2 
_pdbx_validate_rmsd_angle.auth_comp_id_2 
_pdbx_validate_rmsd_angle.auth_seq_id_2 
_pdbx_validate_rmsd_angle.PDB_ins_code_2 
_pdbx_validate_rmsd_angle.label_alt_id_2 
_pdbx_validate_rmsd_angle.auth_atom_id_3 
_pdbx_validate_rmsd_angle.auth_asym_id_3 
_pdbx_validate_rmsd_angle.auth_comp_id_3 
_pdbx_validate_rmsd_angle.auth_seq_id_3 
_pdbx_validate_rmsd_angle.PDB_ins_code_3 
_pdbx_validate_rmsd_angle.label_alt_id_3 
_pdbx_validate_rmsd_angle.angle_value 
_pdbx_validate_rmsd_angle.angle_target_value 
_pdbx_validate_rmsd_angle.angle_deviation 
_pdbx_validate_rmsd_angle.angle_standard_deviation 
_pdbx_validate_rmsd_angle.linker_flag 
1 1 "O5'" F DG 3 ? ? P     F DG 3 ? ? OP2   F DG 3 ? ? 99.19  105.70 -6.51  0.90 N 
2 1 "C1'" F DC 7 ? ? "O4'" F DC 7 ? ? "C4'" F DC 7 ? ? 103.82 110.10 -6.28  1.00 N 
3 1 "O4'" G DG 1 ? ? "C4'" G DG 1 ? ? "C3'" G DG 1 ? ? 101.83 104.50 -2.67  0.40 N 
4 1 "C3'" G DC 4 ? ? "O3'" G DC 4 ? ? P     G DC 5 ? ? 127.81 119.70 8.11   1.20 Y 
5 1 "O4'" G DC 5 ? ? "C4'" G DC 5 ? ? "C3'" G DC 5 ? ? 111.04 106.00 5.04   0.60 N 
6 1 "C5'" G DC 5 ? ? "C4'" G DC 5 ? ? "C3'" G DC 5 ? ? 101.23 114.10 -12.87 1.80 N 
7 1 N3    G DT 6 ? ? C4    G DT 6 ? ? O4    G DT 6 ? ? 124.03 119.90 4.13   0.60 N 
8 1 C5    G DT 6 ? ? C4    G DT 6 ? ? O4    G DT 6 ? ? 119.90 124.90 -5.00  0.70 N 
9 1 "O4'" G DC 7 ? ? "C1'" G DC 7 ? ? N1    G DC 7 ? ? 110.61 108.30 2.31   0.30 N 
# 
_pdbx_validate_torsion.id              1 
_pdbx_validate_torsion.PDB_model_num   1 
_pdbx_validate_torsion.auth_comp_id    CYS 
_pdbx_validate_torsion.auth_asym_id    A 
_pdbx_validate_torsion.auth_seq_id     407 
_pdbx_validate_torsion.PDB_ins_code    ? 
_pdbx_validate_torsion.label_alt_id    ? 
_pdbx_validate_torsion.phi             -97.48 
_pdbx_validate_torsion.psi             -78.45 
# 
loop_
_pdbx_refine_tls.pdbx_refine_id 
_pdbx_refine_tls.id 
_pdbx_refine_tls.details 
_pdbx_refine_tls.method 
_pdbx_refine_tls.origin_x 
_pdbx_refine_tls.origin_y 
_pdbx_refine_tls.origin_z 
_pdbx_refine_tls.T[1][1] 
_pdbx_refine_tls.T[2][2] 
_pdbx_refine_tls.T[3][3] 
_pdbx_refine_tls.T[1][2] 
_pdbx_refine_tls.T[1][3] 
_pdbx_refine_tls.T[2][3] 
_pdbx_refine_tls.L[1][1] 
_pdbx_refine_tls.L[2][2] 
_pdbx_refine_tls.L[3][3] 
_pdbx_refine_tls.L[1][2] 
_pdbx_refine_tls.L[1][3] 
_pdbx_refine_tls.L[2][3] 
_pdbx_refine_tls.S[1][1] 
_pdbx_refine_tls.S[1][2] 
_pdbx_refine_tls.S[1][3] 
_pdbx_refine_tls.S[2][1] 
_pdbx_refine_tls.S[2][2] 
_pdbx_refine_tls.S[2][3] 
_pdbx_refine_tls.S[3][1] 
_pdbx_refine_tls.S[3][2] 
_pdbx_refine_tls.S[3][3] 
'X-RAY DIFFRACTION' 1 ? refined -1.9521 -12.5263 -6.9168 0.3203 0.0835 0.1934 0.0485  -0.0575 -0.1179 0.5520 14.7731 3.3085 -1.5341 -0.6773 -2.9773 -0.1157 0.1237  -0.2280 -0.6381 -0.1929 0.2986 0.7560  -0.1114 0.3086  
'X-RAY DIFFRACTION' 2 ? refined 0.2742  8.1397   4.1938  0.0503 0.0621 0.0443 -0.0034 0.0141  -0.0038 1.3070 1.9002  2.2438 0.0166  0.7884  -0.6042 0.0548  -0.0087 0.0566  0.0260  0.0088  0.1288 -0.0459 0.0941  -0.0637 
'X-RAY DIFFRACTION' 3 ? refined -4.0740 16.2692  -3.1739 0.0499 0.0157 0.2175 0.0225  0.0562  0.0284  1.7898 0.2392  2.6598 0.6532  2.1569  0.7937  -0.0938 0.0469  0.1737  -0.0308 0.0050  0.0526 -0.1249 0.0486  0.0888  
'X-RAY DIFFRACTION' 4 ? refined -6.7628 11.8813  -3.8846 0.0292 0.0883 0.0708 0.0089  -0.0135 0.0498  0.1848 3.5314  1.8934 -0.7910 0.1681  -1.1421 0.0196  -0.0478 0.0056  -0.0575 0.3074  0.0693 0.1299  -0.2642 -0.3269  
# 
loop_
_pdbx_refine_tls_group.pdbx_refine_id 
_pdbx_refine_tls_group.id 
_pdbx_refine_tls_group.refine_tls_id 
_pdbx_refine_tls_group.beg_auth_asym_id 
_pdbx_refine_tls_group.beg_auth_seq_id 
_pdbx_refine_tls_group.beg_label_asym_id 
_pdbx_refine_tls_group.beg_label_seq_id 
_pdbx_refine_tls_group.end_auth_asym_id 
_pdbx_refine_tls_group.end_auth_seq_id 
_pdbx_refine_tls_group.end_label_asym_id 
_pdbx_refine_tls_group.end_label_seq_id 
_pdbx_refine_tls_group.selection 
_pdbx_refine_tls_group.selection_details 
'X-RAY DIFFRACTION' 1 1 A 397 ? ? A 428 ? ? ? ? 
'X-RAY DIFFRACTION' 2 2 A 429 ? ? A 483 ? ? ? ? 
'X-RAY DIFFRACTION' 3 3 G 1   ? ? G 7   ? ? ? ? 
'X-RAY DIFFRACTION' 4 4 F 1   ? ? F 7   ? ? ? ? 
# 
_pdbx_entry_details.entry_id                 2WBS 
_pdbx_entry_details.compound_details         ? 
_pdbx_entry_details.source_details           ? 
_pdbx_entry_details.nonpolymer_details       
;GLYCEROL (GOL): CRYO PROTECTANT
ZINC ION (ZN): ZINC FINGER MOTIF
;
_pdbx_entry_details.sequence_details         ? 
_pdbx_entry_details.has_ligand_of_interest   ? 
# 
_pdbx_distant_solvent_atoms.id                                1 
_pdbx_distant_solvent_atoms.PDB_model_num                     1 
_pdbx_distant_solvent_atoms.auth_atom_id                      O 
_pdbx_distant_solvent_atoms.label_alt_id                      ? 
_pdbx_distant_solvent_atoms.auth_asym_id                      A 
_pdbx_distant_solvent_atoms.auth_comp_id                      HOH 
_pdbx_distant_solvent_atoms.auth_seq_id                       2015 
_pdbx_distant_solvent_atoms.PDB_ins_code                      ? 
_pdbx_distant_solvent_atoms.neighbor_macromolecule_distance   5.95 
_pdbx_distant_solvent_atoms.neighbor_ligand_distance          . 
# 
loop_
_pdbx_unobs_or_zero_occ_residues.id 
_pdbx_unobs_or_zero_occ_residues.PDB_model_num 
_pdbx_unobs_or_zero_occ_residues.polymer_flag 
_pdbx_unobs_or_zero_occ_residues.occupancy_flag 
_pdbx_unobs_or_zero_occ_residues.auth_asym_id 
_pdbx_unobs_or_zero_occ_residues.auth_comp_id 
_pdbx_unobs_or_zero_occ_residues.auth_seq_id 
_pdbx_unobs_or_zero_occ_residues.PDB_ins_code 
_pdbx_unobs_or_zero_occ_residues.label_asym_id 
_pdbx_unobs_or_zero_occ_residues.label_comp_id 
_pdbx_unobs_or_zero_occ_residues.label_seq_id 
1 1 Y 1 A LYS 395 ? A LYS 1 
2 1 Y 1 A ARG 396 ? A ARG 2 
# 
loop_
_chem_comp_atom.comp_id 
_chem_comp_atom.atom_id 
_chem_comp_atom.type_symbol 
_chem_comp_atom.pdbx_aromatic_flag 
_chem_comp_atom.pdbx_stereo_config 
_chem_comp_atom.pdbx_ordinal 
ALA N      N  N N 1   
ALA CA     C  N S 2   
ALA C      C  N N 3   
ALA O      O  N N 4   
ALA CB     C  N N 5   
ALA OXT    O  N N 6   
ALA H      H  N N 7   
ALA H2     H  N N 8   
ALA HA     H  N N 9   
ALA HB1    H  N N 10  
ALA HB2    H  N N 11  
ALA HB3    H  N N 12  
ALA HXT    H  N N 13  
ARG N      N  N N 14  
ARG CA     C  N S 15  
ARG C      C  N N 16  
ARG O      O  N N 17  
ARG CB     C  N N 18  
ARG CG     C  N N 19  
ARG CD     C  N N 20  
ARG NE     N  N N 21  
ARG CZ     C  N N 22  
ARG NH1    N  N N 23  
ARG NH2    N  N N 24  
ARG OXT    O  N N 25  
ARG H      H  N N 26  
ARG H2     H  N N 27  
ARG HA     H  N N 28  
ARG HB2    H  N N 29  
ARG HB3    H  N N 30  
ARG HG2    H  N N 31  
ARG HG3    H  N N 32  
ARG HD2    H  N N 33  
ARG HD3    H  N N 34  
ARG HE     H  N N 35  
ARG HH11   H  N N 36  
ARG HH12   H  N N 37  
ARG HH21   H  N N 38  
ARG HH22   H  N N 39  
ARG HXT    H  N N 40  
ASP N      N  N N 41  
ASP CA     C  N S 42  
ASP C      C  N N 43  
ASP O      O  N N 44  
ASP CB     C  N N 45  
ASP CG     C  N N 46  
ASP OD1    O  N N 47  
ASP OD2    O  N N 48  
ASP OXT    O  N N 49  
ASP H      H  N N 50  
ASP H2     H  N N 51  
ASP HA     H  N N 52  
ASP HB2    H  N N 53  
ASP HB3    H  N N 54  
ASP HD2    H  N N 55  
ASP HXT    H  N N 56  
CYS N      N  N N 57  
CYS CA     C  N R 58  
CYS C      C  N N 59  
CYS O      O  N N 60  
CYS CB     C  N N 61  
CYS SG     S  N N 62  
CYS OXT    O  N N 63  
CYS H      H  N N 64  
CYS H2     H  N N 65  
CYS HA     H  N N 66  
CYS HB2    H  N N 67  
CYS HB3    H  N N 68  
CYS HG     H  N N 69  
CYS HXT    H  N N 70  
DA  OP3    O  N N 71  
DA  P      P  N N 72  
DA  OP1    O  N N 73  
DA  OP2    O  N N 74  
DA  "O5'"  O  N N 75  
DA  "C5'"  C  N N 76  
DA  "C4'"  C  N R 77  
DA  "O4'"  O  N N 78  
DA  "C3'"  C  N S 79  
DA  "O3'"  O  N N 80  
DA  "C2'"  C  N N 81  
DA  "C1'"  C  N R 82  
DA  N9     N  Y N 83  
DA  C8     C  Y N 84  
DA  N7     N  Y N 85  
DA  C5     C  Y N 86  
DA  C6     C  Y N 87  
DA  N6     N  N N 88  
DA  N1     N  Y N 89  
DA  C2     C  Y N 90  
DA  N3     N  Y N 91  
DA  C4     C  Y N 92  
DA  HOP3   H  N N 93  
DA  HOP2   H  N N 94  
DA  "H5'"  H  N N 95  
DA  "H5''" H  N N 96  
DA  "H4'"  H  N N 97  
DA  "H3'"  H  N N 98  
DA  "HO3'" H  N N 99  
DA  "H2'"  H  N N 100 
DA  "H2''" H  N N 101 
DA  "H1'"  H  N N 102 
DA  H8     H  N N 103 
DA  H61    H  N N 104 
DA  H62    H  N N 105 
DA  H2     H  N N 106 
DC  OP3    O  N N 107 
DC  P      P  N N 108 
DC  OP1    O  N N 109 
DC  OP2    O  N N 110 
DC  "O5'"  O  N N 111 
DC  "C5'"  C  N N 112 
DC  "C4'"  C  N R 113 
DC  "O4'"  O  N N 114 
DC  "C3'"  C  N S 115 
DC  "O3'"  O  N N 116 
DC  "C2'"  C  N N 117 
DC  "C1'"  C  N R 118 
DC  N1     N  N N 119 
DC  C2     C  N N 120 
DC  O2     O  N N 121 
DC  N3     N  N N 122 
DC  C4     C  N N 123 
DC  N4     N  N N 124 
DC  C5     C  N N 125 
DC  C6     C  N N 126 
DC  HOP3   H  N N 127 
DC  HOP2   H  N N 128 
DC  "H5'"  H  N N 129 
DC  "H5''" H  N N 130 
DC  "H4'"  H  N N 131 
DC  "H3'"  H  N N 132 
DC  "HO3'" H  N N 133 
DC  "H2'"  H  N N 134 
DC  "H2''" H  N N 135 
DC  "H1'"  H  N N 136 
DC  H41    H  N N 137 
DC  H42    H  N N 138 
DC  H5     H  N N 139 
DC  H6     H  N N 140 
DG  OP3    O  N N 141 
DG  P      P  N N 142 
DG  OP1    O  N N 143 
DG  OP2    O  N N 144 
DG  "O5'"  O  N N 145 
DG  "C5'"  C  N N 146 
DG  "C4'"  C  N R 147 
DG  "O4'"  O  N N 148 
DG  "C3'"  C  N S 149 
DG  "O3'"  O  N N 150 
DG  "C2'"  C  N N 151 
DG  "C1'"  C  N R 152 
DG  N9     N  Y N 153 
DG  C8     C  Y N 154 
DG  N7     N  Y N 155 
DG  C5     C  Y N 156 
DG  C6     C  N N 157 
DG  O6     O  N N 158 
DG  N1     N  N N 159 
DG  C2     C  N N 160 
DG  N2     N  N N 161 
DG  N3     N  N N 162 
DG  C4     C  Y N 163 
DG  HOP3   H  N N 164 
DG  HOP2   H  N N 165 
DG  "H5'"  H  N N 166 
DG  "H5''" H  N N 167 
DG  "H4'"  H  N N 168 
DG  "H3'"  H  N N 169 
DG  "HO3'" H  N N 170 
DG  "H2'"  H  N N 171 
DG  "H2''" H  N N 172 
DG  "H1'"  H  N N 173 
DG  H8     H  N N 174 
DG  H1     H  N N 175 
DG  H21    H  N N 176 
DG  H22    H  N N 177 
DT  OP3    O  N N 178 
DT  P      P  N N 179 
DT  OP1    O  N N 180 
DT  OP2    O  N N 181 
DT  "O5'"  O  N N 182 
DT  "C5'"  C  N N 183 
DT  "C4'"  C  N R 184 
DT  "O4'"  O  N N 185 
DT  "C3'"  C  N S 186 
DT  "O3'"  O  N N 187 
DT  "C2'"  C  N N 188 
DT  "C1'"  C  N R 189 
DT  N1     N  N N 190 
DT  C2     C  N N 191 
DT  O2     O  N N 192 
DT  N3     N  N N 193 
DT  C4     C  N N 194 
DT  O4     O  N N 195 
DT  C5     C  N N 196 
DT  C7     C  N N 197 
DT  C6     C  N N 198 
DT  HOP3   H  N N 199 
DT  HOP2   H  N N 200 
DT  "H5'"  H  N N 201 
DT  "H5''" H  N N 202 
DT  "H4'"  H  N N 203 
DT  "H3'"  H  N N 204 
DT  "HO3'" H  N N 205 
DT  "H2'"  H  N N 206 
DT  "H2''" H  N N 207 
DT  "H1'"  H  N N 208 
DT  H3     H  N N 209 
DT  H71    H  N N 210 
DT  H72    H  N N 211 
DT  H73    H  N N 212 
DT  H6     H  N N 213 
GLN N      N  N N 214 
GLN CA     C  N S 215 
GLN C      C  N N 216 
GLN O      O  N N 217 
GLN CB     C  N N 218 
GLN CG     C  N N 219 
GLN CD     C  N N 220 
GLN OE1    O  N N 221 
GLN NE2    N  N N 222 
GLN OXT    O  N N 223 
GLN H      H  N N 224 
GLN H2     H  N N 225 
GLN HA     H  N N 226 
GLN HB2    H  N N 227 
GLN HB3    H  N N 228 
GLN HG2    H  N N 229 
GLN HG3    H  N N 230 
GLN HE21   H  N N 231 
GLN HE22   H  N N 232 
GLN HXT    H  N N 233 
GLU N      N  N N 234 
GLU CA     C  N S 235 
GLU C      C  N N 236 
GLU O      O  N N 237 
GLU CB     C  N N 238 
GLU CG     C  N N 239 
GLU CD     C  N N 240 
GLU OE1    O  N N 241 
GLU OE2    O  N N 242 
GLU OXT    O  N N 243 
GLU H      H  N N 244 
GLU H2     H  N N 245 
GLU HA     H  N N 246 
GLU HB2    H  N N 247 
GLU HB3    H  N N 248 
GLU HG2    H  N N 249 
GLU HG3    H  N N 250 
GLU HE2    H  N N 251 
GLU HXT    H  N N 252 
GLY N      N  N N 253 
GLY CA     C  N N 254 
GLY C      C  N N 255 
GLY O      O  N N 256 
GLY OXT    O  N N 257 
GLY H      H  N N 258 
GLY H2     H  N N 259 
GLY HA2    H  N N 260 
GLY HA3    H  N N 261 
GLY HXT    H  N N 262 
GOL C1     C  N N 263 
GOL O1     O  N N 264 
GOL C2     C  N N 265 
GOL O2     O  N N 266 
GOL C3     C  N N 267 
GOL O3     O  N N 268 
GOL H11    H  N N 269 
GOL H12    H  N N 270 
GOL HO1    H  N N 271 
GOL H2     H  N N 272 
GOL HO2    H  N N 273 
GOL H31    H  N N 274 
GOL H32    H  N N 275 
GOL HO3    H  N N 276 
HIS N      N  N N 277 
HIS CA     C  N S 278 
HIS C      C  N N 279 
HIS O      O  N N 280 
HIS CB     C  N N 281 
HIS CG     C  Y N 282 
HIS ND1    N  Y N 283 
HIS CD2    C  Y N 284 
HIS CE1    C  Y N 285 
HIS NE2    N  Y N 286 
HIS OXT    O  N N 287 
HIS H      H  N N 288 
HIS H2     H  N N 289 
HIS HA     H  N N 290 
HIS HB2    H  N N 291 
HIS HB3    H  N N 292 
HIS HD1    H  N N 293 
HIS HD2    H  N N 294 
HIS HE1    H  N N 295 
HIS HE2    H  N N 296 
HIS HXT    H  N N 297 
HOH O      O  N N 298 
HOH H1     H  N N 299 
HOH H2     H  N N 300 
LEU N      N  N N 301 
LEU CA     C  N S 302 
LEU C      C  N N 303 
LEU O      O  N N 304 
LEU CB     C  N N 305 
LEU CG     C  N N 306 
LEU CD1    C  N N 307 
LEU CD2    C  N N 308 
LEU OXT    O  N N 309 
LEU H      H  N N 310 
LEU H2     H  N N 311 
LEU HA     H  N N 312 
LEU HB2    H  N N 313 
LEU HB3    H  N N 314 
LEU HG     H  N N 315 
LEU HD11   H  N N 316 
LEU HD12   H  N N 317 
LEU HD13   H  N N 318 
LEU HD21   H  N N 319 
LEU HD22   H  N N 320 
LEU HD23   H  N N 321 
LEU HXT    H  N N 322 
LYS N      N  N N 323 
LYS CA     C  N S 324 
LYS C      C  N N 325 
LYS O      O  N N 326 
LYS CB     C  N N 327 
LYS CG     C  N N 328 
LYS CD     C  N N 329 
LYS CE     C  N N 330 
LYS NZ     N  N N 331 
LYS OXT    O  N N 332 
LYS H      H  N N 333 
LYS H2     H  N N 334 
LYS HA     H  N N 335 
LYS HB2    H  N N 336 
LYS HB3    H  N N 337 
LYS HG2    H  N N 338 
LYS HG3    H  N N 339 
LYS HD2    H  N N 340 
LYS HD3    H  N N 341 
LYS HE2    H  N N 342 
LYS HE3    H  N N 343 
LYS HZ1    H  N N 344 
LYS HZ2    H  N N 345 
LYS HZ3    H  N N 346 
LYS HXT    H  N N 347 
MET N      N  N N 348 
MET CA     C  N S 349 
MET C      C  N N 350 
MET O      O  N N 351 
MET CB     C  N N 352 
MET CG     C  N N 353 
MET SD     S  N N 354 
MET CE     C  N N 355 
MET OXT    O  N N 356 
MET H      H  N N 357 
MET H2     H  N N 358 
MET HA     H  N N 359 
MET HB2    H  N N 360 
MET HB3    H  N N 361 
MET HG2    H  N N 362 
MET HG3    H  N N 363 
MET HE1    H  N N 364 
MET HE2    H  N N 365 
MET HE3    H  N N 366 
MET HXT    H  N N 367 
PHE N      N  N N 368 
PHE CA     C  N S 369 
PHE C      C  N N 370 
PHE O      O  N N 371 
PHE CB     C  N N 372 
PHE CG     C  Y N 373 
PHE CD1    C  Y N 374 
PHE CD2    C  Y N 375 
PHE CE1    C  Y N 376 
PHE CE2    C  Y N 377 
PHE CZ     C  Y N 378 
PHE OXT    O  N N 379 
PHE H      H  N N 380 
PHE H2     H  N N 381 
PHE HA     H  N N 382 
PHE HB2    H  N N 383 
PHE HB3    H  N N 384 
PHE HD1    H  N N 385 
PHE HD2    H  N N 386 
PHE HE1    H  N N 387 
PHE HE2    H  N N 388 
PHE HZ     H  N N 389 
PHE HXT    H  N N 390 
PRO N      N  N N 391 
PRO CA     C  N S 392 
PRO C      C  N N 393 
PRO O      O  N N 394 
PRO CB     C  N N 395 
PRO CG     C  N N 396 
PRO CD     C  N N 397 
PRO OXT    O  N N 398 
PRO H      H  N N 399 
PRO HA     H  N N 400 
PRO HB2    H  N N 401 
PRO HB3    H  N N 402 
PRO HG2    H  N N 403 
PRO HG3    H  N N 404 
PRO HD2    H  N N 405 
PRO HD3    H  N N 406 
PRO HXT    H  N N 407 
SER N      N  N N 408 
SER CA     C  N S 409 
SER C      C  N N 410 
SER O      O  N N 411 
SER CB     C  N N 412 
SER OG     O  N N 413 
SER OXT    O  N N 414 
SER H      H  N N 415 
SER H2     H  N N 416 
SER HA     H  N N 417 
SER HB2    H  N N 418 
SER HB3    H  N N 419 
SER HG     H  N N 420 
SER HXT    H  N N 421 
THR N      N  N N 422 
THR CA     C  N S 423 
THR C      C  N N 424 
THR O      O  N N 425 
THR CB     C  N R 426 
THR OG1    O  N N 427 
THR CG2    C  N N 428 
THR OXT    O  N N 429 
THR H      H  N N 430 
THR H2     H  N N 431 
THR HA     H  N N 432 
THR HB     H  N N 433 
THR HG1    H  N N 434 
THR HG21   H  N N 435 
THR HG22   H  N N 436 
THR HG23   H  N N 437 
THR HXT    H  N N 438 
TRP N      N  N N 439 
TRP CA     C  N S 440 
TRP C      C  N N 441 
TRP O      O  N N 442 
TRP CB     C  N N 443 
TRP CG     C  Y N 444 
TRP CD1    C  Y N 445 
TRP CD2    C  Y N 446 
TRP NE1    N  Y N 447 
TRP CE2    C  Y N 448 
TRP CE3    C  Y N 449 
TRP CZ2    C  Y N 450 
TRP CZ3    C  Y N 451 
TRP CH2    C  Y N 452 
TRP OXT    O  N N 453 
TRP H      H  N N 454 
TRP H2     H  N N 455 
TRP HA     H  N N 456 
TRP HB2    H  N N 457 
TRP HB3    H  N N 458 
TRP HD1    H  N N 459 
TRP HE1    H  N N 460 
TRP HE3    H  N N 461 
TRP HZ2    H  N N 462 
TRP HZ3    H  N N 463 
TRP HH2    H  N N 464 
TRP HXT    H  N N 465 
TYR N      N  N N 466 
TYR CA     C  N S 467 
TYR C      C  N N 468 
TYR O      O  N N 469 
TYR CB     C  N N 470 
TYR CG     C  Y N 471 
TYR CD1    C  Y N 472 
TYR CD2    C  Y N 473 
TYR CE1    C  Y N 474 
TYR CE2    C  Y N 475 
TYR CZ     C  Y N 476 
TYR OH     O  N N 477 
TYR OXT    O  N N 478 
TYR H      H  N N 479 
TYR H2     H  N N 480 
TYR HA     H  N N 481 
TYR HB2    H  N N 482 
TYR HB3    H  N N 483 
TYR HD1    H  N N 484 
TYR HD2    H  N N 485 
TYR HE1    H  N N 486 
TYR HE2    H  N N 487 
TYR HH     H  N N 488 
TYR HXT    H  N N 489 
ZN  ZN     ZN N N 490 
# 
loop_
_chem_comp_bond.comp_id 
_chem_comp_bond.atom_id_1 
_chem_comp_bond.atom_id_2 
_chem_comp_bond.value_order 
_chem_comp_bond.pdbx_aromatic_flag 
_chem_comp_bond.pdbx_stereo_config 
_chem_comp_bond.pdbx_ordinal 
ALA N     CA     sing N N 1   
ALA N     H      sing N N 2   
ALA N     H2     sing N N 3   
ALA CA    C      sing N N 4   
ALA CA    CB     sing N N 5   
ALA CA    HA     sing N N 6   
ALA C     O      doub N N 7   
ALA C     OXT    sing N N 8   
ALA CB    HB1    sing N N 9   
ALA CB    HB2    sing N N 10  
ALA CB    HB3    sing N N 11  
ALA OXT   HXT    sing N N 12  
ARG N     CA     sing N N 13  
ARG N     H      sing N N 14  
ARG N     H2     sing N N 15  
ARG CA    C      sing N N 16  
ARG CA    CB     sing N N 17  
ARG CA    HA     sing N N 18  
ARG C     O      doub N N 19  
ARG C     OXT    sing N N 20  
ARG CB    CG     sing N N 21  
ARG CB    HB2    sing N N 22  
ARG CB    HB3    sing N N 23  
ARG CG    CD     sing N N 24  
ARG CG    HG2    sing N N 25  
ARG CG    HG3    sing N N 26  
ARG CD    NE     sing N N 27  
ARG CD    HD2    sing N N 28  
ARG CD    HD3    sing N N 29  
ARG NE    CZ     sing N N 30  
ARG NE    HE     sing N N 31  
ARG CZ    NH1    sing N N 32  
ARG CZ    NH2    doub N N 33  
ARG NH1   HH11   sing N N 34  
ARG NH1   HH12   sing N N 35  
ARG NH2   HH21   sing N N 36  
ARG NH2   HH22   sing N N 37  
ARG OXT   HXT    sing N N 38  
ASP N     CA     sing N N 39  
ASP N     H      sing N N 40  
ASP N     H2     sing N N 41  
ASP CA    C      sing N N 42  
ASP CA    CB     sing N N 43  
ASP CA    HA     sing N N 44  
ASP C     O      doub N N 45  
ASP C     OXT    sing N N 46  
ASP CB    CG     sing N N 47  
ASP CB    HB2    sing N N 48  
ASP CB    HB3    sing N N 49  
ASP CG    OD1    doub N N 50  
ASP CG    OD2    sing N N 51  
ASP OD2   HD2    sing N N 52  
ASP OXT   HXT    sing N N 53  
CYS N     CA     sing N N 54  
CYS N     H      sing N N 55  
CYS N     H2     sing N N 56  
CYS CA    C      sing N N 57  
CYS CA    CB     sing N N 58  
CYS CA    HA     sing N N 59  
CYS C     O      doub N N 60  
CYS C     OXT    sing N N 61  
CYS CB    SG     sing N N 62  
CYS CB    HB2    sing N N 63  
CYS CB    HB3    sing N N 64  
CYS SG    HG     sing N N 65  
CYS OXT   HXT    sing N N 66  
DA  OP3   P      sing N N 67  
DA  OP3   HOP3   sing N N 68  
DA  P     OP1    doub N N 69  
DA  P     OP2    sing N N 70  
DA  P     "O5'"  sing N N 71  
DA  OP2   HOP2   sing N N 72  
DA  "O5'" "C5'"  sing N N 73  
DA  "C5'" "C4'"  sing N N 74  
DA  "C5'" "H5'"  sing N N 75  
DA  "C5'" "H5''" sing N N 76  
DA  "C4'" "O4'"  sing N N 77  
DA  "C4'" "C3'"  sing N N 78  
DA  "C4'" "H4'"  sing N N 79  
DA  "O4'" "C1'"  sing N N 80  
DA  "C3'" "O3'"  sing N N 81  
DA  "C3'" "C2'"  sing N N 82  
DA  "C3'" "H3'"  sing N N 83  
DA  "O3'" "HO3'" sing N N 84  
DA  "C2'" "C1'"  sing N N 85  
DA  "C2'" "H2'"  sing N N 86  
DA  "C2'" "H2''" sing N N 87  
DA  "C1'" N9     sing N N 88  
DA  "C1'" "H1'"  sing N N 89  
DA  N9    C8     sing Y N 90  
DA  N9    C4     sing Y N 91  
DA  C8    N7     doub Y N 92  
DA  C8    H8     sing N N 93  
DA  N7    C5     sing Y N 94  
DA  C5    C6     sing Y N 95  
DA  C5    C4     doub Y N 96  
DA  C6    N6     sing N N 97  
DA  C6    N1     doub Y N 98  
DA  N6    H61    sing N N 99  
DA  N6    H62    sing N N 100 
DA  N1    C2     sing Y N 101 
DA  C2    N3     doub Y N 102 
DA  C2    H2     sing N N 103 
DA  N3    C4     sing Y N 104 
DC  OP3   P      sing N N 105 
DC  OP3   HOP3   sing N N 106 
DC  P     OP1    doub N N 107 
DC  P     OP2    sing N N 108 
DC  P     "O5'"  sing N N 109 
DC  OP2   HOP2   sing N N 110 
DC  "O5'" "C5'"  sing N N 111 
DC  "C5'" "C4'"  sing N N 112 
DC  "C5'" "H5'"  sing N N 113 
DC  "C5'" "H5''" sing N N 114 
DC  "C4'" "O4'"  sing N N 115 
DC  "C4'" "C3'"  sing N N 116 
DC  "C4'" "H4'"  sing N N 117 
DC  "O4'" "C1'"  sing N N 118 
DC  "C3'" "O3'"  sing N N 119 
DC  "C3'" "C2'"  sing N N 120 
DC  "C3'" "H3'"  sing N N 121 
DC  "O3'" "HO3'" sing N N 122 
DC  "C2'" "C1'"  sing N N 123 
DC  "C2'" "H2'"  sing N N 124 
DC  "C2'" "H2''" sing N N 125 
DC  "C1'" N1     sing N N 126 
DC  "C1'" "H1'"  sing N N 127 
DC  N1    C2     sing N N 128 
DC  N1    C6     sing N N 129 
DC  C2    O2     doub N N 130 
DC  C2    N3     sing N N 131 
DC  N3    C4     doub N N 132 
DC  C4    N4     sing N N 133 
DC  C4    C5     sing N N 134 
DC  N4    H41    sing N N 135 
DC  N4    H42    sing N N 136 
DC  C5    C6     doub N N 137 
DC  C5    H5     sing N N 138 
DC  C6    H6     sing N N 139 
DG  OP3   P      sing N N 140 
DG  OP3   HOP3   sing N N 141 
DG  P     OP1    doub N N 142 
DG  P     OP2    sing N N 143 
DG  P     "O5'"  sing N N 144 
DG  OP2   HOP2   sing N N 145 
DG  "O5'" "C5'"  sing N N 146 
DG  "C5'" "C4'"  sing N N 147 
DG  "C5'" "H5'"  sing N N 148 
DG  "C5'" "H5''" sing N N 149 
DG  "C4'" "O4'"  sing N N 150 
DG  "C4'" "C3'"  sing N N 151 
DG  "C4'" "H4'"  sing N N 152 
DG  "O4'" "C1'"  sing N N 153 
DG  "C3'" "O3'"  sing N N 154 
DG  "C3'" "C2'"  sing N N 155 
DG  "C3'" "H3'"  sing N N 156 
DG  "O3'" "HO3'" sing N N 157 
DG  "C2'" "C1'"  sing N N 158 
DG  "C2'" "H2'"  sing N N 159 
DG  "C2'" "H2''" sing N N 160 
DG  "C1'" N9     sing N N 161 
DG  "C1'" "H1'"  sing N N 162 
DG  N9    C8     sing Y N 163 
DG  N9    C4     sing Y N 164 
DG  C8    N7     doub Y N 165 
DG  C8    H8     sing N N 166 
DG  N7    C5     sing Y N 167 
DG  C5    C6     sing N N 168 
DG  C5    C4     doub Y N 169 
DG  C6    O6     doub N N 170 
DG  C6    N1     sing N N 171 
DG  N1    C2     sing N N 172 
DG  N1    H1     sing N N 173 
DG  C2    N2     sing N N 174 
DG  C2    N3     doub N N 175 
DG  N2    H21    sing N N 176 
DG  N2    H22    sing N N 177 
DG  N3    C4     sing N N 178 
DT  OP3   P      sing N N 179 
DT  OP3   HOP3   sing N N 180 
DT  P     OP1    doub N N 181 
DT  P     OP2    sing N N 182 
DT  P     "O5'"  sing N N 183 
DT  OP2   HOP2   sing N N 184 
DT  "O5'" "C5'"  sing N N 185 
DT  "C5'" "C4'"  sing N N 186 
DT  "C5'" "H5'"  sing N N 187 
DT  "C5'" "H5''" sing N N 188 
DT  "C4'" "O4'"  sing N N 189 
DT  "C4'" "C3'"  sing N N 190 
DT  "C4'" "H4'"  sing N N 191 
DT  "O4'" "C1'"  sing N N 192 
DT  "C3'" "O3'"  sing N N 193 
DT  "C3'" "C2'"  sing N N 194 
DT  "C3'" "H3'"  sing N N 195 
DT  "O3'" "HO3'" sing N N 196 
DT  "C2'" "C1'"  sing N N 197 
DT  "C2'" "H2'"  sing N N 198 
DT  "C2'" "H2''" sing N N 199 
DT  "C1'" N1     sing N N 200 
DT  "C1'" "H1'"  sing N N 201 
DT  N1    C2     sing N N 202 
DT  N1    C6     sing N N 203 
DT  C2    O2     doub N N 204 
DT  C2    N3     sing N N 205 
DT  N3    C4     sing N N 206 
DT  N3    H3     sing N N 207 
DT  C4    O4     doub N N 208 
DT  C4    C5     sing N N 209 
DT  C5    C7     sing N N 210 
DT  C5    C6     doub N N 211 
DT  C7    H71    sing N N 212 
DT  C7    H72    sing N N 213 
DT  C7    H73    sing N N 214 
DT  C6    H6     sing N N 215 
GLN N     CA     sing N N 216 
GLN N     H      sing N N 217 
GLN N     H2     sing N N 218 
GLN CA    C      sing N N 219 
GLN CA    CB     sing N N 220 
GLN CA    HA     sing N N 221 
GLN C     O      doub N N 222 
GLN C     OXT    sing N N 223 
GLN CB    CG     sing N N 224 
GLN CB    HB2    sing N N 225 
GLN CB    HB3    sing N N 226 
GLN CG    CD     sing N N 227 
GLN CG    HG2    sing N N 228 
GLN CG    HG3    sing N N 229 
GLN CD    OE1    doub N N 230 
GLN CD    NE2    sing N N 231 
GLN NE2   HE21   sing N N 232 
GLN NE2   HE22   sing N N 233 
GLN OXT   HXT    sing N N 234 
GLU N     CA     sing N N 235 
GLU N     H      sing N N 236 
GLU N     H2     sing N N 237 
GLU CA    C      sing N N 238 
GLU CA    CB     sing N N 239 
GLU CA    HA     sing N N 240 
GLU C     O      doub N N 241 
GLU C     OXT    sing N N 242 
GLU CB    CG     sing N N 243 
GLU CB    HB2    sing N N 244 
GLU CB    HB3    sing N N 245 
GLU CG    CD     sing N N 246 
GLU CG    HG2    sing N N 247 
GLU CG    HG3    sing N N 248 
GLU CD    OE1    doub N N 249 
GLU CD    OE2    sing N N 250 
GLU OE2   HE2    sing N N 251 
GLU OXT   HXT    sing N N 252 
GLY N     CA     sing N N 253 
GLY N     H      sing N N 254 
GLY N     H2     sing N N 255 
GLY CA    C      sing N N 256 
GLY CA    HA2    sing N N 257 
GLY CA    HA3    sing N N 258 
GLY C     O      doub N N 259 
GLY C     OXT    sing N N 260 
GLY OXT   HXT    sing N N 261 
GOL C1    O1     sing N N 262 
GOL C1    C2     sing N N 263 
GOL C1    H11    sing N N 264 
GOL C1    H12    sing N N 265 
GOL O1    HO1    sing N N 266 
GOL C2    O2     sing N N 267 
GOL C2    C3     sing N N 268 
GOL C2    H2     sing N N 269 
GOL O2    HO2    sing N N 270 
GOL C3    O3     sing N N 271 
GOL C3    H31    sing N N 272 
GOL C3    H32    sing N N 273 
GOL O3    HO3    sing N N 274 
HIS N     CA     sing N N 275 
HIS N     H      sing N N 276 
HIS N     H2     sing N N 277 
HIS CA    C      sing N N 278 
HIS CA    CB     sing N N 279 
HIS CA    HA     sing N N 280 
HIS C     O      doub N N 281 
HIS C     OXT    sing N N 282 
HIS CB    CG     sing N N 283 
HIS CB    HB2    sing N N 284 
HIS CB    HB3    sing N N 285 
HIS CG    ND1    sing Y N 286 
HIS CG    CD2    doub Y N 287 
HIS ND1   CE1    doub Y N 288 
HIS ND1   HD1    sing N N 289 
HIS CD2   NE2    sing Y N 290 
HIS CD2   HD2    sing N N 291 
HIS CE1   NE2    sing Y N 292 
HIS CE1   HE1    sing N N 293 
HIS NE2   HE2    sing N N 294 
HIS OXT   HXT    sing N N 295 
HOH O     H1     sing N N 296 
HOH O     H2     sing N N 297 
LEU N     CA     sing N N 298 
LEU N     H      sing N N 299 
LEU N     H2     sing N N 300 
LEU CA    C      sing N N 301 
LEU CA    CB     sing N N 302 
LEU CA    HA     sing N N 303 
LEU C     O      doub N N 304 
LEU C     OXT    sing N N 305 
LEU CB    CG     sing N N 306 
LEU CB    HB2    sing N N 307 
LEU CB    HB3    sing N N 308 
LEU CG    CD1    sing N N 309 
LEU CG    CD2    sing N N 310 
LEU CG    HG     sing N N 311 
LEU CD1   HD11   sing N N 312 
LEU CD1   HD12   sing N N 313 
LEU CD1   HD13   sing N N 314 
LEU CD2   HD21   sing N N 315 
LEU CD2   HD22   sing N N 316 
LEU CD2   HD23   sing N N 317 
LEU OXT   HXT    sing N N 318 
LYS N     CA     sing N N 319 
LYS N     H      sing N N 320 
LYS N     H2     sing N N 321 
LYS CA    C      sing N N 322 
LYS CA    CB     sing N N 323 
LYS CA    HA     sing N N 324 
LYS C     O      doub N N 325 
LYS C     OXT    sing N N 326 
LYS CB    CG     sing N N 327 
LYS CB    HB2    sing N N 328 
LYS CB    HB3    sing N N 329 
LYS CG    CD     sing N N 330 
LYS CG    HG2    sing N N 331 
LYS CG    HG3    sing N N 332 
LYS CD    CE     sing N N 333 
LYS CD    HD2    sing N N 334 
LYS CD    HD3    sing N N 335 
LYS CE    NZ     sing N N 336 
LYS CE    HE2    sing N N 337 
LYS CE    HE3    sing N N 338 
LYS NZ    HZ1    sing N N 339 
LYS NZ    HZ2    sing N N 340 
LYS NZ    HZ3    sing N N 341 
LYS OXT   HXT    sing N N 342 
MET N     CA     sing N N 343 
MET N     H      sing N N 344 
MET N     H2     sing N N 345 
MET CA    C      sing N N 346 
MET CA    CB     sing N N 347 
MET CA    HA     sing N N 348 
MET C     O      doub N N 349 
MET C     OXT    sing N N 350 
MET CB    CG     sing N N 351 
MET CB    HB2    sing N N 352 
MET CB    HB3    sing N N 353 
MET CG    SD     sing N N 354 
MET CG    HG2    sing N N 355 
MET CG    HG3    sing N N 356 
MET SD    CE     sing N N 357 
MET CE    HE1    sing N N 358 
MET CE    HE2    sing N N 359 
MET CE    HE3    sing N N 360 
MET OXT   HXT    sing N N 361 
PHE N     CA     sing N N 362 
PHE N     H      sing N N 363 
PHE N     H2     sing N N 364 
PHE CA    C      sing N N 365 
PHE CA    CB     sing N N 366 
PHE CA    HA     sing N N 367 
PHE C     O      doub N N 368 
PHE C     OXT    sing N N 369 
PHE CB    CG     sing N N 370 
PHE CB    HB2    sing N N 371 
PHE CB    HB3    sing N N 372 
PHE CG    CD1    doub Y N 373 
PHE CG    CD2    sing Y N 374 
PHE CD1   CE1    sing Y N 375 
PHE CD1   HD1    sing N N 376 
PHE CD2   CE2    doub Y N 377 
PHE CD2   HD2    sing N N 378 
PHE CE1   CZ     doub Y N 379 
PHE CE1   HE1    sing N N 380 
PHE CE2   CZ     sing Y N 381 
PHE CE2   HE2    sing N N 382 
PHE CZ    HZ     sing N N 383 
PHE OXT   HXT    sing N N 384 
PRO N     CA     sing N N 385 
PRO N     CD     sing N N 386 
PRO N     H      sing N N 387 
PRO CA    C      sing N N 388 
PRO CA    CB     sing N N 389 
PRO CA    HA     sing N N 390 
PRO C     O      doub N N 391 
PRO C     OXT    sing N N 392 
PRO CB    CG     sing N N 393 
PRO CB    HB2    sing N N 394 
PRO CB    HB3    sing N N 395 
PRO CG    CD     sing N N 396 
PRO CG    HG2    sing N N 397 
PRO CG    HG3    sing N N 398 
PRO CD    HD2    sing N N 399 
PRO CD    HD3    sing N N 400 
PRO OXT   HXT    sing N N 401 
SER N     CA     sing N N 402 
SER N     H      sing N N 403 
SER N     H2     sing N N 404 
SER CA    C      sing N N 405 
SER CA    CB     sing N N 406 
SER CA    HA     sing N N 407 
SER C     O      doub N N 408 
SER C     OXT    sing N N 409 
SER CB    OG     sing N N 410 
SER CB    HB2    sing N N 411 
SER CB    HB3    sing N N 412 
SER OG    HG     sing N N 413 
SER OXT   HXT    sing N N 414 
THR N     CA     sing N N 415 
THR N     H      sing N N 416 
THR N     H2     sing N N 417 
THR CA    C      sing N N 418 
THR CA    CB     sing N N 419 
THR CA    HA     sing N N 420 
THR C     O      doub N N 421 
THR C     OXT    sing N N 422 
THR CB    OG1    sing N N 423 
THR CB    CG2    sing N N 424 
THR CB    HB     sing N N 425 
THR OG1   HG1    sing N N 426 
THR CG2   HG21   sing N N 427 
THR CG2   HG22   sing N N 428 
THR CG2   HG23   sing N N 429 
THR OXT   HXT    sing N N 430 
TRP N     CA     sing N N 431 
TRP N     H      sing N N 432 
TRP N     H2     sing N N 433 
TRP CA    C      sing N N 434 
TRP CA    CB     sing N N 435 
TRP CA    HA     sing N N 436 
TRP C     O      doub N N 437 
TRP C     OXT    sing N N 438 
TRP CB    CG     sing N N 439 
TRP CB    HB2    sing N N 440 
TRP CB    HB3    sing N N 441 
TRP CG    CD1    doub Y N 442 
TRP CG    CD2    sing Y N 443 
TRP CD1   NE1    sing Y N 444 
TRP CD1   HD1    sing N N 445 
TRP CD2   CE2    doub Y N 446 
TRP CD2   CE3    sing Y N 447 
TRP NE1   CE2    sing Y N 448 
TRP NE1   HE1    sing N N 449 
TRP CE2   CZ2    sing Y N 450 
TRP CE3   CZ3    doub Y N 451 
TRP CE3   HE3    sing N N 452 
TRP CZ2   CH2    doub Y N 453 
TRP CZ2   HZ2    sing N N 454 
TRP CZ3   CH2    sing Y N 455 
TRP CZ3   HZ3    sing N N 456 
TRP CH2   HH2    sing N N 457 
TRP OXT   HXT    sing N N 458 
TYR N     CA     sing N N 459 
TYR N     H      sing N N 460 
TYR N     H2     sing N N 461 
TYR CA    C      sing N N 462 
TYR CA    CB     sing N N 463 
TYR CA    HA     sing N N 464 
TYR C     O      doub N N 465 
TYR C     OXT    sing N N 466 
TYR CB    CG     sing N N 467 
TYR CB    HB2    sing N N 468 
TYR CB    HB3    sing N N 469 
TYR CG    CD1    doub Y N 470 
TYR CG    CD2    sing Y N 471 
TYR CD1   CE1    sing Y N 472 
TYR CD1   HD1    sing N N 473 
TYR CD2   CE2    doub Y N 474 
TYR CD2   HD2    sing N N 475 
TYR CE1   CZ     doub Y N 476 
TYR CE1   HE1    sing N N 477 
TYR CE2   CZ     sing Y N 478 
TYR CE2   HE2    sing N N 479 
TYR CZ    OH     sing N N 480 
TYR OH    HH     sing N N 481 
TYR OXT   HXT    sing N N 482 
# 
_ndb_struct_conf_na.entry_id   2WBS 
_ndb_struct_conf_na.feature    'b-form double helix' 
# 
loop_
_ndb_struct_na_base_pair.model_number 
_ndb_struct_na_base_pair.i_label_asym_id 
_ndb_struct_na_base_pair.i_label_comp_id 
_ndb_struct_na_base_pair.i_label_seq_id 
_ndb_struct_na_base_pair.i_symmetry 
_ndb_struct_na_base_pair.j_label_asym_id 
_ndb_struct_na_base_pair.j_label_comp_id 
_ndb_struct_na_base_pair.j_label_seq_id 
_ndb_struct_na_base_pair.j_symmetry 
_ndb_struct_na_base_pair.shear 
_ndb_struct_na_base_pair.stretch 
_ndb_struct_na_base_pair.stagger 
_ndb_struct_na_base_pair.buckle 
_ndb_struct_na_base_pair.propeller 
_ndb_struct_na_base_pair.opening 
_ndb_struct_na_base_pair.pair_number 
_ndb_struct_na_base_pair.pair_name 
_ndb_struct_na_base_pair.i_auth_asym_id 
_ndb_struct_na_base_pair.i_auth_seq_id 
_ndb_struct_na_base_pair.i_PDB_ins_code 
_ndb_struct_na_base_pair.j_auth_asym_id 
_ndb_struct_na_base_pair.j_auth_seq_id 
_ndb_struct_na_base_pair.j_PDB_ins_code 
_ndb_struct_na_base_pair.hbond_type_28 
_ndb_struct_na_base_pair.hbond_type_12 
1 B DG 1 1_555 C DC 7 1_555 -0.200 -0.170 -0.026 0.449  -8.524  -0.252 1 F_DG1:DC7_G F 1 ? G 7 ? 19 1 
1 B DA 2 1_555 C DT 6 1_555 0.089  -0.160 0.076  2.302  -14.074 3.206  2 F_DA2:DT6_G F 2 ? G 6 ? 20 1 
1 B DG 3 1_555 C DC 5 1_555 -0.165 -0.148 -0.060 -3.563 -10.256 -0.461 3 F_DG3:DC5_G F 3 ? G 5 ? 19 1 
1 B DG 4 1_555 C DC 4 1_555 -0.192 -0.207 0.067  -4.890 -8.272  -0.660 4 F_DG4:DC4_G F 4 ? G 4 ? 19 1 
1 B DC 5 1_555 C DG 3 1_555 0.172  -0.147 -0.056 2.582  -3.630  0.457  5 F_DC5:DG3_G F 5 ? G 3 ? 19 1 
1 B DG 6 1_555 C DC 2 1_555 -0.283 -0.162 0.322  4.812  -9.461  -4.248 6 F_DG6:DC2_G F 6 ? G 2 ? 19 1 
1 B DC 7 1_555 C DG 1 1_555 0.216  -0.205 0.185  -1.659 -4.594  -1.759 7 F_DC7:DG1_G F 7 ? G 1 ? 19 1 
# 
loop_
_ndb_struct_na_base_pair_step.model_number 
_ndb_struct_na_base_pair_step.i_label_asym_id_1 
_ndb_struct_na_base_pair_step.i_label_comp_id_1 
_ndb_struct_na_base_pair_step.i_label_seq_id_1 
_ndb_struct_na_base_pair_step.i_symmetry_1 
_ndb_struct_na_base_pair_step.j_label_asym_id_1 
_ndb_struct_na_base_pair_step.j_label_comp_id_1 
_ndb_struct_na_base_pair_step.j_label_seq_id_1 
_ndb_struct_na_base_pair_step.j_symmetry_1 
_ndb_struct_na_base_pair_step.i_label_asym_id_2 
_ndb_struct_na_base_pair_step.i_label_comp_id_2 
_ndb_struct_na_base_pair_step.i_label_seq_id_2 
_ndb_struct_na_base_pair_step.i_symmetry_2 
_ndb_struct_na_base_pair_step.j_label_asym_id_2 
_ndb_struct_na_base_pair_step.j_label_comp_id_2 
_ndb_struct_na_base_pair_step.j_label_seq_id_2 
_ndb_struct_na_base_pair_step.j_symmetry_2 
_ndb_struct_na_base_pair_step.shift 
_ndb_struct_na_base_pair_step.slide 
_ndb_struct_na_base_pair_step.rise 
_ndb_struct_na_base_pair_step.tilt 
_ndb_struct_na_base_pair_step.roll 
_ndb_struct_na_base_pair_step.twist 
_ndb_struct_na_base_pair_step.x_displacement 
_ndb_struct_na_base_pair_step.y_displacement 
_ndb_struct_na_base_pair_step.helical_rise 
_ndb_struct_na_base_pair_step.inclination 
_ndb_struct_na_base_pair_step.tip 
_ndb_struct_na_base_pair_step.helical_twist 
_ndb_struct_na_base_pair_step.step_number 
_ndb_struct_na_base_pair_step.step_name 
_ndb_struct_na_base_pair_step.i_auth_asym_id_1 
_ndb_struct_na_base_pair_step.i_auth_seq_id_1 
_ndb_struct_na_base_pair_step.i_PDB_ins_code_1 
_ndb_struct_na_base_pair_step.j_auth_asym_id_1 
_ndb_struct_na_base_pair_step.j_auth_seq_id_1 
_ndb_struct_na_base_pair_step.j_PDB_ins_code_1 
_ndb_struct_na_base_pair_step.i_auth_asym_id_2 
_ndb_struct_na_base_pair_step.i_auth_seq_id_2 
_ndb_struct_na_base_pair_step.i_PDB_ins_code_2 
_ndb_struct_na_base_pair_step.j_auth_asym_id_2 
_ndb_struct_na_base_pair_step.j_auth_seq_id_2 
_ndb_struct_na_base_pair_step.j_PDB_ins_code_2 
1 B DG 1 1_555 C DC 7 1_555 B DA 2 1_555 C DT 6 1_555 0.259  -0.412 3.186 -1.022 4.986  30.959 -1.666 -0.665 3.073 9.261  1.898  
31.364 1 FF_DG1DA2:DT6DC7_GG F 1 ? G 7 ? F 2 ? G 6 ? 
1 B DA 2 1_555 C DT 6 1_555 B DG 3 1_555 C DC 5 1_555 -0.899 -0.484 3.344 -2.343 7.754  33.928 -2.006 1.139  3.212 13.058 3.946  
34.854 2 FF_DA2DG3:DC5DT6_GG F 2 ? G 6 ? F 3 ? G 5 ? 
1 B DG 3 1_555 C DC 5 1_555 B DG 4 1_555 C DC 4 1_555 -0.294 -0.518 3.348 -2.880 5.435  36.528 -1.557 0.070  3.253 8.595  4.555  
37.025 3 FF_DG3DG4:DC4DC5_GG F 3 ? G 5 ? F 4 ? G 4 ? 
1 B DG 4 1_555 C DC 4 1_555 B DC 5 1_555 C DG 3 1_555 0.516  -0.279 3.093 2.114  2.273  27.516 -1.105 -0.594 3.090 4.759  -4.425 
27.687 4 FF_DG4DC5:DG3DC4_GG F 4 ? G 4 ? F 5 ? G 3 ? 
1 B DC 5 1_555 C DG 3 1_555 B DG 6 1_555 C DC 2 1_555 -0.989 0.601  3.263 -4.315 2.241  37.248 0.636  0.963  3.381 3.490  6.720  
37.552 5 FF_DC5DG6:DC2DG3_GG F 5 ? G 3 ? F 6 ? G 2 ? 
1 B DG 6 1_555 C DC 2 1_555 B DC 7 1_555 C DG 1 1_555 1.067  -0.254 3.464 1.709  -4.740 39.189 0.221  -1.364 3.511 -7.031 -2.536 
39.499 6 FF_DG6DC7:DG1DC2_GG F 6 ? G 2 ? F 7 ? G 1 ? 
# 
_atom_sites.entry_id                    2WBS 
_atom_sites.fract_transf_matrix[1][1]   0.01088866 
_atom_sites.fract_transf_matrix[1][2]   0.02180791 
_atom_sites.fract_transf_matrix[1][3]   -0.00085094 
_atom_sites.fract_transf_matrix[2][1]   0.01199133 
_atom_sites.fract_transf_matrix[2][2]   -0.00664625 
_atom_sites.fract_transf_matrix[2][3]   -0.01688870 
_atom_sites.fract_transf_matrix[3][1]   -0.00953664 
_atom_sites.fract_transf_matrix[3][2]   0.00442941 
_atom_sites.fract_transf_matrix[3][3]   -0.00851433 
_atom_sites.fract_transf_vector[1]      0.759694 
_atom_sites.fract_transf_vector[2]      0.494204 
_atom_sites.fract_transf_vector[3]      0.125932 
# 
loop_
_atom_type.symbol 
C  
N  
O  
P  
S  
ZN 
# 
loop_
_atom_site.group_PDB 
_atom_site.id 
_atom_site.type_symbol 
_atom_site.label_atom_id 
_atom_site.label_alt_id 
_atom_site.label_comp_id 
_atom_site.label_asym_id 
_atom_site.label_entity_id 
_atom_site.label_seq_id 
_atom_site.pdbx_PDB_ins_code 
_atom_site.Cartn_x 
_atom_site.Cartn_y 
_atom_site.Cartn_z 
_atom_site.occupancy 
_atom_site.B_iso_or_equiv 
_atom_site.pdbx_formal_charge 
_atom_site.auth_seq_id 
_atom_site.auth_comp_id 
_atom_site.auth_asym_id 
_atom_site.auth_atom_id 
_atom_site.pdbx_PDB_model_num 
ATOM   1    N  N     . THR A 1 3  ? 11.335  -18.078 0.810   1.00 42.65 ? 397  THR A N     1 
ATOM   2    C  CA    . THR A 1 3  ? 10.124  -18.897 1.104   1.00 43.01 ? 397  THR A CA    1 
ATOM   3    C  C     . THR A 1 3  ? 9.038   -18.629 0.049   1.00 41.87 ? 397  THR A C     1 
ATOM   4    O  O     . THR A 1 3  ? 8.491   -19.571 -0.524  1.00 37.11 ? 397  THR A O     1 
ATOM   5    C  CB    . THR A 1 3  ? 9.608   -18.668 2.576   1.00 43.19 ? 397  THR A CB    1 
ATOM   6    O  OG1   . THR A 1 3  ? 8.744   -19.745 2.974   1.00 43.40 ? 397  THR A OG1   1 
ATOM   7    C  CG2   . THR A 1 3  ? 8.881   -17.327 2.739   1.00 43.11 ? 397  THR A CG2   1 
ATOM   8    N  N     . ALA A 1 4  ? 8.761   -17.352 -0.226  1.00 45.30 ? 398  ALA A N     1 
ATOM   9    C  CA    . ALA A 1 4  ? 7.761   -16.953 -1.229  1.00 45.93 ? 398  ALA A CA    1 
ATOM   10   C  C     . ALA A 1 4  ? 8.407   -16.849 -2.620  1.00 46.33 ? 398  ALA A C     1 
ATOM   11   O  O     . ALA A 1 4  ? 9.171   -15.918 -2.882  1.00 47.37 ? 398  ALA A O     1 
ATOM   12   C  CB    . ALA A 1 4  ? 7.103   -15.620 -0.838  1.00 44.93 ? 398  ALA A CB    1 
ATOM   13   N  N     . THR A 1 5  ? 8.097   -17.804 -3.498  1.00 46.71 ? 399  THR A N     1 
ATOM   14   C  CA    . THR A 1 5  ? 8.682   -17.861 -4.848  1.00 47.07 ? 399  THR A CA    1 
ATOM   15   C  C     . THR A 1 5  ? 7.674   -17.606 -5.994  1.00 47.98 ? 399  THR A C     1 
ATOM   16   O  O     . THR A 1 5  ? 8.084   -17.437 -7.144  1.00 48.03 ? 399  THR A O     1 
ATOM   17   C  CB    . THR A 1 5  ? 9.390   -19.223 -5.087  1.00 47.98 ? 399  THR A CB    1 
ATOM   18   O  OG1   . THR A 1 5  ? 8.431   -20.288 -5.044  1.00 46.93 ? 399  THR A OG1   1 
ATOM   19   C  CG2   . THR A 1 5  ? 10.464  -19.466 -4.029  1.00 47.02 ? 399  THR A CG2   1 
ATOM   20   N  N     . HIS A 1 6  ? 6.374   -17.564 -5.675  1.00 47.29 ? 400  HIS A N     1 
ATOM   21   C  CA    . HIS A 1 6  ? 5.300   -17.392 -6.676  1.00 47.15 ? 400  HIS A CA    1 
ATOM   22   C  C     . HIS A 1 6  ? 4.845   -15.924 -6.771  1.00 46.04 ? 400  HIS A C     1 
ATOM   23   O  O     . HIS A 1 6  ? 4.069   -15.444 -5.929  1.00 43.34 ? 400  HIS A O     1 
ATOM   24   C  CB    . HIS A 1 6  ? 4.102   -18.294 -6.330  1.00 48.64 ? 400  HIS A CB    1 
ATOM   25   C  CG    . HIS A 1 6  ? 4.448   -19.748 -6.224  1.00 53.00 ? 400  HIS A CG    1 
ATOM   26   N  ND1   . HIS A 1 6  ? 5.030   -20.297 -5.098  1.00 54.35 ? 400  HIS A ND1   1 
ATOM   27   C  CD2   . HIS A 1 6  ? 4.295   -20.769 -7.102  1.00 53.94 ? 400  HIS A CD2   1 
ATOM   28   C  CE1   . HIS A 1 6  ? 5.223   -21.590 -5.290  1.00 54.97 ? 400  HIS A CE1   1 
ATOM   29   N  NE2   . HIS A 1 6  ? 4.784   -21.903 -6.496  1.00 54.31 ? 400  HIS A NE2   1 
ATOM   30   N  N     . THR A 1 7  ? 5.324   -15.227 -7.802  1.00 41.48 ? 401  THR A N     1 
ATOM   31   C  CA    . THR A 1 7  ? 5.103   -13.784 -7.942  1.00 41.94 ? 401  THR A CA    1 
ATOM   32   C  C     . THR A 1 7  ? 3.943   -13.440 -8.888  1.00 39.80 ? 401  THR A C     1 
ATOM   33   O  O     . THR A 1 7  ? 3.851   -13.970 -9.994  1.00 41.11 ? 401  THR A O     1 
ATOM   34   C  CB    . THR A 1 7  ? 6.376   -13.078 -8.449  1.00 41.40 ? 401  THR A CB    1 
ATOM   35   O  OG1   . THR A 1 7  ? 7.504   -13.550 -7.704  1.00 41.40 ? 401  THR A OG1   1 
ATOM   36   C  CG2   . THR A 1 7  ? 6.253   -11.548 -8.294  1.00 41.09 ? 401  THR A CG2   1 
ATOM   37   N  N     . CYS A 1 8  ? 3.059   -12.550 -8.440  1.00 36.23 ? 402  CYS A N     1 
ATOM   38   C  CA    . CYS A 1 8  ? 2.038   -11.979 -9.308  1.00 33.57 ? 402  CYS A CA    1 
ATOM   39   C  C     . CYS A 1 8  ? 2.735   -11.047 -10.278 1.00 34.25 ? 402  CYS A C     1 
ATOM   40   O  O     . CYS A 1 8  ? 3.518   -10.184 -9.864  1.00 36.26 ? 402  CYS A O     1 
ATOM   41   C  CB    . CYS A 1 8  ? 0.999   -11.194 -8.509  1.00 32.64 ? 402  CYS A CB    1 
ATOM   42   S  SG    . CYS A 1 8  ? -0.425  -10.589 -9.517  1.00 21.36 ? 402  CYS A SG    1 
ATOM   43   N  N     . ASP A 1 9  ? 2.446   -11.214 -11.563 1.00 32.69 ? 403  ASP A N     1 
ATOM   44   C  CA    A ASP A 1 9  ? 3.101   -10.348 -12.545 0.50 33.43 ? 403  ASP A CA    1 
ATOM   45   C  CA    B ASP A 1 9  ? 3.038   -10.432 -12.647 0.50 31.78 ? 403  ASP A CA    1 
ATOM   46   C  C     . ASP A 1 9  ? 2.176   -9.227  -13.049 1.00 34.47 ? 403  ASP A C     1 
ATOM   47   O  O     . ASP A 1 9  ? 2.535   -8.483  -13.962 1.00 38.25 ? 403  ASP A O     1 
ATOM   48   C  CB    A ASP A 1 9  ? 3.748   -11.174 -13.670 0.50 34.73 ? 403  ASP A CB    1 
ATOM   49   C  CB    B ASP A 1 9  ? 3.330   -11.333 -13.881 0.50 30.49 ? 403  ASP A CB    1 
ATOM   50   C  CG    A ASP A 1 9  ? 5.188   -11.582 -13.333 0.50 32.44 ? 403  ASP A CG    1 
ATOM   51   C  CG    B ASP A 1 9  ? 2.106   -12.142 -14.371 0.50 26.87 ? 403  ASP A CG    1 
ATOM   52   O  OD1   A ASP A 1 9  ? 5.502   -12.786 -13.366 0.50 32.99 ? 403  ASP A OD1   1 
ATOM   53   O  OD1   B ASP A 1 9  ? 0.964   -11.904 -13.927 0.50 24.01 ? 403  ASP A OD1   1 
ATOM   54   O  OD2   A ASP A 1 9  ? 6.004   -10.691 -13.019 0.50 33.67 ? 403  ASP A OD2   1 
ATOM   55   O  OD2   B ASP A 1 9  ? 2.303   -13.034 -15.228 0.50 23.90 ? 403  ASP A OD2   1 
ATOM   56   N  N     . TYR A 1 10 ? 1.027   -9.052  -12.385 1.00 34.05 ? 404  TYR A N     1 
ATOM   57   C  CA    . TYR A 1 10 ? 0.092   -7.966  -12.720 1.00 33.47 ? 404  TYR A CA    1 
ATOM   58   C  C     . TYR A 1 10 ? 0.744   -6.592  -12.585 1.00 35.05 ? 404  TYR A C     1 
ATOM   59   O  O     . TYR A 1 10 ? 1.589   -6.388  -11.715 1.00 33.03 ? 404  TYR A O     1 
ATOM   60   C  CB    . TYR A 1 10 ? -1.176  -8.017  -11.852 1.00 33.70 ? 404  TYR A CB    1 
ATOM   61   C  CG    . TYR A 1 10 ? -2.312  -7.158  -12.390 1.00 30.11 ? 404  TYR A CG    1 
ATOM   62   C  CD1   . TYR A 1 10 ? -3.081  -7.588  -13.473 1.00 30.53 ? 404  TYR A CD1   1 
ATOM   63   C  CD2   . TYR A 1 10 ? -2.607  -5.914  -11.836 1.00 29.15 ? 404  TYR A CD2   1 
ATOM   64   C  CE1   . TYR A 1 10 ? -4.112  -6.805  -13.981 1.00 30.43 ? 404  TYR A CE1   1 
ATOM   65   C  CE2   . TYR A 1 10 ? -3.641  -5.134  -12.333 1.00 25.84 ? 404  TYR A CE2   1 
ATOM   66   C  CZ    . TYR A 1 10 ? -4.386  -5.582  -13.409 1.00 29.24 ? 404  TYR A CZ    1 
ATOM   67   O  OH    . TYR A 1 10 ? -5.413  -4.812  -13.907 1.00 28.69 ? 404  TYR A OH    1 
ATOM   68   N  N     . ALA A 1 11 ? 0.330   -5.663  -13.451 1.00 33.74 ? 405  ALA A N     1 
ATOM   69   C  CA    . ALA A 1 11 ? 0.850   -4.290  -13.479 1.00 35.23 ? 405  ALA A CA    1 
ATOM   70   C  C     . ALA A 1 11 ? 0.895   -3.613  -12.097 1.00 28.98 ? 405  ALA A C     1 
ATOM   71   O  O     . ALA A 1 11 ? -0.142  -3.425  -11.469 1.00 30.80 ? 405  ALA A O     1 
ATOM   72   C  CB    . ALA A 1 11 ? 0.003   -3.443  -14.438 1.00 34.96 ? 405  ALA A CB    1 
ATOM   73   N  N     . GLY A 1 12 ? 2.097   -3.257  -11.640 1.00 33.08 ? 406  GLY A N     1 
ATOM   74   C  CA    . GLY A 1 12 ? 2.273   -2.516  -10.380 1.00 32.37 ? 406  GLY A CA    1 
ATOM   75   C  C     . GLY A 1 12 ? 2.020   -3.300  -9.085  1.00 37.84 ? 406  GLY A C     1 
ATOM   76   O  O     . GLY A 1 12 ? 1.911   -2.697  -8.010  1.00 36.40 ? 406  GLY A O     1 
ATOM   77   N  N     . CYS A 1 13 ? 1.953   -4.634  -9.164  1.00 34.43 ? 407  CYS A N     1 
ATOM   78   C  CA    . CYS A 1 13 ? 1.607   -5.457  -7.999  1.00 32.92 ? 407  CYS A CA    1 
ATOM   79   C  C     . CYS A 1 13 ? 2.838   -6.022  -7.300  1.00 38.11 ? 407  CYS A C     1 
ATOM   80   O  O     . CYS A 1 13 ? 3.238   -5.504  -6.260  1.00 42.90 ? 407  CYS A O     1 
ATOM   81   C  CB    . CYS A 1 13 ? 0.652   -6.587  -8.393  1.00 30.36 ? 407  CYS A CB    1 
ATOM   82   S  SG    . CYS A 1 13 ? -0.048  -7.467  -6.965  1.00 24.27 ? 407  CYS A SG    1 
ATOM   83   N  N     . GLY A 1 14 ? 3.427   -7.084  -7.856  1.00 41.62 ? 408  GLY A N     1 
ATOM   84   C  CA    . GLY A 1 14 ? 4.639   -7.703  -7.286  1.00 43.86 ? 408  GLY A CA    1 
ATOM   85   C  C     . GLY A 1 14 ? 4.454   -8.621  -6.073  1.00 42.25 ? 408  GLY A C     1 
ATOM   86   O  O     . GLY A 1 14 ? 5.426   -9.243  -5.619  1.00 41.87 ? 408  GLY A O     1 
ATOM   87   N  N     . LYS A 1 15 ? 3.225   -8.710  -5.548  1.00 38.34 ? 409  LYS A N     1 
ATOM   88   C  CA    . LYS A 1 15 ? 2.917   -9.578  -4.403  1.00 35.04 ? 409  LYS A CA    1 
ATOM   89   C  C     . LYS A 1 15 ? 3.367   -11.016 -4.677  1.00 34.22 ? 409  LYS A C     1 
ATOM   90   O  O     . LYS A 1 15 ? 3.111   -11.554 -5.752  1.00 34.34 ? 409  LYS A O     1 
ATOM   91   C  CB    . LYS A 1 15 ? 1.422   -9.547  -4.075  1.00 34.67 ? 409  LYS A CB    1 
ATOM   92   C  CG    . LYS A 1 15 ? 0.931   -8.204  -3.475  1.00 35.90 ? 409  LYS A CG    1 
ATOM   93   C  CD    . LYS A 1 15 ? -0.578  -8.180  -3.250  1.00 33.90 ? 409  LYS A CD    1 
ATOM   94   C  CE    . LYS A 1 15 ? -1.009  -6.959  -2.456  1.00 37.92 ? 409  LYS A CE    1 
ATOM   95   N  NZ    . LYS A 1 15 ? -0.563  -7.052  -1.022  1.00 40.75 ? 409  LYS A NZ    1 
ATOM   96   N  N     . THR A 1 16 ? 4.048   -11.621 -3.701  1.00 35.84 ? 410  THR A N     1 
ATOM   97   C  CA    . THR A 1 16 ? 4.609   -12.976 -3.846  1.00 31.16 ? 410  THR A CA    1 
ATOM   98   C  C     . THR A 1 16 ? 3.946   -13.925 -2.850  1.00 32.46 ? 410  THR A C     1 
ATOM   99   O  O     . THR A 1 16 ? 3.484   -13.499 -1.782  1.00 25.32 ? 410  THR A O     1 
ATOM   100  C  CB    . THR A 1 16 ? 6.133   -12.983 -3.645  1.00 33.56 ? 410  THR A CB    1 
ATOM   101  O  OG1   . THR A 1 16 ? 6.448   -12.538 -2.324  1.00 33.23 ? 410  THR A OG1   1 
ATOM   102  C  CG2   . THR A 1 16 ? 6.815   -12.056 -4.659  1.00 33.39 ? 410  THR A CG2   1 
ATOM   103  N  N     . TYR A 1 17 ? 3.860   -15.204 -3.214  1.00 30.11 ? 411  TYR A N     1 
ATOM   104  C  CA    . TYR A 1 17 ? 3.162   -16.191 -2.383  1.00 29.75 ? 411  TYR A CA    1 
ATOM   105  C  C     . TYR A 1 17 ? 4.026   -17.439 -2.207  1.00 29.72 ? 411  TYR A C     1 
ATOM   106  O  O     . TYR A 1 17 ? 4.902   -17.726 -3.036  1.00 28.53 ? 411  TYR A O     1 
ATOM   107  C  CB    . TYR A 1 17 ? 1.773   -16.519 -2.961  1.00 27.21 ? 411  TYR A CB    1 
ATOM   108  C  CG    . TYR A 1 17 ? 0.900   -15.290 -3.015  1.00 29.09 ? 411  TYR A CG    1 
ATOM   109  C  CD1   . TYR A 1 17 ? 0.011   -14.993 -1.980  1.00 26.49 ? 411  TYR A CD1   1 
ATOM   110  C  CD2   . TYR A 1 17 ? 1.004   -14.392 -4.081  1.00 31.58 ? 411  TYR A CD2   1 
ATOM   111  C  CE1   . TYR A 1 17 ? -0.761  -13.843 -2.011  1.00 29.39 ? 411  TYR A CE1   1 
ATOM   112  C  CE2   . TYR A 1 17 ? 0.239   -13.241 -4.121  1.00 28.93 ? 411  TYR A CE2   1 
ATOM   113  C  CZ    . TYR A 1 17 ? -0.640  -12.975 -3.087  1.00 29.29 ? 411  TYR A CZ    1 
ATOM   114  O  OH    . TYR A 1 17 ? -1.399  -11.841 -3.118  1.00 29.27 ? 411  TYR A OH    1 
ATOM   115  N  N     . THR A 1 18 ? 3.798   -18.143 -1.100  1.00 27.76 ? 412  THR A N     1 
ATOM   116  C  CA    . THR A 1 18 ? 4.536   -19.369 -0.796  1.00 28.68 ? 412  THR A CA    1 
ATOM   117  C  C     . THR A 1 18 ? 3.981   -20.537 -1.608  1.00 30.78 ? 412  THR A C     1 
ATOM   118  O  O     . THR A 1 18 ? 4.715   -21.484 -1.918  1.00 35.25 ? 412  THR A O     1 
ATOM   119  C  CB    . THR A 1 18 ? 4.509   -19.693 0.735   1.00 29.26 ? 412  THR A CB    1 
ATOM   120  O  OG1   . THR A 1 18 ? 3.166   -19.956 1.168   1.00 26.81 ? 412  THR A OG1   1 
ATOM   121  C  CG2   . THR A 1 18 ? 5.083   -18.526 1.534   1.00 22.90 ? 412  THR A CG2   1 
ATOM   122  N  N     . LYS A 1 19 ? 2.694   -20.461 -1.960  1.00 33.56 ? 413  LYS A N     1 
ATOM   123  C  CA    . LYS A 1 19 ? 2.021   -21.499 -2.759  1.00 35.31 ? 413  LYS A CA    1 
ATOM   124  C  C     . LYS A 1 19 ? 1.490   -20.969 -4.108  1.00 35.01 ? 413  LYS A C     1 
ATOM   125  O  O     . LYS A 1 19 ? 1.057   -19.809 -4.217  1.00 33.25 ? 413  LYS A O     1 
ATOM   126  C  CB    . LYS A 1 19 ? 0.848   -22.096 -1.972  1.00 37.47 ? 413  LYS A CB    1 
ATOM   127  C  CG    . LYS A 1 19 ? 1.174   -22.521 -0.547  1.00 39.84 ? 413  LYS A CG    1 
ATOM   128  C  CD    . LYS A 1 19 ? -0.016  -23.213 0.101   1.00 42.09 ? 413  LYS A CD    1 
ATOM   129  C  CE    . LYS A 1 19 ? 0.387   -24.014 1.335   1.00 44.75 ? 413  LYS A CE    1 
ATOM   130  N  NZ    . LYS A 1 19 ? -0.598  -25.095 1.620   1.00 43.91 ? 413  LYS A NZ    1 
ATOM   131  N  N     . SER A 1 20 ? 1.513   -21.838 -5.121  1.00 34.33 ? 414  SER A N     1 
ATOM   132  C  CA    . SER A 1 20 ? 0.829   -21.589 -6.402  1.00 33.32 ? 414  SER A CA    1 
ATOM   133  C  C     . SER A 1 20 ? -0.670  -21.349 -6.137  1.00 32.73 ? 414  SER A C     1 
ATOM   134  O  O     . SER A 1 20 ? -1.296  -20.478 -6.760  1.00 30.98 ? 414  SER A O     1 
ATOM   135  C  CB    . SER A 1 20 ? 1.022   -22.783 -7.349  1.00 34.98 ? 414  SER A CB    1 
ATOM   136  O  OG    . SER A 1 20 ? 0.931   -22.389 -8.707  1.00 33.38 ? 414  SER A OG    1 
ATOM   137  N  N     . SER A 1 21 ? -1.214  -22.124 -5.196  1.00 27.46 ? 415  SER A N     1 
ATOM   138  C  CA    . SER A 1 21 ? -2.598  -22.015 -4.744  1.00 27.25 ? 415  SER A CA    1 
ATOM   139  C  C     . SER A 1 21 ? -2.977  -20.575 -4.435  1.00 29.22 ? 415  SER A C     1 
ATOM   140  O  O     . SER A 1 21 ? -4.002  -20.073 -4.909  1.00 26.78 ? 415  SER A O     1 
ATOM   141  C  CB    . SER A 1 21 ? -2.801  -22.884 -3.494  1.00 26.12 ? 415  SER A CB    1 
ATOM   142  O  OG    . SER A 1 21 ? -3.952  -22.497 -2.769  1.00 26.97 ? 415  SER A OG    1 
ATOM   143  N  N     . HIS A 1 22 ? -2.138  -19.919 -3.636  1.00 27.33 ? 416  HIS A N     1 
ATOM   144  C  CA    . HIS A 1 22 ? -2.421  -18.569 -3.175  1.00 31.92 ? 416  HIS A CA    1 
ATOM   145  C  C     . HIS A 1 22 ? -2.260  -17.506 -4.274  1.00 26.57 ? 416  HIS A C     1 
ATOM   146  O  O     . HIS A 1 22 ? -3.068  -16.581 -4.333  1.00 25.06 ? 416  HIS A O     1 
ATOM   147  C  CB    . HIS A 1 22 ? -1.529  -18.222 -1.990  1.00 37.57 ? 416  HIS A CB    1 
ATOM   148  C  CG    . HIS A 1 22 ? -1.836  -19.003 -0.747  1.00 44.04 ? 416  HIS A CG    1 
ATOM   149  N  ND1   . HIS A 1 22 ? -0.851  -19.507 0.076   1.00 45.15 ? 416  HIS A ND1   1 
ATOM   150  C  CD2   . HIS A 1 22 ? -3.017  -19.347 -0.178  1.00 47.61 ? 416  HIS A CD2   1 
ATOM   151  C  CE1   . HIS A 1 22 ? -1.412  -20.127 1.100   1.00 46.98 ? 416  HIS A CE1   1 
ATOM   152  N  NE2   . HIS A 1 22 ? -2.725  -20.049 0.969   1.00 48.03 ? 416  HIS A NE2   1 
ATOM   153  N  N     . LEU A 1 23 ? -1.216  -17.638 -5.110  1.00 25.73 ? 417  LEU A N     1 
ATOM   154  C  CA    . LEU A 1 23 ? -0.985  -16.735 -6.252  1.00 24.00 ? 417  LEU A CA    1 
ATOM   155  C  C     . LEU A 1 23 ? -2.131  -16.800 -7.256  1.00 23.53 ? 417  LEU A C     1 
ATOM   156  O  O     . LEU A 1 23 ? -2.582  -15.769 -7.757  1.00 25.34 ? 417  LEU A O     1 
ATOM   157  C  CB    . LEU A 1 23 ? 0.342   -17.043 -6.971  1.00 26.04 ? 417  LEU A CB    1 
ATOM   158  C  CG    . LEU A 1 23 ? 0.600   -16.318 -8.318  1.00 25.91 ? 417  LEU A CG    1 
ATOM   159  C  CD1   . LEU A 1 23 ? 0.484   -14.784 -8.180  1.00 28.52 ? 417  LEU A CD1   1 
ATOM   160  C  CD2   . LEU A 1 23 ? 1.954   -16.689 -8.955  1.00 27.25 ? 417  LEU A CD2   1 
ATOM   161  N  N     . LYS A 1 24 ? -2.563  -18.027 -7.565  1.00 24.85 ? 418  LYS A N     1 
ATOM   162  C  CA    . LYS A 1 24 ? -3.746  -18.303 -8.406  1.00 23.89 ? 418  LYS A CA    1 
ATOM   163  C  C     . LYS A 1 24 ? -4.995  -17.502 -7.956  1.00 23.74 ? 418  LYS A C     1 
ATOM   164  O  O     . LYS A 1 24 ? -5.588  -16.774 -8.761  1.00 20.48 ? 418  LYS A O     1 
ATOM   165  C  CB    . LYS A 1 24 ? -4.008  -19.828 -8.393  1.00 23.88 ? 418  LYS A CB    1 
ATOM   166  C  CG    . LYS A 1 24 ? -5.220  -20.349 -9.147  1.00 29.11 ? 418  LYS A CG    1 
ATOM   167  C  CD    . LYS A 1 24 ? -5.274  -21.906 -9.040  1.00 26.01 ? 418  LYS A CD    1 
ATOM   168  C  CE    . LYS A 1 24 ? -6.424  -22.531 -9.841  1.00 31.81 ? 418  LYS A CE    1 
ATOM   169  N  NZ    . LYS A 1 24 ? -6.598  -24.011 -9.586  1.00 27.48 ? 418  LYS A NZ    1 
ATOM   170  N  N     . ALA A 1 25 ? -5.358  -17.604 -6.673  1.00 20.29 ? 419  ALA A N     1 
ATOM   171  C  CA    . ALA A 1 25 ? -6.549  -16.933 -6.156  1.00 20.30 ? 419  ALA A CA    1 
ATOM   172  C  C     . ALA A 1 25 ? -6.307  -15.429 -6.045  1.00 25.01 ? 419  ALA A C     1 
ATOM   173  O  O     . ALA A 1 25 ? -7.238  -14.628 -6.195  1.00 19.90 ? 419  ALA A O     1 
ATOM   174  C  CB    . ALA A 1 25 ? -6.948  -17.490 -4.801  1.00 19.22 ? 419  ALA A CB    1 
ATOM   175  N  N     . HIS A 1 26 ? -5.070  -15.034 -5.765  1.00 25.05 ? 420  HIS A N     1 
ATOM   176  C  CA    . HIS A 1 26 ? -4.769  -13.606 -5.775  1.00 26.99 ? 420  HIS A CA    1 
ATOM   177  C  C     . HIS A 1 26 ? -4.988  -13.010 -7.163  1.00 24.06 ? 420  HIS A C     1 
ATOM   178  O  O     . HIS A 1 26 ? -5.592  -11.946 -7.274  1.00 22.18 ? 420  HIS A O     1 
ATOM   179  C  CB    . HIS A 1 26 ? -3.352  -13.290 -5.353  1.00 27.66 ? 420  HIS A CB    1 
ATOM   180  C  CG    . HIS A 1 26 ? -2.954  -11.897 -5.700  1.00 19.81 ? 420  HIS A CG    1 
ATOM   181  N  ND1   . HIS A 1 26 ? -3.562  -10.798 -5.127  1.00 22.69 ? 420  HIS A ND1   1 
ATOM   182  C  CD2   . HIS A 1 26 ? -2.066  -11.416 -6.600  1.00 22.16 ? 420  HIS A CD2   1 
ATOM   183  C  CE1   . HIS A 1 26 ? -3.040  -9.698  -5.635  1.00 24.88 ? 420  HIS A CE1   1 
ATOM   184  N  NE2   . HIS A 1 26 ? -2.132  -10.041 -6.532  1.00 16.14 ? 420  HIS A NE2   1 
ATOM   185  N  N     . LEU A 1 27 ? -4.493  -13.696 -8.201  1.00 25.14 ? 421  LEU A N     1 
ATOM   186  C  CA    . LEU A 1 27 ? -4.615  -13.229 -9.600  1.00 21.14 ? 421  LEU A CA    1 
ATOM   187  C  C     . LEU A 1 27 ? -6.069  -12.938 -10.001 1.00 23.06 ? 421  LEU A C     1 
ATOM   188  O  O     . LEU A 1 27 ? -6.312  -12.061 -10.834 1.00 21.42 ? 421  LEU A O     1 
ATOM   189  C  CB    . LEU A 1 27 ? -3.985  -14.246 -10.581 1.00 24.41 ? 421  LEU A CB    1 
ATOM   190  C  CG    . LEU A 1 27 ? -2.459  -14.219 -10.787 1.00 24.58 ? 421  LEU A CG    1 
ATOM   191  C  CD1   . LEU A 1 27 ? -1.981  -15.419 -11.629 1.00 28.70 ? 421  LEU A CD1   1 
ATOM   192  C  CD2   . LEU A 1 27 ? -2.028  -12.910 -11.447 1.00 21.48 ? 421  LEU A CD2   1 
ATOM   193  N  N     . ARG A 1 28 ? -7.020  -13.658 -9.396  1.00 20.91 ? 422  ARG A N     1 
ATOM   194  C  CA    . ARG A 1 28 ? -8.451  -13.464 -9.660  1.00 22.49 ? 422  ARG A CA    1 
ATOM   195  C  C     . ARG A 1 28 ? -8.967  -12.090 -9.196  1.00 18.01 ? 422  ARG A C     1 
ATOM   196  O  O     . ARG A 1 28 ? -9.984  -11.625 -9.700  1.00 19.15 ? 422  ARG A O     1 
ATOM   197  C  CB    . ARG A 1 28 ? -9.298  -14.569 -9.003  1.00 24.20 ? 422  ARG A CB    1 
ATOM   198  C  CG    . ARG A 1 28 ? -9.051  -16.008 -9.506  1.00 26.04 ? 422  ARG A CG    1 
ATOM   199  C  CD    . ARG A 1 28 ? -9.956  -16.983 -8.744  1.00 27.57 ? 422  ARG A CD    1 
ATOM   200  N  NE    . ARG A 1 28 ? -9.881  -18.386 -9.192  1.00 34.09 ? 422  ARG A NE    1 
ATOM   201  C  CZ    . ARG A 1 28 ? -9.352  -19.407 -8.502  1.00 35.79 ? 422  ARG A CZ    1 
ATOM   202  N  NH1   . ARG A 1 28 ? -8.794  -19.225 -7.299  1.00 35.06 ? 422  ARG A NH1   1 
ATOM   203  N  NH2   . ARG A 1 28 ? -9.372  -20.635 -9.022  1.00 34.67 ? 422  ARG A NH2   1 
ATOM   204  N  N     . THR A 1 29 ? -8.289  -11.456 -8.236  1.00 21.03 ? 423  THR A N     1 
ATOM   205  C  CA    . THR A 1 29 ? -8.719  -10.156 -7.702  1.00 19.42 ? 423  THR A CA    1 
ATOM   206  C  C     . THR A 1 29 ? -8.442  -9.007  -8.677  1.00 19.77 ? 423  THR A C     1 
ATOM   207  O  O     . THR A 1 29 ? -9.049  -7.952  -8.568  1.00 15.99 ? 423  THR A O     1 
ATOM   208  C  CB    . THR A 1 29 ? -8.026  -9.794  -6.341  1.00 24.10 ? 423  THR A CB    1 
ATOM   209  O  OG1   . THR A 1 29 ? -6.648  -9.460  -6.575  1.00 16.04 ? 423  THR A OG1   1 
ATOM   210  C  CG2   . THR A 1 29 ? -8.150  -10.953 -5.321  1.00 22.26 ? 423  THR A CG2   1 
ATOM   211  N  N     . HIS A 1 30 ? -7.512  -9.214  -9.610  1.00 23.39 ? 424  HIS A N     1 
ATOM   212  C  CA    . HIS A 1 30 ? -7.098  -8.166  -10.540 1.00 22.27 ? 424  HIS A CA    1 
ATOM   213  C  C     . HIS A 1 30 ? -8.105  -8.127  -11.691 1.00 24.98 ? 424  HIS A C     1 
ATOM   214  O  O     . HIS A 1 30 ? -7.847  -8.606  -12.798 1.00 24.18 ? 424  HIS A O     1 
ATOM   215  C  CB    . HIS A 1 30 ? -5.672  -8.423  -11.045 1.00 23.90 ? 424  HIS A CB    1 
ATOM   216  C  CG    . HIS A 1 30 ? -4.609  -8.282  -9.996  1.00 21.68 ? 424  HIS A CG    1 
ATOM   217  N  ND1   . HIS A 1 30 ? -4.340  -7.090  -9.353  1.00 23.01 ? 424  HIS A ND1   1 
ATOM   218  C  CD2   . HIS A 1 30 ? -3.702  -9.174  -9.527  1.00 19.75 ? 424  HIS A CD2   1 
ATOM   219  C  CE1   . HIS A 1 30 ? -3.332  -7.266  -8.512  1.00 21.39 ? 424  HIS A CE1   1 
ATOM   220  N  NE2   . HIS A 1 30 ? -2.927  -8.526  -8.593  1.00 18.54 ? 424  HIS A NE2   1 
ATOM   221  N  N     . THR A 1 31 ? -9.274  -7.569  -11.395 1.00 21.49 ? 425  THR A N     1 
ATOM   222  C  CA    . THR A 1 31 ? -10.395 -7.547  -12.320 1.00 20.32 ? 425  THR A CA    1 
ATOM   223  C  C     . THR A 1 31 ? -11.260 -6.326  -12.021 1.00 17.09 ? 425  THR A C     1 
ATOM   224  O  O     . THR A 1 31 ? -11.248 -5.819  -10.904 1.00 18.96 ? 425  THR A O     1 
ATOM   225  C  CB    . THR A 1 31 ? -11.255 -8.839  -12.183 1.00 20.96 ? 425  THR A CB    1 
ATOM   226  O  OG1   . THR A 1 31 ? -12.086 -8.997  -13.340 1.00 18.70 ? 425  THR A OG1   1 
ATOM   227  C  CG2   . THR A 1 31 ? -12.134 -8.803  -10.924 1.00 20.41 ? 425  THR A CG2   1 
ATOM   228  N  N     . GLY A 1 32 ? -11.996 -5.851  -13.027 1.00 15.99 ? 426  GLY A N     1 
ATOM   229  C  CA    . GLY A 1 32 ? -12.975 -4.779  -12.839 1.00 12.49 ? 426  GLY A CA    1 
ATOM   230  C  C     . GLY A 1 32 ? -12.464 -3.342  -12.864 1.00 17.09 ? 426  GLY A C     1 
ATOM   231  O  O     . GLY A 1 32 ? -11.348 -3.041  -13.334 1.00 14.62 ? 426  GLY A O     1 
ATOM   232  N  N     . GLU A 1 33 ? -13.312 -2.454  -12.349 1.00 15.36 ? 427  GLU A N     1 
ATOM   233  C  CA    . GLU A 1 33 ? -13.010 -1.033  -12.269 1.00 17.28 ? 427  GLU A CA    1 
ATOM   234  C  C     . GLU A 1 33 ? -11.848 -0.766  -11.309 1.00 17.56 ? 427  GLU A C     1 
ATOM   235  O  O     . GLU A 1 33 ? -11.084 0.179   -11.523 1.00 16.21 ? 427  GLU A O     1 
ATOM   236  C  CB    . GLU A 1 33 ? -14.260 -0.259  -11.830 1.00 20.25 ? 427  GLU A CB    1 
ATOM   237  C  CG    . GLU A 1 33 ? -14.136 1.250   -11.993 1.00 26.30 ? 427  GLU A CG    1 
ATOM   238  C  CD    . GLU A 1 33 ? -15.409 1.993   -11.671 1.00 30.79 ? 427  GLU A CD    1 
ATOM   239  O  OE1   . GLU A 1 33 ? -16.486 1.550   -12.124 1.00 35.29 ? 427  GLU A OE1   1 
ATOM   240  O  OE2   . GLU A 1 33 ? -15.330 3.041   -10.984 1.00 37.31 ? 427  GLU A OE2   1 
ATOM   241  N  N     . LYS A 1 34 ? -11.687 -1.616  -10.287 1.00 18.55 ? 428  LYS A N     1 
ATOM   242  C  CA    . LYS A 1 34 ? -10.644 -1.422  -9.242  1.00 12.15 ? 428  LYS A CA    1 
ATOM   243  C  C     . LYS A 1 34 ? -9.881  -2.719  -8.937  1.00 16.53 ? 428  LYS A C     1 
ATOM   244  O  O     . LYS A 1 34 ? -10.233 -3.427  -7.996  1.00 14.16 ? 428  LYS A O     1 
ATOM   245  C  CB    . LYS A 1 34 ? -11.321 -0.893  -7.979  1.00 17.08 ? 428  LYS A CB    1 
ATOM   246  C  CG    . LYS A 1 34 ? -11.824 0.522   -8.138  1.00 16.30 ? 428  LYS A CG    1 
ATOM   247  C  CD    . LYS A 1 34 ? -12.697 0.959   -7.010  1.00 20.03 ? 428  LYS A CD    1 
ATOM   248  C  CE    . LYS A 1 34 ? -13.193 2.360   -7.285  1.00 22.83 ? 428  LYS A CE    1 
ATOM   249  N  NZ    . LYS A 1 34 ? -14.414 2.687   -6.525  1.00 25.32 ? 428  LYS A NZ    1 
ATOM   250  N  N     . PRO A 1 35 ? -8.856  -3.041  -9.750  1.00 16.67 ? 429  PRO A N     1 
ATOM   251  C  CA    . PRO A 1 35 ? -8.208  -4.354  -9.654  1.00 17.06 ? 429  PRO A CA    1 
ATOM   252  C  C     . PRO A 1 35 ? -7.163  -4.455  -8.564  1.00 18.55 ? 429  PRO A C     1 
ATOM   253  O  O     . PRO A 1 35 ? -6.457  -5.463  -8.518  1.00 15.33 ? 429  PRO A O     1 
ATOM   254  C  CB    . PRO A 1 35 ? -7.563  -4.555  -11.050 1.00 16.99 ? 429  PRO A CB    1 
ATOM   255  C  CG    . PRO A 1 35 ? -7.605  -3.180  -11.726 1.00 18.78 ? 429  PRO A CG    1 
ATOM   256  C  CD    . PRO A 1 35 ? -8.274  -2.217  -10.825 1.00 13.41 ? 429  PRO A CD    1 
ATOM   257  N  N     . TYR A 1 36 ? -7.064  -3.425  -7.703  1.00 15.93 ? 430  TYR A N     1 
ATOM   258  C  CA    . TYR A 1 36 ? -6.119  -3.400  -6.578  1.00 17.04 ? 430  TYR A CA    1 
ATOM   259  C  C     . TYR A 1 36 ? -6.893  -3.460  -5.256  1.00 17.47 ? 430  TYR A C     1 
ATOM   260  O  O     . TYR A 1 36 ? -7.354  -2.463  -4.734  1.00 14.91 ? 430  TYR A O     1 
ATOM   261  C  CB    . TYR A 1 36 ? -5.253  -2.146  -6.662  1.00 16.15 ? 430  TYR A CB    1 
ATOM   262  C  CG    . TYR A 1 36 ? -4.462  -2.103  -7.954  1.00 17.84 ? 430  TYR A CG    1 
ATOM   263  C  CD1   . TYR A 1 36 ? -3.301  -2.878  -8.117  1.00 17.29 ? 430  TYR A CD1   1 
ATOM   264  C  CD2   . TYR A 1 36 ? -4.903  -1.342  -9.039  1.00 18.83 ? 430  TYR A CD2   1 
ATOM   265  C  CE1   . TYR A 1 36 ? -2.582  -2.852  -9.310  1.00 18.87 ? 430  TYR A CE1   1 
ATOM   266  C  CE2   . TYR A 1 36 ? -4.192  -1.314  -10.226 1.00 16.43 ? 430  TYR A CE2   1 
ATOM   267  C  CZ    . TYR A 1 36 ? -3.044  -2.060  -10.362 1.00 17.01 ? 430  TYR A CZ    1 
ATOM   268  O  OH    . TYR A 1 36 ? -2.364  -2.027  -11.557 1.00 18.43 ? 430  TYR A OH    1 
ATOM   269  N  N     . HIS A 1 37 ? -7.060  -4.681  -4.778  1.00 14.69 ? 431  HIS A N     1 
ATOM   270  C  CA    . HIS A 1 37 ? -7.811  -5.015  -3.592  1.00 18.14 ? 431  HIS A CA    1 
ATOM   271  C  C     . HIS A 1 37 ? -6.861  -5.069  -2.416  1.00 19.46 ? 431  HIS A C     1 
ATOM   272  O  O     . HIS A 1 37 ? -5.890  -5.833  -2.437  1.00 17.40 ? 431  HIS A O     1 
ATOM   273  C  CB    . HIS A 1 37 ? -8.454  -6.406  -3.775  1.00 20.95 ? 431  HIS A CB    1 
ATOM   274  C  CG    . HIS A 1 37 ? -9.489  -6.460  -4.861  1.00 20.48 ? 431  HIS A CG    1 
ATOM   275  N  ND1   . HIS A 1 37 ? -10.567 -7.320  -4.809  1.00 20.29 ? 431  HIS A ND1   1 
ATOM   276  C  CD2   . HIS A 1 37 ? -9.624  -5.751  -6.011  1.00 25.17 ? 431  HIS A CD2   1 
ATOM   277  C  CE1   . HIS A 1 37 ? -11.317 -7.145  -5.887  1.00 26.74 ? 431  HIS A CE1   1 
ATOM   278  N  NE2   . HIS A 1 37 ? -10.772 -6.196  -6.630  1.00 27.30 ? 431  HIS A NE2   1 
ATOM   279  N  N     . CYS A 1 38 ? -7.159  -4.279  -1.382  1.00 16.07 ? 432  CYS A N     1 
ATOM   280  C  CA    . CYS A 1 38 ? -6.439  -4.398  -0.130  1.00 14.45 ? 432  CYS A CA    1 
ATOM   281  C  C     . CYS A 1 38 ? -6.716  -5.774  0.448   1.00 15.88 ? 432  CYS A C     1 
ATOM   282  O  O     . CYS A 1 38 ? -7.881  -6.234  0.484   1.00 13.59 ? 432  CYS A O     1 
ATOM   283  C  CB    . CYS A 1 38 ? -6.865  -3.324  0.879   1.00 16.18 ? 432  CYS A CB    1 
ATOM   284  S  SG    . CYS A 1 38 ? -5.885  -3.395  2.396   1.00 14.52 ? 432  CYS A SG    1 
ATOM   285  N  N     . ASP A 1 39 ? -5.644  -6.421  0.893   1.00 14.14 ? 433  ASP A N     1 
ATOM   286  C  CA    . ASP A 1 39 ? -5.723  -7.790  1.383   1.00 17.92 ? 433  ASP A CA    1 
ATOM   287  C  C     . ASP A 1 39 ? -5.647  -7.895  2.888   1.00 17.34 ? 433  ASP A C     1 
ATOM   288  O  O     . ASP A 1 39 ? -5.516  -8.981  3.424   1.00 16.49 ? 433  ASP A O     1 
ATOM   289  C  CB    . ASP A 1 39 ? -4.686  -8.688  0.695   1.00 15.04 ? 433  ASP A CB    1 
ATOM   290  C  CG    . ASP A 1 39 ? -3.263  -8.332  1.032   1.00 22.50 ? 433  ASP A CG    1 
ATOM   291  O  OD1   . ASP A 1 39 ? -3.027  -7.449  1.889   1.00 24.38 ? 433  ASP A OD1   1 
ATOM   292  O  OD2   . ASP A 1 39 ? -2.369  -8.952  0.417   1.00 23.76 ? 433  ASP A OD2   1 
ATOM   293  N  N     . TRP A 1 40 ? -5.769  -6.759  3.566   1.00 16.81 ? 434  TRP A N     1 
ATOM   294  C  CA    . TRP A 1 40 ? -5.792  -6.716  5.016   1.00 13.40 ? 434  TRP A CA    1 
ATOM   295  C  C     . TRP A 1 40 ? -7.106  -7.267  5.517   1.00 14.90 ? 434  TRP A C     1 
ATOM   296  O  O     . TRP A 1 40 ? -8.197  -6.917  5.042   1.00 14.50 ? 434  TRP A O     1 
ATOM   297  C  CB    . TRP A 1 40 ? -5.594  -5.282  5.487   1.00 12.87 ? 434  TRP A CB    1 
ATOM   298  C  CG    . TRP A 1 40 ? -5.308  -5.149  6.899   1.00 11.18 ? 434  TRP A CG    1 
ATOM   299  C  CD1   . TRP A 1 40 ? -6.224  -4.997  7.904   1.00 13.65 ? 434  TRP A CD1   1 
ATOM   300  C  CD2   . TRP A 1 40 ? -4.024  -5.125  7.516   1.00 12.39 ? 434  TRP A CD2   1 
ATOM   301  N  NE1   . TRP A 1 40 ? -5.588  -4.849  9.100   1.00 13.96 ? 434  TRP A NE1   1 
ATOM   302  C  CE2   . TRP A 1 40 ? -4.237  -4.934  8.898   1.00 9.67  ? 434  TRP A CE2   1 
ATOM   303  C  CE3   . TRP A 1 40 ? -2.706  -5.217  7.037   1.00 14.86 ? 434  TRP A CE3   1 
ATOM   304  C  CZ2   . TRP A 1 40 ? -3.192  -4.890  9.817   1.00 11.84 ? 434  TRP A CZ2   1 
ATOM   305  C  CZ3   . TRP A 1 40 ? -1.648  -5.160  7.973   1.00 13.75 ? 434  TRP A CZ3   1 
ATOM   306  C  CH2   . TRP A 1 40 ? -1.906  -4.982  9.335   1.00 16.46 ? 434  TRP A CH2   1 
ATOM   307  N  N     . ASP A 1 41 ? -7.001  -8.177  6.472   1.00 17.78 ? 435  ASP A N     1 
ATOM   308  C  CA    . ASP A 1 41 ? -8.154  -8.859  7.017   1.00 17.53 ? 435  ASP A CA    1 
ATOM   309  C  C     . ASP A 1 41 ? -9.260  -7.879  7.399   1.00 16.89 ? 435  ASP A C     1 
ATOM   310  O  O     . ASP A 1 41 ? -9.054  -7.000  8.238   1.00 20.67 ? 435  ASP A O     1 
ATOM   311  C  CB    . ASP A 1 41 ? -7.742  -9.690  8.246   1.00 23.92 ? 435  ASP A CB    1 
ATOM   312  C  CG    . ASP A 1 41 ? -6.970  -10.967 7.879   1.00 26.42 ? 435  ASP A CG    1 
ATOM   313  O  OD1   . ASP A 1 41 ? -7.004  -11.388 6.705   1.00 21.85 ? 435  ASP A OD1   1 
ATOM   314  O  OD2   . ASP A 1 41 ? -6.340  -11.555 8.786   1.00 29.62 ? 435  ASP A OD2   1 
ATOM   315  N  N     . GLY A 1 42 ? -10.420 -8.000  6.755   1.00 19.55 ? 436  GLY A N     1 
ATOM   316  C  CA    . GLY A 1 42 ? -11.612 -7.228  7.163   1.00 19.32 ? 436  GLY A CA    1 
ATOM   317  C  C     . GLY A 1 42 ? -11.742 -5.814  6.613   1.00 25.39 ? 436  GLY A C     1 
ATOM   318  O  O     . GLY A 1 42 ? -12.757 -5.134  6.826   1.00 18.81 ? 436  GLY A O     1 
ATOM   319  N  N     . CYS A 1 43 ? -10.721 -5.374  5.894   1.00 18.55 ? 437  CYS A N     1 
ATOM   320  C  CA    . CYS A 1 43 ? -10.711 -4.024  5.299   1.00 18.64 ? 437  CYS A CA    1 
ATOM   321  C  C     . CYS A 1 43 ? -11.694 -3.898  4.124   1.00 18.69 ? 437  CYS A C     1 
ATOM   322  O  O     . CYS A 1 43 ? -12.677 -3.125  4.188   1.00 21.58 ? 437  CYS A O     1 
ATOM   323  C  CB    . CYS A 1 43 ? -9.305  -3.673  4.831   1.00 21.99 ? 437  CYS A CB    1 
ATOM   324  S  SG    . CYS A 1 43 ? -9.281  -2.121  3.957   1.00 17.86 ? 437  CYS A SG    1 
ATOM   325  N  N     . GLY A 1 44 ? -11.414 -4.630  3.046   1.00 18.29 ? 438  GLY A N     1 
ATOM   326  C  CA    . GLY A 1 44 ? -12.290 -4.634  1.857   1.00 17.47 ? 438  GLY A CA    1 
ATOM   327  C  C     . GLY A 1 44 ? -12.151 -3.489  0.878   1.00 21.60 ? 438  GLY A C     1 
ATOM   328  O  O     . GLY A 1 44 ? -12.847 -3.459  -0.156  1.00 22.15 ? 438  GLY A O     1 
ATOM   329  N  N     . TRP A 1 45 ? -11.281 -2.527  1.161   1.00 18.79 ? 439  TRP A N     1 
ATOM   330  C  CA    . TRP A 1 45 ? -11.046 -1.436  0.181   1.00 17.44 ? 439  TRP A CA    1 
ATOM   331  C  C     . TRP A 1 45 ? -10.474 -1.956  -1.136  1.00 17.26 ? 439  TRP A C     1 
ATOM   332  O  O     . TRP A 1 45 ? -9.747  -2.939  -1.172  1.00 19.06 ? 439  TRP A O     1 
ATOM   333  C  CB    . TRP A 1 45 ? -10.164 -0.298  0.742   1.00 17.28 ? 439  TRP A CB    1 
ATOM   334  C  CG    . TRP A 1 45 ? -10.954 0.701   1.508   1.00 17.74 ? 439  TRP A CG    1 
ATOM   335  C  CD1   . TRP A 1 45 ? -11.245 0.670   2.834   1.00 19.86 ? 439  TRP A CD1   1 
ATOM   336  C  CD2   . TRP A 1 45 ? -11.608 1.859   0.978   1.00 16.39 ? 439  TRP A CD2   1 
ATOM   337  N  NE1   . TRP A 1 45 ? -12.028 1.748   3.175   1.00 21.82 ? 439  TRP A NE1   1 
ATOM   338  C  CE2   . TRP A 1 45 ? -12.260 2.498   2.056   1.00 17.98 ? 439  TRP A CE2   1 
ATOM   339  C  CE3   . TRP A 1 45 ? -11.685 2.430   -0.297  1.00 16.60 ? 439  TRP A CE3   1 
ATOM   340  C  CZ2   . TRP A 1 45 ? -13.003 3.674   1.895   1.00 21.58 ? 439  TRP A CZ2   1 
ATOM   341  C  CZ3   . TRP A 1 45 ? -12.420 3.598   -0.463  1.00 16.72 ? 439  TRP A CZ3   1 
ATOM   342  C  CH2   . TRP A 1 45 ? -13.065 4.212   0.633   1.00 18.11 ? 439  TRP A CH2   1 
ATOM   343  N  N     . LYS A 1 46 ? -10.857 -1.282  -2.229  1.00 15.59 ? 440  LYS A N     1 
ATOM   344  C  CA    . LYS A 1 46 ? -10.388 -1.592  -3.572  1.00 15.79 ? 440  LYS A CA    1 
ATOM   345  C  C     . LYS A 1 46 ? -9.989  -0.292  -4.296  1.00 19.06 ? 440  LYS A C     1 
ATOM   346  O  O     . LYS A 1 46 ? -10.588 0.754   -4.069  1.00 19.76 ? 440  LYS A O     1 
ATOM   347  C  CB    . LYS A 1 46 ? -11.490 -2.345  -4.361  1.00 14.15 ? 440  LYS A CB    1 
ATOM   348  N  N     . PHE A 1 47 ? -8.992  -0.360  -5.174  1.00 18.51 ? 441  PHE A N     1 
ATOM   349  C  CA    . PHE A 1 47 ? -8.519  0.827   -5.867  1.00 21.58 ? 441  PHE A CA    1 
ATOM   350  C  C     . PHE A 1 47 ? -8.298  0.617   -7.343  1.00 20.02 ? 441  PHE A C     1 
ATOM   351  O  O     . PHE A 1 47 ? -7.920  -0.465  -7.800  1.00 18.54 ? 441  PHE A O     1 
ATOM   352  C  CB    . PHE A 1 47 ? -7.228  1.358   -5.209  1.00 17.68 ? 441  PHE A CB    1 
ATOM   353  C  CG    . PHE A 1 47 ? -7.395  1.662   -3.760  1.00 22.06 ? 441  PHE A CG    1 
ATOM   354  C  CD1   . PHE A 1 47 ? -7.908  2.882   -3.349  1.00 18.89 ? 441  PHE A CD1   1 
ATOM   355  C  CD2   . PHE A 1 47 ? -7.110  0.704   -2.799  1.00 15.88 ? 441  PHE A CD2   1 
ATOM   356  C  CE1   . PHE A 1 47 ? -8.081  3.146   -2.008  1.00 20.83 ? 441  PHE A CE1   1 
ATOM   357  C  CE2   . PHE A 1 47 ? -7.289  0.964   -1.441  1.00 21.24 ? 441  PHE A CE2   1 
ATOM   358  C  CZ    . PHE A 1 47 ? -7.750  2.178   -1.040  1.00 18.97 ? 441  PHE A CZ    1 
ATOM   359  N  N     . ALA A 1 48 ? -8.514  1.704   -8.076  1.00 18.55 ? 442  ALA A N     1 
ATOM   360  C  CA    . ALA A 1 48 ? -8.294  1.770   -9.503  1.00 17.04 ? 442  ALA A CA    1 
ATOM   361  C  C     . ALA A 1 48 ? -6.812  1.754   -9.836  1.00 15.29 ? 442  ALA A C     1 
ATOM   362  O  O     . ALA A 1 48 ? -6.429  1.231   -10.867 1.00 16.14 ? 442  ALA A O     1 
ATOM   363  C  CB    . ALA A 1 48 ? -8.979  3.062   -10.093 1.00 21.64 ? 442  ALA A CB    1 
ATOM   364  N  N     . ARG A 1 49 ? -5.970  2.315   -8.957  1.00 16.75 ? 443  ARG A N     1 
ATOM   365  C  CA    . ARG A 1 49 ? -4.532  2.442   -9.211  1.00 11.90 ? 443  ARG A CA    1 
ATOM   366  C  C     . ARG A 1 49 ? -3.652  1.823   -8.083  1.00 18.29 ? 443  ARG A C     1 
ATOM   367  O  O     . ARG A 1 49 ? -4.003  1.895   -6.878  1.00 16.03 ? 443  ARG A O     1 
ATOM   368  C  CB    . ARG A 1 49 ? -4.155  3.916   -9.342  1.00 14.45 ? 443  ARG A CB    1 
ATOM   369  C  CG    . ARG A 1 49 ? -5.090  4.693   -10.271 1.00 17.49 ? 443  ARG A CG    1 
ATOM   370  C  CD    . ARG A 1 49 ? -4.614  6.114   -10.710 1.00 21.91 ? 443  ARG A CD    1 
ATOM   371  N  NE    . ARG A 1 49 ? -3.825  6.870   -9.727  1.00 18.48 ? 443  ARG A NE    1 
ATOM   372  C  CZ    . ARG A 1 49 ? -3.653  8.203   -9.760  1.00 15.81 ? 443  ARG A CZ    1 
ATOM   373  N  NH1   . ARG A 1 49 ? -2.867  8.755   -8.876  1.00 17.39 ? 443  ARG A NH1   1 
ATOM   374  N  NH2   . ARG A 1 49 ? -4.232  8.992   -10.685 1.00 14.27 ? 443  ARG A NH2   1 
ATOM   375  N  N     . SER A 1 50 ? -2.500  1.275   -8.474  1.00 17.46 ? 444  SER A N     1 
ATOM   376  C  CA    . SER A 1 50 ? -1.619  0.589   -7.534  1.00 19.92 ? 444  SER A CA    1 
ATOM   377  C  C     . SER A 1 50 ? -1.096  1.556   -6.495  1.00 19.81 ? 444  SER A C     1 
ATOM   378  O  O     . SER A 1 50 ? -1.019  1.173   -5.343  1.00 15.87 ? 444  SER A O     1 
ATOM   379  C  CB    . SER A 1 50 ? -0.420  -0.092  -8.210  1.00 21.00 ? 444  SER A CB    1 
ATOM   380  O  OG    . SER A 1 50 ? 0.332   0.860   -8.949  1.00 28.89 ? 444  SER A OG    1 
ATOM   381  N  N     . ASP A 1 51 ? -0.765  2.792   -6.903  1.00 17.16 ? 445  ASP A N     1 
ATOM   382  C  CA    . ASP A 1 51 ? -0.235  3.815   -5.967  1.00 17.02 ? 445  ASP A CA    1 
ATOM   383  C  C     . ASP A 1 51 ? -1.239  4.109   -4.854  1.00 16.89 ? 445  ASP A C     1 
ATOM   384  O  O     . ASP A 1 51 ? -0.851  4.326   -3.689  1.00 12.25 ? 445  ASP A O     1 
ATOM   385  C  CB    . ASP A 1 51 ? 0.161   5.127   -6.687  1.00 16.62 ? 445  ASP A CB    1 
ATOM   386  C  CG    . ASP A 1 51 ? -1.060  5.853   -7.372  1.00 20.36 ? 445  ASP A CG    1 
ATOM   387  O  OD1   . ASP A 1 51 ? -1.520  5.380   -8.425  1.00 28.76 ? 445  ASP A OD1   1 
ATOM   388  O  OD2   . ASP A 1 51 ? -1.557  6.892   -6.866  1.00 33.71 ? 445  ASP A OD2   1 
ATOM   389  N  N     . GLU A 1 52 ? -2.525  4.114   -5.207  1.00 13.88 ? 446  GLU A N     1 
ATOM   390  C  CA    . GLU A 1 52 ? -3.597  4.349   -4.232  1.00 14.73 ? 446  GLU A CA    1 
ATOM   391  C  C     . GLU A 1 52 ? -3.647  3.231   -3.173  1.00 11.52 ? 446  GLU A C     1 
ATOM   392  O  O     . GLU A 1 52 ? -3.870  3.486   -2.004  1.00 12.46 ? 446  GLU A O     1 
ATOM   393  C  CB    . GLU A 1 52 ? -4.937  4.443   -4.959  1.00 15.02 ? 446  GLU A CB    1 
ATOM   394  C  CG    . GLU A 1 52 ? -5.122  5.702   -5.876  1.00 16.77 ? 446  GLU A CG    1 
ATOM   395  C  CD    . GLU A 1 52 ? -6.457  5.644   -6.712  1.00 25.01 ? 446  GLU A CD    1 
ATOM   396  O  OE1   . GLU A 1 52 ? -6.850  4.567   -7.279  1.00 20.32 ? 446  GLU A OE1   1 
ATOM   397  O  OE2   . GLU A 1 52 ? -7.122  6.692   -6.786  1.00 29.43 ? 446  GLU A OE2   1 
ATOM   398  N  N     . LEU A 1 53 ? -3.526  1.978   -3.614  1.00 10.80 ? 447  LEU A N     1 
ATOM   399  C  CA    . LEU A 1 53 ? -3.428  0.858   -2.664  1.00 10.36 ? 447  LEU A CA    1 
ATOM   400  C  C     . LEU A 1 53 ? -2.165  0.973   -1.783  1.00 9.54  ? 447  LEU A C     1 
ATOM   401  O  O     . LEU A 1 53 ? -2.239  0.836   -0.582  1.00 11.93 ? 447  LEU A O     1 
ATOM   402  C  CB    . LEU A 1 53 ? -3.453  -0.520  -3.401  1.00 13.27 ? 447  LEU A CB    1 
ATOM   403  C  CG    . LEU A 1 53 ? -3.284  -1.698  -2.434  1.00 13.75 ? 447  LEU A CG    1 
ATOM   404  C  CD1   . LEU A 1 53 ? -4.403  -1.688  -1.371  1.00 13.40 ? 447  LEU A CD1   1 
ATOM   405  C  CD2   . LEU A 1 53 ? -3.248  -3.043  -3.263  1.00 18.82 ? 447  LEU A CD2   1 
ATOM   406  N  N     . THR A 1 54 ? -1.013  1.254   -2.369  1.00 9.16  ? 448  THR A N     1 
ATOM   407  C  CA    . THR A 1 54 ? 0.232   1.375   -1.595  1.00 12.38 ? 448  THR A CA    1 
ATOM   408  C  C     . THR A 1 54 ? 0.115   2.432   -0.506  1.00 11.77 ? 448  THR A C     1 
ATOM   409  O  O     . THR A 1 54 ? 0.501   2.207   0.644   1.00 10.34 ? 448  THR A O     1 
ATOM   410  C  CB    . THR A 1 54 ? 1.401   1.709   -2.545  1.00 11.14 ? 448  THR A CB    1 
ATOM   411  O  OG1   . THR A 1 54 ? 1.565   0.603   -3.462  1.00 13.22 ? 448  THR A OG1   1 
ATOM   412  C  CG2   . THR A 1 54 ? 2.714   1.927   -1.754  1.00 15.47 ? 448  THR A CG2   1 
ATOM   413  N  N     . ARG A 1 55 ? -0.418  3.579   -0.898  1.00 8.87  ? 449  ARG A N     1 
ATOM   414  C  CA    . ARG A 1 55 ? -0.649  4.687   0.040   1.00 7.51  ? 449  ARG A CA    1 
ATOM   415  C  C     . ARG A 1 55 ? -1.652  4.286   1.145   1.00 12.89 ? 449  ARG A C     1 
ATOM   416  O  O     . ARG A 1 55 ? -1.392  4.467   2.345   1.00 12.17 ? 449  ARG A O     1 
ATOM   417  C  CB    . ARG A 1 55 ? -1.139  5.932   -0.677  1.00 14.17 ? 449  ARG A CB    1 
ATOM   418  C  CG    . ARG A 1 55 ? -1.353  7.118   0.276   1.00 13.17 ? 449  ARG A CG    1 
ATOM   419  C  CD    . ARG A 1 55 ? -1.890  8.305   -0.490  1.00 11.19 ? 449  ARG A CD    1 
ATOM   420  N  NE    . ARG A 1 55 ? -3.272  8.082   -0.941  1.00 12.42 ? 449  ARG A NE    1 
ATOM   421  C  CZ    . ARG A 1 55 ? -4.027  9.010   -1.565  1.00 14.17 ? 449  ARG A CZ    1 
ATOM   422  N  NH1   . ARG A 1 55 ? -3.555  10.256  -1.787  1.00 11.74 ? 449  ARG A NH1   1 
ATOM   423  N  NH2   . ARG A 1 55 ? -5.259  8.681   -1.929  1.00 16.48 ? 449  ARG A NH2   1 
ATOM   424  N  N     . HIS A 1 56 ? -2.812  3.773   0.735   1.00 9.01  ? 450  HIS A N     1 
ATOM   425  C  CA    . HIS A 1 56 ? -3.807  3.240   1.681   1.00 8.70  ? 450  HIS A CA    1 
ATOM   426  C  C     . HIS A 1 56 ? -3.226  2.240   2.715   1.00 11.97 ? 450  HIS A C     1 
ATOM   427  O  O     . HIS A 1 56 ? -3.515  2.324   3.919   1.00 12.94 ? 450  HIS A O     1 
ATOM   428  C  CB    . HIS A 1 56 ? -4.928  2.581   0.882   1.00 9.18  ? 450  HIS A CB    1 
ATOM   429  C  CG    . HIS A 1 56 ? -5.803  1.673   1.671   1.00 12.13 ? 450  HIS A CG    1 
ATOM   430  N  ND1   . HIS A 1 56 ? -6.874  2.128   2.402   1.00 13.33 ? 450  HIS A ND1   1 
ATOM   431  C  CD2   . HIS A 1 56 ? -5.760  0.331   1.856   1.00 14.89 ? 450  HIS A CD2   1 
ATOM   432  C  CE1   . HIS A 1 56 ? -7.460  1.111   3.000   1.00 18.27 ? 450  HIS A CE1   1 
ATOM   433  N  NE2   . HIS A 1 56 ? -6.797  0.013   2.692   1.00 13.18 ? 450  HIS A NE2   1 
ATOM   434  N  N     . TYR A 1 57 ? -2.463  1.274   2.223   1.00 13.53 ? 451  TYR A N     1 
ATOM   435  C  CA    . TYR A 1 57 ? -1.982  0.161   3.037   1.00 12.57 ? 451  TYR A CA    1 
ATOM   436  C  C     . TYR A 1 57 ? -1.069  0.646   4.215   1.00 11.88 ? 451  TYR A C     1 
ATOM   437  O  O     . TYR A 1 57 ? -1.029  0.016   5.239   1.00 14.79 ? 451  TYR A O     1 
ATOM   438  C  CB    . TYR A 1 57 ? -1.227  -0.807  2.157   1.00 12.54 ? 451  TYR A CB    1 
ATOM   439  C  CG    . TYR A 1 57 ? -1.007  -2.154  2.802   1.00 13.92 ? 451  TYR A CG    1 
ATOM   440  C  CD1   . TYR A 1 57 ? -2.005  -3.124  2.769   1.00 15.13 ? 451  TYR A CD1   1 
ATOM   441  C  CD2   . TYR A 1 57 ? 0.193   -2.452  3.421   1.00 15.63 ? 451  TYR A CD2   1 
ATOM   442  C  CE1   . TYR A 1 57 ? -1.803  -4.386  3.363   1.00 17.72 ? 451  TYR A CE1   1 
ATOM   443  C  CE2   . TYR A 1 57 ? 0.424   -3.714  4.012   1.00 20.76 ? 451  TYR A CE2   1 
ATOM   444  C  CZ    . TYR A 1 57 ? -0.597  -4.671  3.983   1.00 21.31 ? 451  TYR A CZ    1 
ATOM   445  O  OH    . TYR A 1 57 ? -0.453  -5.916  4.542   1.00 22.04 ? 451  TYR A OH    1 
ATOM   446  N  N     . ARG A 1 58 ? -0.365  1.770   4.052   1.00 11.62 ? 452  ARG A N     1 
ATOM   447  C  CA    . ARG A 1 58 ? 0.374   2.360   5.188   1.00 14.20 ? 452  ARG A CA    1 
ATOM   448  C  C     . ARG A 1 58 ? -0.554  2.665   6.392   1.00 12.68 ? 452  ARG A C     1 
ATOM   449  O  O     . ARG A 1 58 ? -0.067  2.761   7.529   1.00 14.21 ? 452  ARG A O     1 
ATOM   450  C  CB    . ARG A 1 58 ? 1.102   3.650   4.791   1.00 10.70 ? 452  ARG A CB    1 
ATOM   451  C  CG    . ARG A 1 58 ? 2.032   3.493   3.641   1.00 15.47 ? 452  ARG A CG    1 
ATOM   452  C  CD    . ARG A 1 58 ? 2.877   4.775   3.403   1.00 16.80 ? 452  ARG A CD    1 
ATOM   453  N  NE    . ARG A 1 58 ? 3.518   4.678   2.092   1.00 27.42 ? 452  ARG A NE    1 
ATOM   454  C  CZ    . ARG A 1 58 ? 3.407   5.565   1.100   1.00 30.28 ? 452  ARG A CZ    1 
ATOM   455  N  NH1   . ARG A 1 58 ? 4.035   5.323   -0.049  1.00 34.42 ? 452  ARG A NH1   1 
ATOM   456  N  NH2   . ARG A 1 58 ? 2.703   6.705   1.234   1.00 27.70 ? 452  ARG A NH2   1 
ATOM   457  N  N     . LYS A 1 59 ? -1.861  2.868   6.161   1.00 15.32 ? 453  LYS A N     1 
ATOM   458  C  CA    . LYS A 1 59 ? -2.728  3.085   7.324   1.00 17.54 ? 453  LYS A CA    1 
ATOM   459  C  C     . LYS A 1 59 ? -2.767  1.837   8.216   1.00 20.03 ? 453  LYS A C     1 
ATOM   460  O  O     . LYS A 1 59 ? -2.919  1.938   9.423   1.00 15.40 ? 453  LYS A O     1 
ATOM   461  C  CB    . LYS A 1 59 ? -4.128  3.559   6.921   1.00 16.25 ? 453  LYS A CB    1 
ATOM   462  C  CG    . LYS A 1 59 ? -5.206  2.477   6.748   1.00 20.54 ? 453  LYS A CG    1 
ATOM   463  C  CD    . LYS A 1 59 ? -6.550  3.097   6.323   1.00 24.29 ? 453  LYS A CD    1 
ATOM   464  C  CE    . LYS A 1 59 ? -7.700  2.133   6.563   1.00 26.29 ? 453  LYS A CE    1 
ATOM   465  N  NZ    . LYS A 1 59 ? -9.015  2.664   6.082   1.00 27.63 ? 453  LYS A NZ    1 
ATOM   466  N  N     . HIS A 1 60 ? -2.632  0.661   7.612   1.00 17.97 ? 454  HIS A N     1 
ATOM   467  C  CA    . HIS A 1 60 ? -2.709  -0.608  8.341   1.00 14.35 ? 454  HIS A CA    1 
ATOM   468  C  C     . HIS A 1 60 ? -1.394  -0.933  9.054   1.00 16.90 ? 454  HIS A C     1 
ATOM   469  O  O     . HIS A 1 60 ? -1.426  -1.399  10.178  1.00 16.65 ? 454  HIS A O     1 
ATOM   470  C  CB    . HIS A 1 60 ? -3.039  -1.780  7.381   1.00 9.48  ? 454  HIS A CB    1 
ATOM   471  C  CG    . HIS A 1 60 ? -4.367  -1.696  6.687   1.00 13.97 ? 454  HIS A CG    1 
ATOM   472  N  ND1   . HIS A 1 60 ? -5.552  -1.498  7.361   1.00 11.27 ? 454  HIS A ND1   1 
ATOM   473  C  CD2   . HIS A 1 60 ? -4.705  -1.895  5.392   1.00 11.79 ? 454  HIS A CD2   1 
ATOM   474  C  CE1   . HIS A 1 60 ? -6.560  -1.503  6.500   1.00 18.57 ? 454  HIS A CE1   1 
ATOM   475  N  NE2   . HIS A 1 60 ? -6.079  -1.761  5.293   1.00 13.35 ? 454  HIS A NE2   1 
ATOM   476  N  N     . THR A 1 61 ? -0.252  -0.684  8.399   1.00 13.17 ? 455  THR A N     1 
ATOM   477  C  CA    . THR A 1 61 ? 1.069   -0.968  8.947   1.00 15.43 ? 455  THR A CA    1 
ATOM   478  C  C     . THR A 1 61 ? 1.651   0.165   9.825   1.00 13.40 ? 455  THR A C     1 
ATOM   479  O  O     . THR A 1 61 ? 2.560   -0.064  10.624  1.00 18.63 ? 455  THR A O     1 
ATOM   480  C  CB    . THR A 1 61 ? 2.095   -1.220  7.811   1.00 16.69 ? 455  THR A CB    1 
ATOM   481  O  OG1   . THR A 1 61 ? 2.259   -0.017  7.071   1.00 15.74 ? 455  THR A OG1   1 
ATOM   482  C  CG2   . THR A 1 61 ? 1.631   -2.348  6.876   1.00 17.10 ? 455  THR A CG2   1 
ATOM   483  N  N     . GLY A 1 62 ? 1.156   1.387   9.645   1.00 14.90 ? 456  GLY A N     1 
ATOM   484  C  CA    . GLY A 1 62 ? 1.714   2.531   10.379  1.00 22.20 ? 456  GLY A CA    1 
ATOM   485  C  C     . GLY A 1 62 ? 3.062   2.986   9.815   1.00 21.55 ? 456  GLY A C     1 
ATOM   486  O  O     . GLY A 1 62 ? 3.820   3.686   10.473  1.00 21.64 ? 456  GLY A O     1 
ATOM   487  N  N     . HIS A 1 63 ? 3.376   2.589   8.592   1.00 16.21 ? 457  HIS A N     1 
ATOM   488  C  CA    . HIS A 1 63 ? 4.621   3.013   7.957   1.00 14.45 ? 457  HIS A CA    1 
ATOM   489  C  C     . HIS A 1 63 ? 4.578   4.514   7.709   1.00 16.91 ? 457  HIS A C     1 
ATOM   490  O  O     . HIS A 1 63 ? 3.647   5.006   7.051   1.00 12.88 ? 457  HIS A O     1 
ATOM   491  C  CB    . HIS A 1 63 ? 4.819   2.272   6.654   1.00 15.51 ? 457  HIS A CB    1 
ATOM   492  C  CG    . HIS A 1 63 ? 6.142   2.537   6.027   1.00 19.98 ? 457  HIS A CG    1 
ATOM   493  N  ND1   . HIS A 1 63 ? 6.301   2.788   4.677   1.00 23.76 ? 457  HIS A ND1   1 
ATOM   494  C  CD2   . HIS A 1 63 ? 7.377   2.633   6.582   1.00 23.33 ? 457  HIS A CD2   1 
ATOM   495  C  CE1   . HIS A 1 63 ? 7.584   2.999   4.430   1.00 18.32 ? 457  HIS A CE1   1 
ATOM   496  N  NE2   . HIS A 1 63 ? 8.255   2.913   5.566   1.00 21.31 ? 457  HIS A NE2   1 
ATOM   497  N  N     . ARG A 1 64 ? 5.563   5.238   8.244   1.00 14.11 ? 458  ARG A N     1 
ATOM   498  C  CA    . ARG A 1 64 ? 5.567   6.707   8.163   1.00 11.92 ? 458  ARG A CA    1 
ATOM   499  C  C     . ARG A 1 64 ? 6.910   7.207   7.722   1.00 16.69 ? 458  ARG A C     1 
ATOM   500  O  O     . ARG A 1 64 ? 7.687   7.680   8.556   1.00 16.14 ? 458  ARG A O     1 
ATOM   501  C  CB    . ARG A 1 64 ? 5.194   7.310   9.524   1.00 16.88 ? 458  ARG A CB    1 
ATOM   502  C  CG    . ARG A 1 64 ? 3.748   7.151   9.932   1.00 15.89 ? 458  ARG A CG    1 
ATOM   503  C  CD    . ARG A 1 64 ? 3.567   7.411   11.449  1.00 17.76 ? 458  ARG A CD    1 
ATOM   504  N  NE    . ARG A 1 64 ? 2.175   7.357   11.863  1.00 21.83 ? 458  ARG A NE    1 
ATOM   505  C  CZ    . ARG A 1 64 ? 1.521   6.267   12.310  1.00 27.42 ? 458  ARG A CZ    1 
ATOM   506  N  NH1   . ARG A 1 64 ? 2.124   5.082   12.454  1.00 27.23 ? 458  ARG A NH1   1 
ATOM   507  N  NH2   . ARG A 1 64 ? 0.243   6.376   12.653  1.00 33.55 ? 458  ARG A NH2   1 
ATOM   508  N  N     . PRO A 1 65 ? 7.209   7.106   6.416   1.00 17.36 ? 459  PRO A N     1 
ATOM   509  C  CA    . PRO A 1 65 ? 8.560   7.404   5.965   1.00 17.02 ? 459  PRO A CA    1 
ATOM   510  C  C     . PRO A 1 65 ? 8.873   8.887   5.801   1.00 20.43 ? 459  PRO A C     1 
ATOM   511  O  O     . PRO A 1 65 ? 10.052  9.230   5.645   1.00 18.84 ? 459  PRO A O     1 
ATOM   512  C  CB    . PRO A 1 65 ? 8.636   6.695   4.628   1.00 19.55 ? 459  PRO A CB    1 
ATOM   513  C  CG    . PRO A 1 65 ? 7.242   6.771   4.090   1.00 17.50 ? 459  PRO A CG    1 
ATOM   514  C  CD    . PRO A 1 65 ? 6.369   6.593   5.317   1.00 17.75 ? 459  PRO A CD    1 
ATOM   515  N  N     . PHE A 1 66 ? 7.851   9.741   5.858   1.00 15.69 ? 460  PHE A N     1 
ATOM   516  C  CA    . PHE A 1 66 ? 8.029   11.211  5.740   1.00 9.87  ? 460  PHE A CA    1 
ATOM   517  C  C     . PHE A 1 66 ? 8.342   11.847  7.103   1.00 15.75 ? 460  PHE A C     1 
ATOM   518  O  O     . PHE A 1 66 ? 7.420   12.199  7.850   1.00 14.98 ? 460  PHE A O     1 
ATOM   519  C  CB    . PHE A 1 66 ? 6.829   11.841  5.067   1.00 13.59 ? 460  PHE A CB    1 
ATOM   520  C  CG    . PHE A 1 66 ? 6.649   11.370  3.666   1.00 14.50 ? 460  PHE A CG    1 
ATOM   521  C  CD1   . PHE A 1 66 ? 7.330   11.980  2.637   1.00 16.70 ? 460  PHE A CD1   1 
ATOM   522  C  CD2   . PHE A 1 66 ? 5.798   10.317  3.389   1.00 15.63 ? 460  PHE A CD2   1 
ATOM   523  C  CE1   . PHE A 1 66 ? 7.155   11.538  1.341   1.00 16.30 ? 460  PHE A CE1   1 
ATOM   524  C  CE2   . PHE A 1 66 ? 5.625   9.865   2.078   1.00 17.16 ? 460  PHE A CE2   1 
ATOM   525  C  CZ    . PHE A 1 66 ? 6.321   10.482  1.074   1.00 12.58 ? 460  PHE A CZ    1 
ATOM   526  N  N     . GLN A 1 67 ? 9.649   11.960  7.390   1.00 15.97 ? 461  GLN A N     1 
ATOM   527  C  CA    A GLN A 1 67 ? 10.165  12.479  8.681   0.60 14.34 ? 461  GLN A CA    1 
ATOM   528  C  CA    B GLN A 1 67 ? 10.145  12.483  8.678   0.40 14.00 ? 461  GLN A CA    1 
ATOM   529  C  C     . GLN A 1 67 ? 10.282  14.003  8.682   1.00 13.80 ? 461  GLN A C     1 
ATOM   530  O  O     . GLN A 1 67 ? 10.933  14.598  7.801   1.00 13.21 ? 461  GLN A O     1 
ATOM   531  C  CB    A GLN A 1 67 ? 11.521  11.826  9.011   0.60 18.23 ? 461  GLN A CB    1 
ATOM   532  C  CB    B GLN A 1 67 ? 11.477  11.819  9.035   0.40 16.67 ? 461  GLN A CB    1 
ATOM   533  C  CG    A GLN A 1 67 ? 12.172  12.302  10.303  0.60 20.09 ? 461  GLN A CG    1 
ATOM   534  C  CG    B GLN A 1 67 ? 11.408  10.309  8.936   0.40 15.76 ? 461  GLN A CG    1 
ATOM   535  C  CD    A GLN A 1 67 ? 11.369  11.953  11.556  0.60 19.91 ? 461  GLN A CD    1 
ATOM   536  C  CD    B GLN A 1 67 ? 12.489  9.620   9.727   0.40 18.40 ? 461  GLN A CD    1 
ATOM   537  O  OE1   A GLN A 1 67 ? 10.968  12.835  12.337  0.60 10.26 ? 461  GLN A OE1   1 
ATOM   538  O  OE1   B GLN A 1 67 ? 13.667  9.960   9.620   0.40 19.34 ? 461  GLN A OE1   1 
ATOM   539  N  NE2   A GLN A 1 67 ? 11.155  10.668  11.764  0.60 18.72 ? 461  GLN A NE2   1 
ATOM   540  N  NE2   B GLN A 1 67 ? 12.093  8.639   10.531  0.40 15.51 ? 461  GLN A NE2   1 
ATOM   541  N  N     . CYS A 1 68 ? 9.669   14.646  9.662   1.00 9.22  ? 462  CYS A N     1 
ATOM   542  C  CA    . CYS A 1 68 ? 9.861   16.091  9.844   1.00 13.22 ? 462  CYS A CA    1 
ATOM   543  C  C     . CYS A 1 68 ? 11.314  16.408  10.195  1.00 11.86 ? 462  CYS A C     1 
ATOM   544  O  O     . CYS A 1 68 ? 11.903  15.757  11.043  1.00 12.60 ? 462  CYS A O     1 
ATOM   545  C  CB    . CYS A 1 68 ? 8.920   16.632  10.930  1.00 13.80 ? 462  CYS A CB    1 
ATOM   546  S  SG    . CYS A 1 68 ? 8.958   18.447  10.976  1.00 14.28 ? 462  CYS A SG    1 
ATOM   547  N  N     . GLN A 1 69 ? 11.898  17.406  9.535   1.00 11.44 ? 463  GLN A N     1 
ATOM   548  C  CA    . GLN A 1 69 ? 13.283  17.773  9.814   1.00 14.96 ? 463  GLN A CA    1 
ATOM   549  C  C     . GLN A 1 69 ? 13.403  18.720  11.039  1.00 19.92 ? 463  GLN A C     1 
ATOM   550  O  O     . GLN A 1 69 ? 14.516  18.947  11.556  1.00 22.15 ? 463  GLN A O     1 
ATOM   551  C  CB    . GLN A 1 69 ? 13.912  18.379  8.550   1.00 21.68 ? 463  GLN A CB    1 
ATOM   552  C  CG    . GLN A 1 69 ? 14.031  17.377  7.387   1.00 26.23 ? 463  GLN A CG    1 
ATOM   553  C  CD    . GLN A 1 69 ? 14.710  16.065  7.792   1.00 30.06 ? 463  GLN A CD    1 
ATOM   554  O  OE1   . GLN A 1 69 ? 15.924  16.026  7.997   1.00 40.18 ? 463  GLN A OE1   1 
ATOM   555  N  NE2   . GLN A 1 69 ? 13.923  14.985  7.916   1.00 31.70 ? 463  GLN A NE2   1 
ATOM   556  N  N     . LYS A 1 70 ? 12.271  19.235  11.531  1.00 10.89 ? 464  LYS A N     1 
ATOM   557  C  CA    . LYS A 1 70 ? 12.260  20.189  12.663  1.00 13.70 ? 464  LYS A CA    1 
ATOM   558  C  C     . LYS A 1 70 ? 11.755  19.611  13.988  1.00 13.49 ? 464  LYS A C     1 
ATOM   559  O  O     . LYS A 1 70 ? 11.739  20.298  15.002  1.00 11.30 ? 464  LYS A O     1 
ATOM   560  C  CB    . LYS A 1 70 ? 11.430  21.418  12.284  1.00 17.10 ? 464  LYS A CB    1 
ATOM   561  C  CG    . LYS A 1 70 ? 12.081  22.277  11.179  1.00 27.65 ? 464  LYS A CG    1 
ATOM   562  C  CD    . LYS A 1 70 ? 11.432  23.659  11.030  1.00 30.55 ? 464  LYS A CD    1 
ATOM   563  C  CE    . LYS A 1 70 ? 12.189  24.735  11.812  1.00 35.31 ? 464  LYS A CE    1 
ATOM   564  N  NZ    . LYS A 1 70 ? 13.429  25.194  11.103  1.00 37.13 ? 464  LYS A NZ    1 
ATOM   565  N  N     . CYS A 1 71 ? 11.304  18.356  13.963  1.00 13.39 ? 465  CYS A N     1 
ATOM   566  C  CA    . CYS A 1 71 ? 10.855  17.669  15.171  1.00 10.40 ? 465  CYS A CA    1 
ATOM   567  C  C     . CYS A 1 71 ? 10.848  16.154  14.922  1.00 11.50 ? 465  CYS A C     1 
ATOM   568  O  O     . CYS A 1 71 ? 11.258  15.702  13.852  1.00 16.03 ? 465  CYS A O     1 
ATOM   569  C  CB    . CYS A 1 71 ? 9.477   18.166  15.633  1.00 7.73  ? 465  CYS A CB    1 
ATOM   570  S  SG    . CYS A 1 71 ? 8.039   17.530  14.752  1.00 10.60 ? 465  CYS A SG    1 
ATOM   571  N  N     . ASP A 1 72 ? 10.389  15.389  15.905  1.00 8.38  ? 466  ASP A N     1 
ATOM   572  C  CA    . ASP A 1 72 ? 10.474  13.932  15.812  1.00 11.46 ? 466  ASP A CA    1 
ATOM   573  C  C     . ASP A 1 72 ? 9.206   13.292  15.241  1.00 13.39 ? 466  ASP A C     1 
ATOM   574  O  O     . ASP A 1 72 ? 9.096   12.069  15.228  1.00 16.63 ? 466  ASP A O     1 
ATOM   575  C  CB    . ASP A 1 72 ? 10.792  13.311  17.165  1.00 12.70 ? 466  ASP A CB    1 
ATOM   576  C  CG    . ASP A 1 72 ? 12.253  13.475  17.554  1.00 13.01 ? 466  ASP A CG    1 
ATOM   577  O  OD1   . ASP A 1 72 ? 13.089  13.653  16.643  1.00 16.11 ? 466  ASP A OD1   1 
ATOM   578  O  OD2   . ASP A 1 72 ? 12.563  13.440  18.751  1.00 15.94 ? 466  ASP A OD2   1 
ATOM   579  N  N     . ARG A 1 73 ? 8.278   14.118  14.768  1.00 10.90 ? 467  ARG A N     1 
ATOM   580  C  CA    . ARG A 1 73 ? 7.044   13.622  14.159  1.00 16.81 ? 467  ARG A CA    1 
ATOM   581  C  C     . ARG A 1 73 ? 7.288   13.073  12.744  1.00 14.40 ? 467  ARG A C     1 
ATOM   582  O  O     . ARG A 1 73 ? 8.104   13.595  11.968  1.00 11.51 ? 467  ARG A O     1 
ATOM   583  C  CB    . ARG A 1 73 ? 5.970   14.724  14.062  1.00 13.26 ? 467  ARG A CB    1 
ATOM   584  C  CG    . ARG A 1 73 ? 5.629   15.442  15.370  1.00 19.34 ? 467  ARG A CG    1 
ATOM   585  C  CD    . ARG A 1 73 ? 4.501   14.873  16.134  1.00 31.11 ? 467  ARG A CD    1 
ATOM   586  N  NE    . ARG A 1 73 ? 3.212   15.356  15.638  1.00 37.89 ? 467  ARG A NE    1 
ATOM   587  C  CZ    . ARG A 1 73 ? 2.297   14.602  15.027  1.00 43.76 ? 467  ARG A CZ    1 
ATOM   588  N  NH1   . ARG A 1 73 ? 1.162   15.153  14.602  1.00 47.34 ? 467  ARG A NH1   1 
ATOM   589  N  NH2   . ARG A 1 73 ? 2.491   13.299  14.842  1.00 46.73 ? 467  ARG A NH2   1 
ATOM   590  N  N     . ALA A 1 74 ? 6.551   12.026  12.381  1.00 13.98 ? 468  ALA A N     1 
ATOM   591  C  CA    . ALA A 1 74 ? 6.666   11.479  11.013  1.00 13.28 ? 468  ALA A CA    1 
ATOM   592  C  C     . ALA A 1 74 ? 5.286   11.157  10.455  1.00 12.81 ? 468  ALA A C     1 
ATOM   593  O  O     . ALA A 1 74 ? 4.311   11.011  11.226  1.00 11.00 ? 468  ALA A O     1 
ATOM   594  C  CB    . ALA A 1 74 ? 7.559   10.240  10.978  1.00 9.40  ? 468  ALA A CB    1 
ATOM   595  N  N     . PHE A 1 75 ? 5.209   11.033  9.135   1.00 11.76 ? 469  PHE A N     1 
ATOM   596  C  CA    . PHE A 1 75 ? 3.905   10.882  8.435   1.00 12.48 ? 469  PHE A CA    1 
ATOM   597  C  C     . PHE A 1 75 ? 3.960   9.851   7.363   1.00 9.07  ? 469  PHE A C     1 
ATOM   598  O  O     . PHE A 1 75 ? 5.044   9.566   6.809   1.00 12.69 ? 469  PHE A O     1 
ATOM   599  C  CB    . PHE A 1 75 ? 3.471   12.238  7.853   1.00 11.97 ? 469  PHE A CB    1 
ATOM   600  C  CG    . PHE A 1 75 ? 3.411   13.285  8.909   1.00 15.44 ? 469  PHE A CG    1 
ATOM   601  C  CD1   . PHE A 1 75 ? 2.261   13.435  9.663   1.00 14.10 ? 469  PHE A CD1   1 
ATOM   602  C  CD2   . PHE A 1 75 ? 4.567   13.968  9.312   1.00 11.45 ? 469  PHE A CD2   1 
ATOM   603  C  CE1   . PHE A 1 75 ? 2.215   14.310  10.719  1.00 12.59 ? 469  PHE A CE1   1 
ATOM   604  C  CE2   . PHE A 1 75 ? 4.496   14.880  10.362  1.00 13.82 ? 469  PHE A CE2   1 
ATOM   605  C  CZ    . PHE A 1 75 ? 3.334   15.044  11.066  1.00 11.03 ? 469  PHE A CZ    1 
ATOM   606  N  N     . SER A 1 76 ? 2.769   9.332   7.026   1.00 14.90 ? 470  SER A N     1 
ATOM   607  C  CA    . SER A 1 76 ? 2.607   8.400   5.902   1.00 16.83 ? 470  SER A CA    1 
ATOM   608  C  C     . SER A 1 76 ? 2.666   9.028   4.478   1.00 14.72 ? 470  SER A C     1 
ATOM   609  O  O     . SER A 1 76 ? 2.927   8.333   3.486   1.00 16.87 ? 470  SER A O     1 
ATOM   610  C  CB    . SER A 1 76 ? 1.265   7.654   6.078   1.00 15.42 ? 470  SER A CB    1 
ATOM   611  O  OG    . SER A 1 76 ? 0.147   8.526   6.067   1.00 25.63 ? 470  SER A OG    1 
ATOM   612  N  N     . ARG A 1 77 ? 2.437   10.340  4.382   1.00 12.34 ? 471  ARG A N     1 
ATOM   613  C  CA    . ARG A 1 77 ? 2.307   11.029  3.113   1.00 13.57 ? 471  ARG A CA    1 
ATOM   614  C  C     . ARG A 1 77 ? 3.019   12.360  3.121   1.00 13.68 ? 471  ARG A C     1 
ATOM   615  O  O     . ARG A 1 77 ? 3.132   12.997  4.187   1.00 12.98 ? 471  ARG A O     1 
ATOM   616  C  CB    . ARG A 1 77 ? 0.835   11.278  2.842   1.00 12.62 ? 471  ARG A CB    1 
ATOM   617  C  CG    . ARG A 1 77 ? 0.065   9.995   2.569   1.00 15.32 ? 471  ARG A CG    1 
ATOM   618  C  CD    . ARG A 1 77 ? -1.421  10.135  2.765   1.00 15.41 ? 471  ARG A CD    1 
ATOM   619  N  NE    . ARG A 1 77 ? -1.962  11.320  2.094   1.00 10.06 ? 471  ARG A NE    1 
ATOM   620  C  CZ    . ARG A 1 77 ? -3.235  11.441  1.727   1.00 14.18 ? 471  ARG A CZ    1 
ATOM   621  N  NH1   . ARG A 1 77 ? -4.080  10.427  1.868   1.00 11.75 ? 471  ARG A NH1   1 
ATOM   622  N  NH2   . ARG A 1 77 ? -3.650  12.559  1.160   1.00 11.26 ? 471  ARG A NH2   1 
ATOM   623  N  N     . SER A 1 78 ? 3.516   12.764  1.947   1.00 11.58 ? 472  SER A N     1 
ATOM   624  C  CA    . SER A 1 78 ? 4.228   14.032  1.793   1.00 15.75 ? 472  SER A CA    1 
ATOM   625  C  C     . SER A 1 78 ? 3.319   15.224  2.123   1.00 15.48 ? 472  SER A C     1 
ATOM   626  O  O     . SER A 1 78 ? 3.763   16.227  2.727   1.00 12.36 ? 472  SER A O     1 
ATOM   627  C  CB    . SER A 1 78 ? 4.772   14.175  0.347   1.00 15.22 ? 472  SER A CB    1 
ATOM   628  O  OG    . SER A 1 78 ? 3.709   14.333  -0.592  1.00 17.39 ? 472  SER A OG    1 
ATOM   629  N  N     . ASP A 1 79 ? 2.046   15.129  1.708   1.00 13.35 ? 473  ASP A N     1 
ATOM   630  C  CA    . ASP A 1 79 ? 1.120   16.246  1.941   1.00 14.60 ? 473  ASP A CA    1 
ATOM   631  C  C     . ASP A 1 79 ? 0.782   16.463  3.415   1.00 13.05 ? 473  ASP A C     1 
ATOM   632  O  O     . ASP A 1 79 ? 0.646   17.632  3.872   1.00 11.72 ? 473  ASP A O     1 
ATOM   633  C  CB    . ASP A 1 79 ? -0.140  16.158  1.066   1.00 10.47 ? 473  ASP A CB    1 
ATOM   634  C  CG    . ASP A 1 79 ? -0.971  14.910  1.294   1.00 15.06 ? 473  ASP A CG    1 
ATOM   635  O  OD1   . ASP A 1 79 ? -0.506  13.947  1.901   1.00 12.91 ? 473  ASP A OD1   1 
ATOM   636  O  OD2   . ASP A 1 79 ? -2.128  14.898  0.821   1.00 12.73 ? 473  ASP A OD2   1 
ATOM   637  N  N     . HIS A 1 80 ? 0.687   15.365  4.163   1.00 12.67 ? 474  HIS A N     1 
ATOM   638  C  CA    . HIS A 1 80 ? 0.529   15.441  5.594   1.00 11.47 ? 474  HIS A CA    1 
ATOM   639  C  C     . HIS A 1 80 ? 1.759   16.125  6.250   1.00 11.08 ? 474  HIS A C     1 
ATOM   640  O  O     . HIS A 1 80 ? 1.614   16.970  7.144   1.00 12.85 ? 474  HIS A O     1 
ATOM   641  C  CB    . HIS A 1 80 ? 0.305   14.040  6.184   1.00 14.01 ? 474  HIS A CB    1 
ATOM   642  C  CG    . HIS A 1 80 ? -1.022  13.454  5.837   1.00 12.26 ? 474  HIS A CG    1 
ATOM   643  N  ND1   . HIS A 1 80 ? -1.397  12.191  6.234   1.00 11.13 ? 474  HIS A ND1   1 
ATOM   644  C  CD2   . HIS A 1 80 ? -2.065  13.958  5.131   1.00 14.33 ? 474  HIS A CD2   1 
ATOM   645  C  CE1   . HIS A 1 80 ? -2.614  11.935  5.773   1.00 18.58 ? 474  HIS A CE1   1 
ATOM   646  N  NE2   . HIS A 1 80 ? -3.054  13.001  5.125   1.00 12.23 ? 474  HIS A NE2   1 
ATOM   647  N  N     . LEU A 1 81 ? 2.952   15.755  5.814   1.00 13.60 ? 475  LEU A N     1 
ATOM   648  C  CA    . LEU A 1 81 ? 4.165   16.357  6.389   1.00 13.81 ? 475  LEU A CA    1 
ATOM   649  C  C     . LEU A 1 81 ? 4.146   17.880  6.095   1.00 15.60 ? 475  LEU A C     1 
ATOM   650  O  O     . LEU A 1 81 ? 4.411   18.705  6.975   1.00 12.57 ? 475  LEU A O     1 
ATOM   651  C  CB    . LEU A 1 81 ? 5.426   15.711  5.842   1.00 11.94 ? 475  LEU A CB    1 
ATOM   652  C  CG    . LEU A 1 81 ? 6.749   16.406  6.194   1.00 13.59 ? 475  LEU A CG    1 
ATOM   653  C  CD1   . LEU A 1 81 ? 6.838   16.571  7.745   1.00 11.83 ? 475  LEU A CD1   1 
ATOM   654  C  CD2   . LEU A 1 81 ? 7.952   15.656  5.630   1.00 12.95 ? 475  LEU A CD2   1 
ATOM   655  N  N     . ALA A 1 82 ? 3.828   18.241  4.845   1.00 15.06 ? 476  ALA A N     1 
ATOM   656  C  CA    . ALA A 1 82 ? 3.767   19.651  4.441   1.00 17.02 ? 476  ALA A CA    1 
ATOM   657  C  C     . ALA A 1 82 ? 2.750   20.490  5.238   1.00 12.83 ? 476  ALA A C     1 
ATOM   658  O  O     . ALA A 1 82 ? 3.033   21.641  5.587   1.00 15.22 ? 476  ALA A O     1 
ATOM   659  C  CB    . ALA A 1 82 ? 3.504   19.749  2.901   1.00 15.01 ? 476  ALA A CB    1 
ATOM   660  N  N     . LEU A 1 83 ? 1.593   19.914  5.570   1.00 13.35 ? 477  LEU A N     1 
ATOM   661  C  CA    . LEU A 1 83 ? 0.612   20.599  6.426   1.00 10.94 ? 477  LEU A CA    1 
ATOM   662  C  C     . LEU A 1 83 ? 1.142   20.716  7.872   1.00 13.29 ? 477  LEU A C     1 
ATOM   663  O  O     . LEU A 1 83 ? 1.049   21.777  8.481   1.00 14.34 ? 477  LEU A O     1 
ATOM   664  C  CB    . LEU A 1 83 ? -0.791  19.947  6.367   1.00 12.11 ? 477  LEU A CB    1 
ATOM   665  C  CG    . LEU A 1 83 ? -1.651  20.130  5.094   1.00 18.00 ? 477  LEU A CG    1 
ATOM   666  C  CD1   . LEU A 1 83 ? -2.829  19.168  5.024   1.00 19.60 ? 477  LEU A CD1   1 
ATOM   667  C  CD2   . LEU A 1 83 ? -2.142  21.593  4.889   1.00 17.12 ? 477  LEU A CD2   1 
ATOM   668  N  N     . HIS A 1 84 ? 1.719   19.646  8.394   1.00 8.26  ? 478  HIS A N     1 
ATOM   669  C  CA    . HIS A 1 84 ? 2.424   19.679  9.699   1.00 10.45 ? 478  HIS A CA    1 
ATOM   670  C  C     . HIS A 1 84 ? 3.464   20.809  9.812   1.00 13.47 ? 478  HIS A C     1 
ATOM   671  O  O     . HIS A 1 84 ? 3.449   21.583  10.751  1.00 14.92 ? 478  HIS A O     1 
ATOM   672  C  CB    . HIS A 1 84 ? 3.094   18.341  10.016  1.00 9.96  ? 478  HIS A CB    1 
ATOM   673  C  CG    . HIS A 1 84 ? 4.073   18.422  11.150  1.00 12.91 ? 478  HIS A CG    1 
ATOM   674  N  ND1   . HIS A 1 84 ? 3.661   18.527  12.456  1.00 15.03 ? 478  HIS A ND1   1 
ATOM   675  C  CD2   . HIS A 1 84 ? 5.434   18.432  11.179  1.00 11.93 ? 478  HIS A CD2   1 
ATOM   676  C  CE1   . HIS A 1 84 ? 4.720   18.608  13.245  1.00 14.70 ? 478  HIS A CE1   1 
ATOM   677  N  NE2   . HIS A 1 84 ? 5.809   18.559  12.498  1.00 16.23 ? 478  HIS A NE2   1 
ATOM   678  N  N     . MET A 1 85 ? 4.371   20.877  8.853   1.00 14.18 ? 479  MET A N     1 
ATOM   679  C  CA    . MET A 1 85 ? 5.386   21.907  8.812   1.00 14.47 ? 479  MET A CA    1 
ATOM   680  C  C     . MET A 1 85 ? 4.875   23.330  9.098   1.00 18.26 ? 479  MET A C     1 
ATOM   681  O  O     . MET A 1 85 ? 5.631   24.182  9.587   1.00 15.58 ? 479  MET A O     1 
ATOM   682  C  CB    . MET A 1 85 ? 6.133   21.808  7.483   1.00 14.89 ? 479  MET A CB    1 
ATOM   683  C  CG    . MET A 1 85 ? 7.266   20.799  7.581   1.00 18.22 ? 479  MET A CG    1 
ATOM   684  S  SD    . MET A 1 85 ? 8.633   21.418  8.601   1.00 29.23 ? 479  MET A SD    1 
ATOM   685  C  CE    . MET A 1 85 ? 9.194   22.819  7.610   1.00 27.77 ? 479  MET A CE    1 
ATOM   686  N  N     . LYS A 1 86 ? 3.596   23.586  8.834   1.00 18.56 ? 480  LYS A N     1 
ATOM   687  C  CA    . LYS A 1 86 ? 2.992   24.901  9.131   1.00 19.86 ? 480  LYS A CA    1 
ATOM   688  C  C     . LYS A 1 86 ? 2.927   25.205  10.623  1.00 29.34 ? 480  LYS A C     1 
ATOM   689  O  O     . LYS A 1 86 ? 2.804   26.371  11.024  1.00 28.15 ? 480  LYS A O     1 
ATOM   690  C  CB    . LYS A 1 86 ? 1.595   25.029  8.516   1.00 27.00 ? 480  LYS A CB    1 
ATOM   691  C  CG    . LYS A 1 86 ? 1.564   24.881  6.987   1.00 23.50 ? 480  LYS A CG    1 
ATOM   692  C  CD    . LYS A 1 86 ? 0.155   25.025  6.391   1.00 32.94 ? 480  LYS A CD    1 
ATOM   693  C  CE    . LYS A 1 86 ? -0.618  26.254  6.942   1.00 35.22 ? 480  LYS A CE    1 
ATOM   694  N  NZ    . LYS A 1 86 ? -1.493  26.942  5.921   1.00 34.19 ? 480  LYS A NZ    1 
ATOM   695  N  N     . ARG A 1 87 ? 3.012   24.161  11.447  1.00 24.48 ? 481  ARG A N     1 
ATOM   696  C  CA    . ARG A 1 87 ? 3.090   24.322  12.892  1.00 28.51 ? 481  ARG A CA    1 
ATOM   697  C  C     . ARG A 1 87 ? 4.420   24.909  13.350  1.00 23.92 ? 481  ARG A C     1 
ATOM   698  O  O     . ARG A 1 87 ? 4.514   25.404  14.464  1.00 25.69 ? 481  ARG A O     1 
ATOM   699  C  CB    . ARG A 1 87 ? 2.851   22.981  13.573  1.00 31.18 ? 481  ARG A CB    1 
ATOM   700  C  CG    . ARG A 1 87 ? 1.497   22.414  13.204  1.00 40.86 ? 481  ARG A CG    1 
ATOM   701  C  CD    . ARG A 1 87 ? 0.898   21.569  14.302  1.00 48.14 ? 481  ARG A CD    1 
ATOM   702  N  NE    . ARG A 1 87 ? -0.539  21.398  14.100  1.00 54.85 ? 481  ARG A NE    1 
ATOM   703  C  CZ    . ARG A 1 87 ? -1.346  20.728  14.920  1.00 59.50 ? 481  ARG A CZ    1 
ATOM   704  N  NH1   . ARG A 1 87 ? -0.868  20.146  16.019  1.00 61.82 ? 481  ARG A NH1   1 
ATOM   705  N  NH2   . ARG A 1 87 ? -2.643  20.636  14.634  1.00 62.05 ? 481  ARG A NH2   1 
ATOM   706  N  N     . HIS A 1 88 ? 5.441   24.844  12.493  1.00 22.80 ? 482  HIS A N     1 
ATOM   707  C  CA    . HIS A 1 88 ? 6.771   25.351  12.817  1.00 25.40 ? 482  HIS A CA    1 
ATOM   708  C  C     . HIS A 1 88 ? 6.974   26.789  12.308  1.00 31.95 ? 482  HIS A C     1 
ATOM   709  O  O     . HIS A 1 88 ? 8.084   27.320  12.407  1.00 33.77 ? 482  HIS A O     1 
ATOM   710  C  CB    . HIS A 1 88 ? 7.844   24.415  12.248  1.00 22.63 ? 482  HIS A CB    1 
ATOM   711  C  CG    . HIS A 1 88 ? 7.811   23.046  12.854  1.00 20.08 ? 482  HIS A CG    1 
ATOM   712  N  ND1   . HIS A 1 88 ? 7.741   22.846  14.220  1.00 14.39 ? 482  HIS A ND1   1 
ATOM   713  C  CD2   . HIS A 1 88 ? 7.827   21.812  12.289  1.00 14.13 ? 482  HIS A CD2   1 
ATOM   714  C  CE1   . HIS A 1 88 ? 7.711   21.548  14.470  1.00 14.09 ? 482  HIS A CE1   1 
ATOM   715  N  NE2   . HIS A 1 88 ? 7.789   20.901  13.321  1.00 12.99 ? 482  HIS A NE2   1 
ATOM   716  N  N     . PHE A 1 89 ? 5.900   27.393  11.773  1.00 37.23 ? 483  PHE A N     1 
ATOM   717  C  CA    . PHE A 1 89 ? 5.864   28.821  11.425  1.00 40.45 ? 483  PHE A CA    1 
ATOM   718  C  C     . PHE A 1 89 ? 5.457   29.615  12.674  1.00 42.59 ? 483  PHE A C     1 
ATOM   719  O  O     . PHE A 1 89 ? 6.033   29.460  13.752  1.00 43.46 ? 483  PHE A O     1 
ATOM   720  C  CB    . PHE A 1 89 ? 4.859   29.134  10.284  1.00 40.80 ? 483  PHE A CB    1 
ATOM   721  C  CG    . PHE A 1 89 ? 4.990   28.268  9.043   1.00 39.39 ? 483  PHE A CG    1 
ATOM   722  C  CD1   . PHE A 1 89 ? 6.113   27.461  8.813   1.00 40.45 ? 483  PHE A CD1   1 
ATOM   723  C  CD2   . PHE A 1 89 ? 3.978   28.299  8.076   1.00 38.84 ? 483  PHE A CD2   1 
ATOM   724  C  CE1   . PHE A 1 89 ? 6.208   26.673  7.658   1.00 38.72 ? 483  PHE A CE1   1 
ATOM   725  C  CE2   . PHE A 1 89 ? 4.063   27.522  6.905   1.00 38.32 ? 483  PHE A CE2   1 
ATOM   726  C  CZ    . PHE A 1 89 ? 5.177   26.699  6.700   1.00 41.34 ? 483  PHE A CZ    1 
ATOM   727  O  OXT   . PHE A 1 89 ? 4.528   30.429  12.655  1.00 46.13 ? 483  PHE A OXT   1 
ATOM   728  O  "O5'" . DG  B 2 1  ? -5.051  12.403  12.087  1.00 27.22 ? 1    DG  F "O5'" 1 
ATOM   729  C  "C5'" . DG  B 2 1  ? -4.458  11.691  11.002  1.00 19.49 ? 1    DG  F "C5'" 1 
ATOM   730  C  "C4'" . DG  B 2 1  ? -5.471  10.691  10.464  1.00 16.56 ? 1    DG  F "C4'" 1 
ATOM   731  O  "O4'" . DG  B 2 1  ? -6.552  11.381  9.801   1.00 12.39 ? 1    DG  F "O4'" 1 
ATOM   732  C  "C3'" . DG  B 2 1  ? -4.923  9.768   9.410   1.00 17.33 ? 1    DG  F "C3'" 1 
ATOM   733  O  "O3'" . DG  B 2 1  ? -5.659  8.576   9.455   1.00 13.80 ? 1    DG  F "O3'" 1 
ATOM   734  C  "C2'" . DG  B 2 1  ? -5.162  10.545  8.135   1.00 16.58 ? 1    DG  F "C2'" 1 
ATOM   735  C  "C1'" . DG  B 2 1  ? -6.473  11.244  8.398   1.00 13.12 ? 1    DG  F "C1'" 1 
ATOM   736  N  N9    . DG  B 2 1  ? -6.609  12.565  7.818   1.00 13.55 ? 1    DG  F N9    1 
ATOM   737  C  C8    . DG  B 2 1  ? -5.678  13.570  7.808   1.00 13.56 ? 1    DG  F C8    1 
ATOM   738  N  N7    . DG  B 2 1  ? -6.079  14.624  7.198   1.00 9.57  ? 1    DG  F N7    1 
ATOM   739  C  C5    . DG  B 2 1  ? -7.385  14.332  6.756   1.00 7.63  ? 1    DG  F C5    1 
ATOM   740  C  C6    . DG  B 2 1  ? -8.374  15.076  6.048   1.00 12.15 ? 1    DG  F C6    1 
ATOM   741  O  O6    . DG  B 2 1  ? -8.344  16.225  5.638   1.00 12.46 ? 1    DG  F O6    1 
ATOM   742  N  N1    . DG  B 2 1  ? -9.539  14.319  5.835   1.00 9.07  ? 1    DG  F N1    1 
ATOM   743  C  C2    . DG  B 2 1  ? -9.735  13.030  6.256   1.00 10.55 ? 1    DG  F C2    1 
ATOM   744  N  N2    . DG  B 2 1  ? -10.884 12.429  6.015   1.00 9.62  ? 1    DG  F N2    1 
ATOM   745  N  N3    . DG  B 2 1  ? -8.840  12.335  6.950   1.00 9.69  ? 1    DG  F N3    1 
ATOM   746  C  C4    . DG  B 2 1  ? -7.699  13.046  7.129   1.00 11.03 ? 1    DG  F C4    1 
ATOM   747  P  P     . DA  B 2 2  ? -5.104  7.343   8.584   1.00 17.66 ? 2    DA  F P     1 
ATOM   748  O  OP1   . DA  B 2 2  ? -5.458  6.112   9.293   1.00 18.97 ? 2    DA  F OP1   1 
ATOM   749  O  OP2   . DA  B 2 2  ? -3.699  7.569   8.239   1.00 18.58 ? 2    DA  F OP2   1 
ATOM   750  O  "O5'" . DA  B 2 2  ? -6.010  7.465   7.280   1.00 17.53 ? 2    DA  F "O5'" 1 
ATOM   751  C  "C5'" . DA  B 2 2  ? -7.392  7.254   7.332   1.00 13.95 ? 2    DA  F "C5'" 1 
ATOM   752  C  "C4'" . DA  B 2 2  ? -7.991  7.718   6.029   1.00 15.53 ? 2    DA  F "C4'" 1 
ATOM   753  O  "O4'" . DA  B 2 2  ? -7.890  9.154   5.795   1.00 13.72 ? 2    DA  F "O4'" 1 
ATOM   754  C  "C3'" . DA  B 2 2  ? -7.354  7.074   4.794   1.00 15.80 ? 2    DA  F "C3'" 1 
ATOM   755  O  "O3'" . DA  B 2 2  ? -8.394  6.343   4.222   1.00 22.01 ? 2    DA  F "O3'" 1 
ATOM   756  C  "C2'" . DA  B 2 2  ? -6.870  8.247   3.958   1.00 18.55 ? 2    DA  F "C2'" 1 
ATOM   757  C  "C1'" . DA  B 2 2  ? -7.752  9.375   4.432   1.00 14.22 ? 2    DA  F "C1'" 1 
ATOM   758  N  N9    . DA  B 2 2  ? -7.216  10.734  4.228   1.00 13.70 ? 2    DA  F N9    1 
ATOM   759  C  C8    . DA  B 2 2  ? -5.981  11.181  4.625   1.00 12.74 ? 2    DA  F C8    1 
ATOM   760  N  N7    . DA  B 2 2  ? -5.779  12.444  4.290   1.00 10.75 ? 2    DA  F N7    1 
ATOM   761  C  C5    . DA  B 2 2  ? -6.955  12.838  3.683   1.00 10.72 ? 2    DA  F C5    1 
ATOM   762  C  C6    . DA  B 2 2  ? -7.391  14.057  3.101   1.00 10.89 ? 2    DA  F C6    1 
ATOM   763  N  N6    . DA  B 2 2  ? -6.632  15.156  3.048   1.00 13.53 ? 2    DA  F N6    1 
ATOM   764  N  N1    . DA  B 2 2  ? -8.624  14.160  2.559   1.00 11.13 ? 2    DA  F N1    1 
ATOM   765  C  C2    . DA  B 2 2  ? -9.389  13.052  2.597   1.00 16.26 ? 2    DA  F C2    1 
ATOM   766  N  N3    . DA  B 2 2  ? -9.115  11.855  3.110   1.00 11.97 ? 2    DA  F N3    1 
ATOM   767  C  C4    . DA  B 2 2  ? -7.853  11.768  3.633   1.00 10.17 ? 2    DA  F C4    1 
ATOM   768  P  P     . DG  B 2 3  ? -8.255  5.294   3.032   1.00 22.97 ? 3    DG  F P     1 
ATOM   769  O  OP1   . DG  B 2 3  ? -9.073  4.140   3.495   1.00 32.00 ? 3    DG  F OP1   1 
ATOM   770  O  OP2   . DG  B 2 3  ? -6.937  5.196   2.519   1.00 22.08 ? 3    DG  F OP2   1 
ATOM   771  O  "O5'" . DG  B 2 3  ? -8.957  6.044   1.795   1.00 19.02 ? 3    DG  F "O5'" 1 
ATOM   772  C  "C5'" . DG  B 2 3  ? -10.331 6.211   1.753   1.00 21.73 ? 3    DG  F "C5'" 1 
ATOM   773  C  "C4'" . DG  B 2 3  ? -10.791 7.015   0.554   1.00 15.19 ? 3    DG  F "C4'" 1 
ATOM   774  O  "O4'" . DG  B 2 3  ? -10.352 8.405   0.628   1.00 13.74 ? 3    DG  F "O4'" 1 
ATOM   775  C  "C3'" . DG  B 2 3  ? -10.362 6.517   -0.839  1.00 13.19 ? 3    DG  F "C3'" 1 
ATOM   776  O  "O3'" . DG  B 2 3  ? -11.474 6.683   -1.686  1.00 11.49 ? 3    DG  F "O3'" 1 
ATOM   777  C  "C2'" . DG  B 2 3  ? -9.223  7.437   -1.220  1.00 10.32 ? 3    DG  F "C2'" 1 
ATOM   778  C  "C1'" . DG  B 2 3  ? -9.688  8.736   -0.569  1.00 12.13 ? 3    DG  F "C1'" 1 
ATOM   779  N  N9    . DG  B 2 3  ? -8.671  9.715   -0.237  1.00 8.89  ? 3    DG  F N9    1 
ATOM   780  C  C8    . DG  B 2 3  ? -7.572  9.506   0.513   1.00 7.69  ? 3    DG  F C8    1 
ATOM   781  N  N7    . DG  B 2 3  ? -6.828  10.568  0.672   1.00 12.01 ? 3    DG  F N7    1 
ATOM   782  C  C5    . DG  B 2 3  ? -7.504  11.553  -0.045  1.00 10.40 ? 3    DG  F C5    1 
ATOM   783  C  C6    . DG  B 2 3  ? -7.163  12.901  -0.226  1.00 14.15 ? 3    DG  F C6    1 
ATOM   784  O  O6    . DG  B 2 3  ? -6.171  13.481  0.235   1.00 11.25 ? 3    DG  F O6    1 
ATOM   785  N  N1    . DG  B 2 3  ? -8.073  13.564  -1.025  1.00 15.47 ? 3    DG  F N1    1 
ATOM   786  C  C2    . DG  B 2 3  ? -9.211  12.976  -1.562  1.00 12.35 ? 3    DG  F C2    1 
ATOM   787  N  N2    . DG  B 2 3  ? -10.038 13.747  -2.304  1.00 12.81 ? 3    DG  F N2    1 
ATOM   788  N  N3    . DG  B 2 3  ? -9.545  11.702  -1.366  1.00 9.42  ? 3    DG  F N3    1 
ATOM   789  C  C4    . DG  B 2 3  ? -8.658  11.044  -0.604  1.00 10.09 ? 3    DG  F C4    1 
ATOM   790  P  P     . DG  B 2 4  ? -11.458 6.259   -3.211  1.00 15.83 ? 4    DG  F P     1 
ATOM   791  O  OP1   . DG  B 2 4  ? -12.805 5.747   -3.541  1.00 19.81 ? 4    DG  F OP1   1 
ATOM   792  O  OP2   . DG  B 2 4  ? -10.278 5.351   -3.407  1.00 19.53 ? 4    DG  F OP2   1 
ATOM   793  O  "O5'" . DG  B 2 4  ? -11.157 7.600   -3.995  1.00 17.40 ? 4    DG  F "O5'" 1 
ATOM   794  C  "C5'" . DG  B 2 4  ? -12.183 8.574   -4.092  1.00 21.36 ? 4    DG  F "C5'" 1 
ATOM   795  C  "C4'" . DG  B 2 4  ? -11.853 9.589   -5.147  1.00 18.09 ? 4    DG  F "C4'" 1 
ATOM   796  O  "O4'" . DG  B 2 4  ? -10.857 10.541  -4.721  1.00 13.50 ? 4    DG  F "O4'" 1 
ATOM   797  C  "C3'" . DG  B 2 4  ? -11.315 9.003   -6.452  1.00 16.07 ? 4    DG  F "C3'" 1 
ATOM   798  O  "O3'" . DG  B 2 4  ? -12.024 9.635   -7.483  1.00 16.61 ? 4    DG  F "O3'" 1 
ATOM   799  C  "C2'" . DG  B 2 4  ? -9.825  9.299   -6.468  1.00 14.15 ? 4    DG  F "C2'" 1 
ATOM   800  C  "C1'" . DG  B 2 4  ? -9.764  10.593  -5.671  1.00 12.74 ? 4    DG  F "C1'" 1 
ATOM   801  N  N9    . DG  B 2 4  ? -8.568  10.784  -4.877  1.00 11.67 ? 4    DG  F N9    1 
ATOM   802  C  C8    . DG  B 2 4  ? -7.937  9.869   -4.078  1.00 11.41 ? 4    DG  F C8    1 
ATOM   803  N  N7    . DG  B 2 4  ? -6.905  10.323  -3.453  1.00 11.55 ? 4    DG  F N7    1 
ATOM   804  C  C5    . DG  B 2 4  ? -6.822  11.639  -3.842  1.00 10.42 ? 4    DG  F C5    1 
ATOM   805  C  C6    . DG  B 2 4  ? -5.876  12.645  -3.475  1.00 9.32  ? 4    DG  F C6    1 
ATOM   806  O  O6    . DG  B 2 4  ? -4.922  12.571  -2.722  1.00 9.92  ? 4    DG  F O6    1 
ATOM   807  N  N1    . DG  B 2 4  ? -6.125  13.840  -4.128  1.00 10.21 ? 4    DG  F N1    1 
ATOM   808  C  C2    . DG  B 2 4  ? -7.189  14.045  -4.989  1.00 9.60  ? 4    DG  F C2    1 
ATOM   809  N  N2    . DG  B 2 4  ? -7.320  15.248  -5.551  1.00 16.04 ? 4    DG  F N2    1 
ATOM   810  N  N3    . DG  B 2 4  ? -8.092  13.101  -5.321  1.00 12.18 ? 4    DG  F N3    1 
ATOM   811  C  C4    . DG  B 2 4  ? -7.828  11.941  -4.730  1.00 12.81 ? 4    DG  F C4    1 
ATOM   812  P  P     . DC  B 2 5  ? -11.779 9.207   -9.006  1.00 19.34 ? 5    DC  F P     1 
ATOM   813  O  OP1   . DC  B 2 5  ? -12.947 9.667   -9.797  1.00 21.63 ? 5    DC  F OP1   1 
ATOM   814  O  OP2   . DC  B 2 5  ? -11.299 7.801   -8.995  1.00 22.06 ? 5    DC  F OP2   1 
ATOM   815  O  "O5'" . DC  B 2 5  ? -10.509 10.061  -9.418  1.00 14.39 ? 5    DC  F "O5'" 1 
ATOM   816  C  "C5'" . DC  B 2 5  ? -10.627 11.474  -9.349  1.00 14.00 ? 5    DC  F "C5'" 1 
ATOM   817  C  "C4'" . DC  B 2 5  ? -9.343  12.146  -9.772  1.00 14.37 ? 5    DC  F "C4'" 1 
ATOM   818  O  "O4'" . DC  B 2 5  ? -8.458  12.087  -8.621  1.00 13.54 ? 5    DC  F "O4'" 1 
ATOM   819  C  "C3'" . DC  B 2 5  ? -8.597  11.477  -10.956 1.00 12.75 ? 5    DC  F "C3'" 1 
ATOM   820  O  "O3'" . DC  B 2 5  ? -8.020  12.487  -11.808 1.00 19.49 ? 5    DC  F "O3'" 1 
ATOM   821  C  "C2'" . DC  B 2 5  ? -7.473  10.743  -10.238 1.00 17.25 ? 5    DC  F "C2'" 1 
ATOM   822  C  "C1'" . DC  B 2 5  ? -7.186  11.808  -9.156  1.00 14.94 ? 5    DC  F "C1'" 1 
ATOM   823  N  N1    . DC  B 2 5  ? -6.266  11.404  -8.055  1.00 10.93 ? 5    DC  F N1    1 
ATOM   824  C  C2    . DC  B 2 5  ? -5.412  12.353  -7.501  1.00 12.09 ? 5    DC  F C2    1 
ATOM   825  O  O2    . DC  B 2 5  ? -5.439  13.524  -7.925  1.00 12.60 ? 5    DC  F O2    1 
ATOM   826  N  N3    . DC  B 2 5  ? -4.552  11.938  -6.542  1.00 11.55 ? 5    DC  F N3    1 
ATOM   827  C  C4    . DC  B 2 5  ? -4.574  10.687  -6.076  1.00 10.82 ? 5    DC  F C4    1 
ATOM   828  N  N4    . DC  B 2 5  ? -3.698  10.327  -5.147  1.00 12.59 ? 5    DC  F N4    1 
ATOM   829  C  C5    . DC  B 2 5  ? -5.431  9.701   -6.660  1.00 11.80 ? 5    DC  F C5    1 
ATOM   830  C  C6    . DC  B 2 5  ? -6.246  10.109  -7.621  1.00 11.65 ? 5    DC  F C6    1 
ATOM   831  P  P     . DG  B 2 6  ? -8.484  12.598  -13.331 1.00 22.79 ? 6    DG  F P     1 
ATOM   832  O  OP1   . DG  B 2 6  ? -9.904  13.037  -13.269 1.00 30.24 ? 6    DG  F OP1   1 
ATOM   833  O  OP2   . DG  B 2 6  ? -8.033  11.361  -13.996 1.00 25.17 ? 6    DG  F OP2   1 
ATOM   834  O  "O5'" . DG  B 2 6  ? -7.636  13.820  -13.859 1.00 19.36 ? 6    DG  F "O5'" 1 
ATOM   835  C  "C5'" . DG  B 2 6  ? -7.898  15.106  -13.277 1.00 18.19 ? 6    DG  F "C5'" 1 
ATOM   836  C  "C4'" . DG  B 2 6  ? -6.699  16.008  -13.193 1.00 18.93 ? 6    DG  F "C4'" 1 
ATOM   837  O  "O4'" . DG  B 2 6  ? -5.807  15.665  -12.100 1.00 18.56 ? 6    DG  F "O4'" 1 
ATOM   838  C  "C3'" . DG  B 2 6  ? -5.862  15.927  -14.466 1.00 16.43 ? 6    DG  F "C3'" 1 
ATOM   839  O  "O3'" . DG  B 2 6  ? -5.351  17.189  -14.724 1.00 16.18 ? 6    DG  F "O3'" 1 
ATOM   840  C  "C2'" . DG  B 2 6  ? -4.792  14.904  -14.094 1.00 15.69 ? 6    DG  F "C2'" 1 
ATOM   841  C  "C1'" . DG  B 2 6  ? -4.556  15.205  -12.600 1.00 17.92 ? 6    DG  F "C1'" 1 
ATOM   842  N  N9    . DG  B 2 6  ? -4.131  14.049  -11.787 1.00 15.27 ? 6    DG  F N9    1 
ATOM   843  C  C8    . DG  B 2 6  ? -4.624  12.764  -11.846 1.00 17.67 ? 6    DG  F C8    1 
ATOM   844  N  N7    . DG  B 2 6  ? -4.055  11.970  -10.989 1.00 13.95 ? 6    DG  F N7    1 
ATOM   845  C  C5    . DG  B 2 6  ? -3.113  12.746  -10.347 1.00 14.10 ? 6    DG  F C5    1 
ATOM   846  C  C6    . DG  B 2 6  ? -2.179  12.410  -9.317  1.00 9.59  ? 6    DG  F C6    1 
ATOM   847  O  O6    . DG  B 2 6  ? -1.957  11.304  -8.740  1.00 13.79 ? 6    DG  F O6    1 
ATOM   848  N  N1    . DG  B 2 6  ? -1.429  13.520  -8.966  1.00 13.74 ? 6    DG  F N1    1 
ATOM   849  C  C2    . DG  B 2 6  ? -1.527  14.789  -9.512  1.00 10.68 ? 6    DG  F C2    1 
ATOM   850  N  N2    . DG  B 2 6  ? -0.707  15.717  -9.027  1.00 13.49 ? 6    DG  F N2    1 
ATOM   851  N  N3    . DG  B 2 6  ? -2.380  15.117  -10.473 1.00 15.54 ? 6    DG  F N3    1 
ATOM   852  C  C4    . DG  B 2 6  ? -3.130  14.024  -10.836 1.00 9.17  ? 6    DG  F C4    1 
ATOM   853  P  P     . DC  B 2 7  ? -4.630  17.525  -16.135 1.00 18.91 ? 7    DC  F P     1 
ATOM   854  O  OP1   . DC  B 2 7  ? -4.926  18.952  -16.458 1.00 18.72 ? 7    DC  F OP1   1 
ATOM   855  O  OP2   . DC  B 2 7  ? -4.991  16.471  -17.105 1.00 17.24 ? 7    DC  F OP2   1 
ATOM   856  O  "O5'" . DC  B 2 7  ? -3.075  17.365  -15.747 1.00 18.79 ? 7    DC  F "O5'" 1 
ATOM   857  C  "C5'" . DC  B 2 7  ? -2.419  18.235  -14.825 1.00 17.19 ? 7    DC  F "C5'" 1 
ATOM   858  C  "C4'" . DC  B 2 7  ? -1.159  17.581  -14.290 1.00 17.23 ? 7    DC  F "C4'" 1 
ATOM   859  O  "O4'" . DC  B 2 7  ? -1.514  16.400  -13.540 1.00 15.08 ? 7    DC  F "O4'" 1 
ATOM   860  C  "C3'" . DC  B 2 7  ? -0.152  17.052  -15.331 1.00 18.43 ? 7    DC  F "C3'" 1 
ATOM   861  O  "O3'" . DC  B 2 7  ? 0.658   18.095  -15.879 1.00 18.36 ? 7    DC  F "O3'" 1 
ATOM   862  C  "C2'" . DC  B 2 7  ? 0.672   16.067  -14.507 1.00 20.81 ? 7    DC  F "C2'" 1 
ATOM   863  C  "C1'" . DC  B 2 7  ? -0.267  15.756  -13.311 1.00 16.66 ? 7    DC  F "C1'" 1 
ATOM   864  N  N1    . DC  B 2 7  ? -0.548  14.335  -13.136 1.00 14.88 ? 7    DC  F N1    1 
ATOM   865  C  C2    . DC  B 2 7  ? 0.193   13.614  -12.176 1.00 14.33 ? 7    DC  F C2    1 
ATOM   866  O  O2    . DC  B 2 7  ? 1.014   14.242  -11.496 1.00 12.96 ? 7    DC  F O2    1 
ATOM   867  N  N3    . DC  B 2 7  ? -0.058  12.291  -12.001 1.00 13.07 ? 7    DC  F N3    1 
ATOM   868  C  C4    . DC  B 2 7  ? -1.008  11.696  -12.731 1.00 11.07 ? 7    DC  F C4    1 
ATOM   869  N  N4    . DC  B 2 7  ? -1.196  10.399  -12.547 1.00 10.71 ? 7    DC  F N4    1 
ATOM   870  C  C5    . DC  B 2 7  ? -1.710  12.409  -13.782 1.00 13.79 ? 7    DC  F C5    1 
ATOM   871  C  C6    . DC  B 2 7  ? -1.486  13.700  -13.920 1.00 12.42 ? 7    DC  F C6    1 
ATOM   872  O  "O5'" . DG  C 3 1  ? 6.835   6.011   -6.882  1.00 24.35 ? 1    DG  G "O5'" 1 
ATOM   873  C  "C5'" . DG  C 3 1  ? 6.361   6.523   -5.609  1.00 15.97 ? 1    DG  G "C5'" 1 
ATOM   874  C  "C4'" . DG  C 3 1  ? 6.359   8.042   -5.552  1.00 13.90 ? 1    DG  G "C4'" 1 
ATOM   875  O  "O4'" . DG  C 3 1  ? 5.527   8.577   -6.625  1.00 12.27 ? 1    DG  G "O4'" 1 
ATOM   876  C  "C3'" . DG  C 3 1  ? 5.727   8.686   -4.314  1.00 13.84 ? 1    DG  G "C3'" 1 
ATOM   877  O  "O3'" . DG  C 3 1  ? 6.407   9.930   -4.129  1.00 13.81 ? 1    DG  G "O3'" 1 
ATOM   878  C  "C2'" . DG  C 3 1  ? 4.255   8.822   -4.713  1.00 13.93 ? 1    DG  G "C2'" 1 
ATOM   879  C  "C1'" . DG  C 3 1  ? 4.380   9.238   -6.189  1.00 13.18 ? 1    DG  G "C1'" 1 
ATOM   880  N  N9    . DG  C 3 1  ? 3.283   8.926   -7.104  1.00 14.98 ? 1    DG  G N9    1 
ATOM   881  C  C8    . DG  C 3 1  ? 2.622   7.723   -7.252  1.00 20.16 ? 1    DG  G C8    1 
ATOM   882  N  N7    . DG  C 3 1  ? 1.683   7.765   -8.170  1.00 13.93 ? 1    DG  G N7    1 
ATOM   883  C  C5    . DG  C 3 1  ? 1.731   9.058   -8.669  1.00 13.11 ? 1    DG  G C5    1 
ATOM   884  C  C6    . DG  C 3 1  ? 0.968   9.670   -9.694  1.00 9.10  ? 1    DG  G C6    1 
ATOM   885  O  O6    . DG  C 3 1  ? 0.067   9.179   -10.390 1.00 12.40 ? 1    DG  G O6    1 
ATOM   886  N  N1    . DG  C 3 1  ? 1.339   11.003  -9.922  1.00 10.69 ? 1    DG  G N1    1 
ATOM   887  C  C2    . DG  C 3 1  ? 2.326   11.660  -9.237  1.00 8.85  ? 1    DG  G C2    1 
ATOM   888  N  N2    . DG  C 3 1  ? 2.586   12.923  -9.596  1.00 10.19 ? 1    DG  G N2    1 
ATOM   889  N  N3    . DG  C 3 1  ? 3.081   11.090  -8.267  1.00 9.53  ? 1    DG  G N3    1 
ATOM   890  C  C4    . DG  C 3 1  ? 2.703   9.796   -8.019  1.00 12.28 ? 1    DG  G C4    1 
ATOM   891  P  P     . DC  C 3 2  ? 6.081   10.884  -2.850  1.00 17.15 ? 2    DC  G P     1 
ATOM   892  O  OP1   . DC  C 3 2  ? 7.430   11.072  -2.267  1.00 18.31 ? 2    DC  G OP1   1 
ATOM   893  O  OP2   . DC  C 3 2  ? 4.937   10.355  -2.096  1.00 18.64 ? 2    DC  G OP2   1 
ATOM   894  O  "O5'" . DC  C 3 2  ? 5.562   12.209  -3.549  1.00 11.10 ? 2    DC  G "O5'" 1 
ATOM   895  C  "C5'" . DC  C 3 2  ? 6.467   12.942  -4.346  1.00 14.67 ? 2    DC  G "C5'" 1 
ATOM   896  C  "C4'" . DC  C 3 2  ? 5.794   14.160  -4.959  1.00 13.94 ? 2    DC  G "C4'" 1 
ATOM   897  O  "O4'" . DC  C 3 2  ? 4.638   13.852  -5.790  1.00 14.32 ? 2    DC  G "O4'" 1 
ATOM   898  C  "C3'" . DC  C 3 2  ? 5.247   15.135  -3.903  1.00 15.57 ? 2    DC  G "C3'" 1 
ATOM   899  O  "O3'" . DC  C 3 2  ? 5.580   16.431  -4.345  1.00 19.03 ? 2    DC  G "O3'" 1 
ATOM   900  C  "C2'" . DC  C 3 2  ? 3.747   14.911  -3.870  1.00 16.74 ? 2    DC  G "C2'" 1 
ATOM   901  C  "C1'" . DC  C 3 2  ? 3.445   14.480  -5.314  1.00 14.14 ? 2    DC  G "C1'" 1 
ATOM   902  N  N1    . DC  C 3 2  ? 2.377   13.492  -5.562  1.00 10.60 ? 2    DC  G N1    1 
ATOM   903  C  C2    . DC  C 3 2  ? 1.374   13.797  -6.511  1.00 10.67 ? 2    DC  G C2    1 
ATOM   904  O  O2    . DC  C 3 2  ? 1.416   14.883  -7.113  1.00 12.68 ? 2    DC  G O2    1 
ATOM   905  N  N3    . DC  C 3 2  ? 0.442   12.850  -6.755  1.00 13.08 ? 2    DC  G N3    1 
ATOM   906  C  C4    . DC  C 3 2  ? 0.429   11.689  -6.121  1.00 13.45 ? 2    DC  G C4    1 
ATOM   907  N  N4    . DC  C 3 2  ? -0.525  10.760  -6.402  1.00 18.71 ? 2    DC  G N4    1 
ATOM   908  C  C5    . DC  C 3 2  ? 1.406   11.367  -5.141  1.00 13.00 ? 2    DC  G C5    1 
ATOM   909  C  C6    . DC  C 3 2  ? 2.345   12.298  -4.898  1.00 18.18 ? 2    DC  G C6    1 
ATOM   910  P  P     . DG  C 3 3  ? 5.323   17.773  -3.457  1.00 19.93 ? 3    DG  G P     1 
ATOM   911  O  OP1   . DG  C 3 3  ? 6.293   18.735  -4.101  1.00 20.15 ? 3    DG  G OP1   1 
ATOM   912  O  OP2   . DG  C 3 3  ? 5.343   17.333  -2.039  1.00 19.05 ? 3    DG  G OP2   1 
ATOM   913  O  "O5'" . DG  C 3 3  ? 3.860   18.245  -3.796  1.00 18.47 ? 3    DG  G "O5'" 1 
ATOM   914  C  "C5'" . DG  C 3 3  ? 3.577   18.691  -5.106  1.00 21.25 ? 3    DG  G "C5'" 1 
ATOM   915  C  "C4'" . DG  C 3 3  ? 2.137   19.106  -5.210  1.00 17.14 ? 3    DG  G "C4'" 1 
ATOM   916  O  "O4'" . DG  C 3 3  ? 1.287   17.947  -5.319  1.00 17.06 ? 3    DG  G "O4'" 1 
ATOM   917  C  "C3'" . DG  C 3 3  ? 1.599   19.893  -4.013  1.00 20.29 ? 3    DG  G "C3'" 1 
ATOM   918  O  "O3'" . DG  C 3 3  ? 0.962   20.994  -4.552  1.00 23.29 ? 3    DG  G "O3'" 1 
ATOM   919  C  "C2'" . DG  C 3 3  ? 0.634   18.944  -3.295  1.00 15.14 ? 3    DG  G "C2'" 1 
ATOM   920  C  "C1'" . DG  C 3 3  ? 0.195   18.005  -4.430  1.00 15.00 ? 3    DG  G "C1'" 1 
ATOM   921  N  N9    . DG  C 3 3  ? -0.146  16.607  -4.109  1.00 12.54 ? 3    DG  G N9    1 
ATOM   922  C  C8    . DG  C 3 3  ? 0.446   15.792  -3.149  1.00 7.49  ? 3    DG  G C8    1 
ATOM   923  N  N7    . DG  C 3 3  ? -0.054  14.607  -3.101  1.00 9.96  ? 3    DG  G N7    1 
ATOM   924  C  C5    . DG  C 3 3  ? -1.033  14.583  -4.084  1.00 12.46 ? 3    DG  G C5    1 
ATOM   925  C  C6    . DG  C 3 3  ? -1.876  13.493  -4.477  1.00 9.65  ? 3    DG  G C6    1 
ATOM   926  O  O6    . DG  C 3 3  ? -1.938  12.323  -3.987  1.00 12.05 ? 3    DG  G O6    1 
ATOM   927  N  N1    . DG  C 3 3  ? -2.728  13.912  -5.493  1.00 10.26 ? 3    DG  G N1    1 
ATOM   928  C  C2    . DG  C 3 3  ? -2.720  15.157  -6.066  1.00 9.49  ? 3    DG  G C2    1 
ATOM   929  N  N2    . DG  C 3 3  ? -3.578  15.374  -7.053  1.00 9.46  ? 3    DG  G N2    1 
ATOM   930  N  N3    . DG  C 3 3  ? -1.921  16.165  -5.720  1.00 9.81  ? 3    DG  G N3    1 
ATOM   931  C  C4    . DG  C 3 3  ? -1.105  15.807  -4.707  1.00 10.37 ? 3    DG  G C4    1 
ATOM   932  P  P     . DC  C 3 4  ? 0.449   22.234  -3.661  1.00 22.19 ? 4    DC  G P     1 
ATOM   933  O  OP1   . DC  C 3 4  ? 1.084   23.392  -4.286  1.00 30.79 ? 4    DC  G OP1   1 
ATOM   934  O  OP2   . DC  C 3 4  ? 0.564   21.967  -2.215  1.00 30.43 ? 4    DC  G OP2   1 
ATOM   935  O  "O5'" . DC  C 3 4  ? -1.107  22.234  -3.992  1.00 30.79 ? 4    DC  G "O5'" 1 
ATOM   936  C  "C5'" . DC  C 3 4  ? -1.542  21.811  -5.294  1.00 32.01 ? 4    DC  G "C5'" 1 
ATOM   937  C  "C4'" . DC  C 3 4  ? -2.966  21.288  -5.278  1.00 30.14 ? 4    DC  G "C4'" 1 
ATOM   938  O  "O4'" . DC  C 3 4  ? -2.986  19.870  -5.029  1.00 20.75 ? 4    DC  G "O4'" 1 
ATOM   939  C  "C3'" . DC  C 3 4  ? -3.894  21.914  -4.244  1.00 26.19 ? 4    DC  G "C3'" 1 
ATOM   940  O  "O3'" . DC  C 3 4  ? -4.844  22.607  -5.024  1.00 31.35 ? 4    DC  G "O3'" 1 
ATOM   941  C  "C2'" . DC  C 3 4  ? -4.483  20.758  -3.472  1.00 26.77 ? 4    DC  G "C2'" 1 
ATOM   942  C  "C1'" . DC  C 3 4  ? -4.174  19.575  -4.381  1.00 18.21 ? 4    DC  G "C1'" 1 
ATOM   943  N  N1    . DC  C 3 4  ? -3.949  18.325  -3.667  1.00 15.40 ? 4    DC  G N1    1 
ATOM   944  C  C2    . DC  C 3 4  ? -4.685  17.182  -4.038  1.00 13.17 ? 4    DC  G C2    1 
ATOM   945  O  O2    . DC  C 3 4  ? -5.509  17.352  -4.940  1.00 12.93 ? 4    DC  G O2    1 
ATOM   946  N  N3    . DC  C 3 4  ? -4.531  15.999  -3.375  1.00 11.30 ? 4    DC  G N3    1 
ATOM   947  C  C4    . DC  C 3 4  ? -3.626  15.941  -2.386  1.00 15.07 ? 4    DC  G C4    1 
ATOM   948  N  N4    . DC  C 3 4  ? -3.464  14.803  -1.728  1.00 13.91 ? 4    DC  G N4    1 
ATOM   949  C  C5    . DC  C 3 4  ? -2.842  17.087  -1.995  1.00 11.75 ? 4    DC  G C5    1 
ATOM   950  C  C6    . DC  C 3 4  ? -3.023  18.241  -2.666  1.00 11.05 ? 4    DC  G C6    1 
ATOM   951  P  P     . DC  C 3 5  ? -6.136  23.397  -4.520  1.00 35.49 ? 5    DC  G P     1 
ATOM   952  O  OP1   . DC  C 3 5  ? -6.382  24.536  -5.429  1.00 33.00 ? 5    DC  G OP1   1 
ATOM   953  O  OP2   . DC  C 3 5  ? -6.226  23.552  -3.049  1.00 31.43 ? 5    DC  G OP2   1 
ATOM   954  O  "O5'" . DC  C 3 5  ? -7.126  22.255  -5.001  1.00 27.47 ? 5    DC  G "O5'" 1 
ATOM   955  C  "C5'" . DC  C 3 5  ? -8.109  22.059  -4.182  1.00 25.13 ? 5    DC  G "C5'" 1 
ATOM   956  C  "C4'" . DC  C 3 5  ? -9.014  21.042  -4.797  1.00 23.99 ? 5    DC  G "C4'" 1 
ATOM   957  O  "O4'" . DC  C 3 5  ? -8.452  19.727  -4.590  1.00 16.11 ? 5    DC  G "O4'" 1 
ATOM   958  C  "C3'" . DC  C 3 5  ? -10.257 21.229  -3.984  1.00 21.39 ? 5    DC  G "C3'" 1 
ATOM   959  O  "O3'" . DC  C 3 5  ? -11.458 20.966  -4.664  1.00 22.26 ? 5    DC  G "O3'" 1 
ATOM   960  C  "C2'" . DC  C 3 5  ? -9.968  20.258  -2.865  1.00 17.58 ? 5    DC  G "C2'" 1 
ATOM   961  C  "C1'" . DC  C 3 5  ? -9.234  19.116  -3.557  1.00 14.25 ? 5    DC  G "C1'" 1 
ATOM   962  N  N1    . DC  C 3 5  ? -8.310  18.365  -2.604  1.00 10.84 ? 5    DC  G N1    1 
ATOM   963  C  C2    . DC  C 3 5  ? -8.456  16.993  -2.412  1.00 9.69  ? 5    DC  G C2    1 
ATOM   964  O  O2    . DC  C 3 5  ? -9.337  16.407  -3.046  1.00 13.81 ? 5    DC  G O2    1 
ATOM   965  N  N3    . DC  C 3 5  ? -7.621  16.324  -1.533  1.00 9.67  ? 5    DC  G N3    1 
ATOM   966  C  C4    . DC  C 3 5  ? -6.719  17.062  -0.858  1.00 9.54  ? 5    DC  G C4    1 
ATOM   967  N  N4    . DC  C 3 5  ? -5.900  16.381  -0.018  1.00 8.56  ? 5    DC  G N4    1 
ATOM   968  C  C5    . DC  C 3 5  ? -6.549  18.464  -1.043  1.00 11.47 ? 5    DC  G C5    1 
ATOM   969  C  C6    . DC  C 3 5  ? -7.379  19.079  -1.893  1.00 12.67 ? 5    DC  G C6    1 
ATOM   970  P  P     . DT  C 3 6  ? -12.794 21.369  -3.895  1.00 27.09 ? 6    DT  G P     1 
ATOM   971  O  OP1   . DT  C 3 6  ? -13.833 21.561  -4.938  1.00 33.23 ? 6    DT  G OP1   1 
ATOM   972  O  OP2   . DT  C 3 6  ? -12.519 22.399  -2.881  1.00 32.60 ? 6    DT  G OP2   1 
ATOM   973  O  "O5'" . DT  C 3 6  ? -13.124 20.050  -3.084  1.00 17.33 ? 6    DT  G "O5'" 1 
ATOM   974  C  "C5'" . DT  C 3 6  ? -13.484 18.877  -3.805  1.00 17.15 ? 6    DT  G "C5'" 1 
ATOM   975  C  "C4'" . DT  C 3 6  ? -13.605 17.744  -2.837  1.00 13.09 ? 6    DT  G "C4'" 1 
ATOM   976  O  "O4'" . DT  C 3 6  ? -12.310 17.528  -2.190  1.00 16.34 ? 6    DT  G "O4'" 1 
ATOM   977  C  "C3'" . DT  C 3 6  ? -14.624 18.053  -1.747  1.00 19.89 ? 6    DT  G "C3'" 1 
ATOM   978  O  "O3'" . DT  C 3 6  ? -15.795 17.273  -2.015  1.00 19.17 ? 6    DT  G "O3'" 1 
ATOM   979  C  "C2'" . DT  C 3 6  ? -13.883 17.741  -0.442  1.00 18.54 ? 6    DT  G "C2'" 1 
ATOM   980  C  "C1'" . DT  C 3 6  ? -12.626 16.978  -0.899  1.00 19.47 ? 6    DT  G "C1'" 1 
ATOM   981  N  N1    . DT  C 3 6  ? -11.404 17.136  -0.061  1.00 13.76 ? 6    DT  G N1    1 
ATOM   982  C  C2    . DT  C 3 6  ? -10.857 16.003  0.548   1.00 8.83  ? 6    DT  G C2    1 
ATOM   983  O  O2    . DT  C 3 6  ? -11.340 14.877  0.457   1.00 13.46 ? 6    DT  G O2    1 
ATOM   984  N  N3    . DT  C 3 6  ? -9.744  16.301  1.283   1.00 11.60 ? 6    DT  G N3    1 
ATOM   985  C  C4    . DT  C 3 6  ? -9.127  17.521  1.465   1.00 9.43  ? 6    DT  G C4    1 
ATOM   986  O  O4    . DT  C 3 6  ? -8.102  17.679  2.107   1.00 14.93 ? 6    DT  G O4    1 
ATOM   987  C  C5    . DT  C 3 6  ? -9.749  18.655  0.805   1.00 14.49 ? 6    DT  G C5    1 
ATOM   988  C  C7    . DT  C 3 6  ? -9.151  20.019  0.986   1.00 13.18 ? 6    DT  G C7    1 
ATOM   989  C  C6    . DT  C 3 6  ? -10.855 18.405  0.090   1.00 14.28 ? 6    DT  G C6    1 
ATOM   990  P  P     . DC  C 3 7  ? -17.130 17.447  -1.146  1.00 20.87 ? 7    DC  G P     1 
ATOM   991  O  OP1   . DC  C 3 7  ? -18.234 16.776  -1.874  1.00 19.10 ? 7    DC  G OP1   1 
ATOM   992  O  OP2   . DC  C 3 7  ? -17.253 18.836  -0.658  1.00 15.75 ? 7    DC  G OP2   1 
ATOM   993  O  "O5'" . DC  C 3 7  ? -16.870 16.492  0.125   1.00 18.51 ? 7    DC  G "O5'" 1 
ATOM   994  C  "C5'" . DC  C 3 7  ? -17.008 15.075  0.025   1.00 17.73 ? 7    DC  G "C5'" 1 
ATOM   995  C  "C4'" . DC  C 3 7  ? -16.496 14.471  1.316   1.00 16.53 ? 7    DC  G "C4'" 1 
ATOM   996  O  "O4'" . DC  C 3 7  ? -15.105 14.833  1.482   1.00 16.80 ? 7    DC  G "O4'" 1 
ATOM   997  C  "C3'" . DC  C 3 7  ? -17.219 15.015  2.566   1.00 16.05 ? 7    DC  G "C3'" 1 
ATOM   998  O  "O3'" . DC  C 3 7  ? -18.149 14.087  2.983   1.00 14.45 ? 7    DC  G "O3'" 1 
ATOM   999  C  "C2'" . DC  C 3 7  ? -16.125 15.177  3.617   1.00 15.46 ? 7    DC  G "C2'" 1 
ATOM   1000 C  "C1'" . DC  C 3 7  ? -14.865 14.743  2.884   1.00 15.30 ? 7    DC  G "C1'" 1 
ATOM   1001 N  N1    . DC  C 3 7  ? -13.664 15.565  3.270   1.00 7.69  ? 7    DC  G N1    1 
ATOM   1002 C  C2    . DC  C 3 7  ? -12.617 14.932  3.963   1.00 8.82  ? 7    DC  G C2    1 
ATOM   1003 O  O2    . DC  C 3 7  ? -12.676 13.703  4.240   1.00 13.04 ? 7    DC  G O2    1 
ATOM   1004 N  N3    . DC  C 3 7  ? -11.562 15.665  4.331   1.00 7.45  ? 7    DC  G N3    1 
ATOM   1005 C  C4    . DC  C 3 7  ? -11.488 16.962  4.013   1.00 4.90  ? 7    DC  G C4    1 
ATOM   1006 N  N4    . DC  C 3 7  ? -10.394 17.609  4.404   1.00 11.07 ? 7    DC  G N4    1 
ATOM   1007 C  C5    . DC  C 3 7  ? -12.570 17.643  3.326   1.00 9.40  ? 7    DC  G C5    1 
ATOM   1008 C  C6    . DC  C 3 7  ? -13.625 16.902  2.971   1.00 5.84  ? 7    DC  G C6    1 
HETATM 1009 ZN ZN    . ZN  D 4 .  ? -7.011  -1.905  3.568   1.00 22.82 2 1484 ZN  A ZN    1 
HETATM 1010 ZN ZN    . ZN  E 4 .  ? 7.789   18.852  12.849  1.00 24.72 2 1485 ZN  A ZN    1 
HETATM 1011 ZN ZN    . ZN  F 4 .  ? -1.179  -9.136  -8.042  1.00 36.93 2 1486 ZN  A ZN    1 
HETATM 1012 C  C1    . GOL G 5 .  ? -2.635  -8.832  10.716  1.00 47.99 ? 1487 GOL A C1    1 
HETATM 1013 O  O1    . GOL G 5 .  ? -3.173  -8.950  12.019  1.00 51.51 ? 1487 GOL A O1    1 
HETATM 1014 C  C2    . GOL G 5 .  ? -3.581  -9.487  9.699   1.00 46.00 ? 1487 GOL A C2    1 
HETATM 1015 O  O2    . GOL G 5 .  ? -4.870  -9.655  10.284  1.00 41.92 ? 1487 GOL A O2    1 
HETATM 1016 C  C3    . GOL G 5 .  ? -3.659  -8.583  8.469   1.00 38.13 ? 1487 GOL A C3    1 
HETATM 1017 O  O3    . GOL G 5 .  ? -4.603  -9.040  7.517   1.00 39.00 ? 1487 GOL A O3    1 
HETATM 1018 O  O     . HOH H 6 .  ? -5.589  -13.775 -15.046 1.00 43.20 ? 2001 HOH A O     1 
HETATM 1019 O  O     . HOH H 6 .  ? -1.900  -5.343  -5.876  1.00 19.47 ? 2002 HOH A O     1 
HETATM 1020 O  O     . HOH H 6 .  ? -8.181  6.675   -11.801 1.00 29.17 ? 2003 HOH A O     1 
HETATM 1021 O  O     . HOH H 6 .  ? 0.483   8.421   -3.610  1.00 28.62 ? 2004 HOH A O     1 
HETATM 1022 O  O     . HOH H 6 .  ? 6.255   1.831   -0.471  1.00 29.86 ? 2005 HOH A O     1 
HETATM 1023 O  O     . HOH H 6 .  ? 7.816   6.829   0.709   1.00 42.23 ? 2006 HOH A O     1 
HETATM 1024 O  O     . HOH H 6 .  ? 9.852   18.699  4.856   1.00 32.56 ? 2007 HOH A O     1 
HETATM 1025 O  O     . HOH H 6 .  ? 8.117   15.531  1.598   1.00 30.79 ? 2008 HOH A O     1 
HETATM 1026 O  O     . HOH H 6 .  ? 7.245   19.271  3.895   1.00 16.78 ? 2009 HOH A O     1 
HETATM 1027 O  O     . HOH H 6 .  ? -2.566  19.700  0.820   1.00 22.95 ? 2010 HOH A O     1 
HETATM 1028 O  O     . HOH H 6 .  ? 0.688   22.226  2.646   1.00 25.25 ? 2011 HOH A O     1 
HETATM 1029 O  O     . HOH H 6 .  ? 1.675   19.149  -0.150  1.00 25.78 ? 2012 HOH A O     1 
HETATM 1030 O  O     . HOH H 6 .  ? -2.335  15.708  8.382   1.00 33.13 ? 2013 HOH A O     1 
HETATM 1031 O  O     . HOH H 6 .  ? 6.661   21.853  3.141   1.00 27.49 ? 2014 HOH A O     1 
HETATM 1032 O  O     . HOH H 6 .  ? -2.991  -16.010 -15.620 1.00 30.00 ? 2015 HOH A O     1 
HETATM 1033 O  O     . HOH H 6 .  ? 10.020  9.219   1.295   1.00 42.45 ? 2016 HOH A O     1 
HETATM 1034 O  O     . HOH H 6 .  ? -0.366  -3.463  -0.807  1.00 26.55 ? 2017 HOH A O     1 
HETATM 1035 O  O     . HOH H 6 .  ? -2.577  -5.321  -0.215  1.00 21.44 ? 2018 HOH A O     1 
HETATM 1036 O  O     . HOH H 6 .  ? 2.347   -10.055 -0.864  1.00 29.11 ? 2019 HOH A O     1 
HETATM 1037 O  O     . HOH H 6 .  ? 1.760   -17.421 0.399   1.00 26.86 ? 2020 HOH A O     1 
HETATM 1038 O  O     . HOH H 6 .  ? 3.354   -24.394 -5.056  1.00 21.89 ? 2021 HOH A O     1 
HETATM 1039 O  O     . HOH H 6 .  ? -4.116  -15.469 -1.992  1.00 27.45 ? 2022 HOH A O     1 
HETATM 1040 O  O     . HOH H 6 .  ? -9.013  -14.414 -4.637  1.00 29.19 ? 2023 HOH A O     1 
HETATM 1041 O  O     . HOH H 6 .  ? -5.135  -10.967 -2.692  1.00 23.46 ? 2024 HOH A O     1 
HETATM 1042 O  O     . HOH H 6 .  ? -11.895 -10.903 -8.215  1.00 22.96 ? 2025 HOH A O     1 
HETATM 1043 O  O     . HOH H 6 .  ? -7.042  -11.631 -14.478 1.00 45.27 ? 2026 HOH A O     1 
HETATM 1044 O  O     . HOH H 6 .  ? -12.560 -5.443  -8.895  1.00 16.12 ? 2027 HOH A O     1 
HETATM 1045 O  O     . HOH H 6 .  ? -10.601 2.454   -13.600 1.00 25.94 ? 2028 HOH A O     1 
HETATM 1046 O  O     . HOH H 6 .  ? -13.334 2.712   -4.041  1.00 10.80 ? 2029 HOH A O     1 
HETATM 1047 O  O     . HOH H 6 .  ? -16.910 4.168   -5.180  1.00 22.94 ? 2030 HOH A O     1 
HETATM 1048 O  O     . HOH H 6 .  ? -5.827  -6.887  -6.381  1.00 20.50 ? 2031 HOH A O     1 
HETATM 1049 O  O     . HOH H 6 .  ? -3.639  -6.433  -4.696  1.00 22.74 ? 2032 HOH A O     1 
HETATM 1050 O  O     . HOH H 6 .  ? -7.123  -8.837  -1.942  1.00 29.21 ? 2033 HOH A O     1 
HETATM 1051 O  O     . HOH H 6 .  ? -2.451  -7.660  4.304   1.00 27.95 ? 2034 HOH A O     1 
HETATM 1052 O  O     . HOH H 6 .  ? -2.998  -11.202 -0.886  1.00 24.13 ? 2035 HOH A O     1 
HETATM 1053 O  O     . HOH H 6 .  ? -9.392  -6.594  3.053   1.00 19.07 ? 2036 HOH A O     1 
HETATM 1054 O  O     . HOH H 6 .  ? -14.694 -5.895  4.891   1.00 32.95 ? 2037 HOH A O     1 
HETATM 1055 O  O     . HOH H 6 .  ? -10.296 -5.535  -0.625  1.00 21.38 ? 2038 HOH A O     1 
HETATM 1056 O  O     . HOH H 6 .  ? -9.685  3.898   -7.195  1.00 20.49 ? 2039 HOH A O     1 
HETATM 1057 O  O     . HOH H 6 .  ? -6.210  8.764   -12.896 1.00 22.05 ? 2040 HOH A O     1 
HETATM 1058 O  O     . HOH H 6 .  ? -2.002  1.412   -11.357 1.00 19.66 ? 2041 HOH A O     1 
HETATM 1059 O  O     . HOH H 6 .  ? -2.799  7.584   -4.410  1.00 20.70 ? 2042 HOH A O     1 
HETATM 1060 O  O     . HOH H 6 .  ? 1.456   5.737   -3.621  1.00 31.06 ? 2043 HOH A O     1 
HETATM 1061 O  O     . HOH H 6 .  ? -5.215  5.670   -1.208  1.00 18.93 ? 2044 HOH A O     1 
HETATM 1062 O  O     . HOH H 6 .  ? -8.332  7.263   -9.204  1.00 17.98 ? 2045 HOH A O     1 
HETATM 1063 O  O     . HOH H 6 .  ? 2.207   0.395   1.664   1.00 13.43 ? 2046 HOH A O     1 
HETATM 1064 O  O     . HOH H 6 .  ? -1.684  6.434   4.244   1.00 27.83 ? 2047 HOH A O     1 
HETATM 1065 O  O     . HOH H 6 .  ? 6.501   4.422   1.289   1.00 41.32 ? 2048 HOH A O     1 
HETATM 1066 O  O     . HOH H 6 .  ? 4.483   1.944   1.498   1.00 20.75 ? 2049 HOH A O     1 
HETATM 1067 O  O     . HOH H 6 .  ? 4.381   5.691   -2.346  1.00 36.14 ? 2050 HOH A O     1 
HETATM 1068 O  O     . HOH H 6 .  ? 0.743   5.096   8.257   1.00 29.69 ? 2051 HOH A O     1 
HETATM 1069 O  O     . HOH H 6 .  ? -9.460  4.379   8.437   1.00 26.20 ? 2052 HOH A O     1 
HETATM 1070 O  O     . HOH H 6 .  ? -9.846  -0.067  6.384   1.00 37.79 ? 2053 HOH A O     1 
HETATM 1071 O  O     . HOH H 6 .  ? 2.305   -2.635  11.857  1.00 13.41 ? 2054 HOH A O     1 
HETATM 1072 O  O     . HOH H 6 .  ? 3.095   -0.058  4.510   1.00 21.90 ? 2055 HOH A O     1 
HETATM 1073 O  O     . HOH H 6 .  ? 5.738   3.741   12.310  1.00 38.31 ? 2056 HOH A O     1 
HETATM 1074 O  O     . HOH H 6 .  ? 10.958  3.869   5.250   1.00 40.64 ? 2057 HOH A O     1 
HETATM 1075 O  O     . HOH H 6 .  ? 7.515   4.071   9.696   1.00 33.35 ? 2058 HOH A O     1 
HETATM 1076 O  O     . HOH H 6 .  ? 10.583  10.025  14.003  1.00 35.91 ? 2059 HOH A O     1 
HETATM 1077 O  O     . HOH H 6 .  ? 11.480  14.987  5.259   1.00 26.67 ? 2060 HOH A O     1 
HETATM 1078 O  O     . HOH H 6 .  ? 11.654  11.862  5.268   1.00 27.00 ? 2061 HOH A O     1 
HETATM 1079 O  O     . HOH H 6 .  ? 12.822  14.328  12.585  1.00 20.40 ? 2062 HOH A O     1 
HETATM 1080 O  O     . HOH H 6 .  ? 14.699  15.635  13.047  1.00 24.81 ? 2063 HOH A O     1 
HETATM 1081 O  O     . HOH H 6 .  ? 10.608  18.982  7.536   1.00 22.40 ? 2064 HOH A O     1 
HETATM 1082 O  O     . HOH H 6 .  ? 13.671  12.672  14.291  1.00 32.22 ? 2065 HOH A O     1 
HETATM 1083 O  O     . HOH H 6 .  ? 2.819   11.791  13.189  1.00 34.40 ? 2066 HOH A O     1 
HETATM 1084 O  O     . HOH H 6 .  ? 1.457   10.339  11.681  1.00 41.42 ? 2067 HOH A O     1 
HETATM 1085 O  O     . HOH H 6 .  ? 0.293   10.614  7.819   1.00 25.37 ? 2068 HOH A O     1 
HETATM 1086 O  O     . HOH H 6 .  ? -3.789  7.607   2.809   1.00 14.49 ? 2069 HOH A O     1 
HETATM 1087 O  O     . HOH H 6 .  ? 6.370   17.249  2.190   1.00 20.03 ? 2070 HOH A O     1 
HETATM 1088 O  O     . HOH H 6 .  ? 0.193   19.652  2.063   1.00 19.99 ? 2071 HOH A O     1 
HETATM 1089 O  O     . HOH H 6 .  ? -0.502  17.064  9.138   1.00 28.00 ? 2072 HOH A O     1 
HETATM 1090 O  O     . HOH H 6 .  ? 4.464   23.366  4.255   1.00 17.94 ? 2073 HOH A O     1 
HETATM 1091 O  O     . HOH H 6 .  ? 0.930   18.264  13.025  1.00 28.88 ? 2074 HOH A O     1 
HETATM 1092 O  O     . HOH H 6 .  ? -0.561  18.746  11.071  1.00 35.45 ? 2075 HOH A O     1 
HETATM 1093 O  O     . HOH H 6 .  ? -4.083  21.359  16.323  1.00 45.65 ? 2076 HOH A O     1 
HETATM 1094 O  O     . HOH H 6 .  ? 10.523  26.609  14.210  1.00 36.69 ? 2077 HOH A O     1 
HETATM 1095 O  O     . HOH H 6 .  ? 2.117   -1.852  0.136   1.00 21.80 ? 2078 HOH A O     1 
HETATM 1096 O  O     . HOH H 6 .  ? -3.200  -8.051  14.461  1.00 23.29 ? 2079 HOH A O     1 
HETATM 1097 O  O     . HOH I 6 .  ? -6.217  17.953  5.512   1.00 15.80 ? 2001 HOH F O     1 
HETATM 1098 O  O     . HOH I 6 .  ? -11.094 9.424   6.167   1.00 22.02 ? 2002 HOH F O     1 
HETATM 1099 O  O     . HOH I 6 .  ? -4.922  15.097  11.125  1.00 38.80 ? 2003 HOH F O     1 
HETATM 1100 O  O     . HOH I 6 .  ? -4.213  16.698  6.533   1.00 25.05 ? 2004 HOH F O     1 
HETATM 1101 O  O     . HOH I 6 .  ? -3.956  16.039  3.357   1.00 24.70 ? 2005 HOH F O     1 
HETATM 1102 O  O     . HOH I 6 .  ? -3.479  8.782   5.547   1.00 20.97 ? 2006 HOH F O     1 
HETATM 1103 O  O     . HOH I 6 .  ? -1.738  6.348   6.728   1.00 22.94 ? 2007 HOH F O     1 
HETATM 1104 O  O     . HOH I 6 .  ? -11.041 9.970   2.864   1.00 13.94 ? 2008 HOH F O     1 
HETATM 1105 O  O     . HOH I 6 .  ? -5.703  6.301   1.303   1.00 23.03 ? 2009 HOH F O     1 
HETATM 1106 O  O     . HOH I 6 .  ? -12.230 10.993  -1.418  1.00 17.10 ? 2010 HOH F O     1 
HETATM 1107 O  O     . HOH I 6 .  ? -11.669 4.954   4.862   1.00 25.23 ? 2011 HOH F O     1 
HETATM 1108 O  O     . HOH I 6 .  ? -13.668 5.884   -6.090  1.00 16.28 ? 2012 HOH F O     1 
HETATM 1109 O  O     . HOH I 6 .  ? -15.263 8.179   -6.607  1.00 34.50 ? 2013 HOH F O     1 
HETATM 1110 O  O     . HOH I 6 .  ? -14.749 6.623   -1.819  1.00 20.43 ? 2014 HOH F O     1 
HETATM 1111 O  O     . HOH I 6 .  ? -7.804  6.395   -4.033  1.00 24.74 ? 2015 HOH F O     1 
HETATM 1112 O  O     . HOH I 6 .  ? -10.253 14.066  -6.630  1.00 21.37 ? 2016 HOH F O     1 
HETATM 1113 O  O     . HOH I 6 .  ? -6.561  15.371  -9.356  1.00 22.33 ? 2017 HOH F O     1 
HETATM 1114 O  O     . HOH I 6 .  ? -11.923 5.359   -8.152  1.00 16.34 ? 2018 HOH F O     1 
HETATM 1115 O  O     . HOH I 6 .  ? -3.105  17.873  -10.880 1.00 27.27 ? 2019 HOH F O     1 
HETATM 1116 O  O     . HOH I 6 .  ? -0.493  18.556  -10.588 1.00 43.32 ? 2020 HOH F O     1 
HETATM 1117 O  O     . HOH I 6 .  ? -11.201 14.753  -11.649 1.00 44.06 ? 2021 HOH F O     1 
HETATM 1118 O  O     . HOH I 6 .  ? 2.474   16.316  -11.109 1.00 24.67 ? 2022 HOH F O     1 
HETATM 1119 O  O     . HOH I 6 .  ? -3.292  9.163   -14.237 1.00 23.62 ? 2023 HOH F O     1 
HETATM 1120 O  O     . HOH I 6 .  ? -0.266  19.257  -18.026 1.00 26.36 ? 2024 HOH F O     1 
HETATM 1121 O  O     . HOH I 6 .  ? -9.188  15.841  -9.176  1.00 32.01 ? 2025 HOH F O     1 
HETATM 1122 O  O     . HOH I 6 .  ? -12.588 13.277  -6.570  1.00 45.02 ? 2026 HOH F O     1 
HETATM 1123 O  O     . HOH J 6 .  ? 2.280   5.629   -9.981  1.00 15.88 ? 2001 HOH G O     1 
HETATM 1124 O  O     . HOH J 6 .  ? -0.762  6.718   -10.845 1.00 20.96 ? 2002 HOH G O     1 
HETATM 1125 O  O     . HOH J 6 .  ? 9.931   11.296  -4.449  1.00 31.29 ? 2003 HOH G O     1 
HETATM 1126 O  O     . HOH J 6 .  ? 3.149   11.258  -0.409  1.00 18.41 ? 2004 HOH G O     1 
HETATM 1127 O  O     . HOH J 6 .  ? 2.668   16.992  -8.195  1.00 22.83 ? 2005 HOH G O     1 
HETATM 1128 O  O     . HOH J 6 .  ? 4.907   14.585  -8.596  1.00 18.20 ? 2006 HOH G O     1 
HETATM 1129 O  O     . HOH J 6 .  ? 8.446   13.791  -1.265  1.00 29.40 ? 2007 HOH G O     1 
HETATM 1130 O  O     . HOH J 6 .  ? 4.614   8.024   -0.929  1.00 28.73 ? 2008 HOH G O     1 
HETATM 1131 O  O     . HOH J 6 .  ? -0.819  11.594  -1.491  1.00 21.72 ? 2009 HOH G O     1 
HETATM 1132 O  O     . HOH J 6 .  ? 1.208   13.055  -1.118  1.00 18.66 ? 2010 HOH G O     1 
HETATM 1133 O  O     . HOH J 6 .  ? -1.880  18.415  -7.202  1.00 29.02 ? 2011 HOH G O     1 
HETATM 1134 O  O     . HOH J 6 .  ? 2.811   16.949  -1.084  1.00 19.59 ? 2012 HOH G O     1 
HETATM 1135 O  O     . HOH J 6 .  ? 5.687   21.303  -3.664  1.00 32.58 ? 2013 HOH G O     1 
HETATM 1136 O  O     . HOH J 6 .  ? 6.253   18.996  -0.044  1.00 23.05 ? 2014 HOH G O     1 
HETATM 1137 O  O     . HOH J 6 .  ? -6.739  18.523  -6.952  1.00 29.30 ? 2015 HOH G O     1 
HETATM 1138 O  O     . HOH J 6 .  ? 0.660   23.536  -7.337  1.00 40.75 ? 2016 HOH G O     1 
HETATM 1139 O  O     . HOH J 6 .  ? -3.789  17.562  1.652   1.00 27.47 ? 2017 HOH G O     1 
HETATM 1140 O  O     . HOH J 6 .  ? -10.945 15.985  -5.140  1.00 29.44 ? 2018 HOH G O     1 
HETATM 1141 O  O     . HOH J 6 .  ? -6.539  22.403  -1.127  1.00 26.23 ? 2019 HOH G O     1 
HETATM 1142 O  O     . HOH J 6 .  ? -6.475  19.258  3.237   1.00 21.47 ? 2020 HOH G O     1 
HETATM 1143 O  O     . HOH J 6 .  ? -13.186 13.099  -0.053  1.00 32.67 ? 2021 HOH G O     1 
HETATM 1144 O  O     . HOH J 6 .  ? -11.961 21.857  -0.637  1.00 22.12 ? 2022 HOH G O     1 
HETATM 1145 O  O     . HOH J 6 .  ? -14.251 11.797  5.157   1.00 33.79 ? 2023 HOH G O     1 
HETATM 1146 O  O     . HOH J 6 .  ? 3.785   21.150  -0.283  1.00 32.78 ? 2024 HOH G O     1 
HETATM 1147 O  O     . HOH J 6 .  ? -8.038  23.157  0.762   1.00 31.25 ? 2025 HOH G O     1 
HETATM 1148 O  O     . HOH J 6 .  ? -6.143  22.039  3.194   1.00 34.46 ? 2026 HOH G O     1 
# 
